data_9RK3
#
_entry.id   9RK3
#
_cell.length_a   46.200
_cell.length_b   76.150
_cell.length_c   79.520
_cell.angle_alpha   90.00
_cell.angle_beta   90.00
_cell.angle_gamma   90.00
#
_symmetry.space_group_name_H-M   'P 21 21 21'
#
loop_
_entity.id
_entity.type
_entity.pdbx_description
1 polymer 'Similar to Rieske 2Fe-2S iron sulfur protein (Cytochrome b6-F complex)'
2 non-polymer 'FE2/S2 (INORGANIC) CLUSTER'
3 water water
#
_entity_poly.entity_id   1
_entity_poly.type   'polypeptide(L)'
_entity_poly.pdbx_seq_one_letter_code
;RYSIGFPSQYASGVSEKFKKQFRIWIVKEDDTLYVIEAKCTHLGCTPNWLASEGKFKCPCHGSGFTPDGINIEGPAPRPL
ERFKVALGDDGQIIVDESTRYRGERGEWDKPGAFLKV
;
_entity_poly.pdbx_strand_id   A,D
#
loop_
_chem_comp.id
_chem_comp.type
_chem_comp.name
_chem_comp.formula
FES non-polymer 'FE2/S2 (INORGANIC) CLUSTER' 'Fe2 S2'
#
# COMPACT_ATOMS: atom_id res chain seq x y z
N ARG A 1 11.65 1.74 -0.66
CA ARG A 1 12.87 1.60 -1.49
C ARG A 1 12.98 0.37 -2.38
N TYR A 2 12.66 0.52 -3.67
CA TYR A 2 12.76 -0.56 -4.65
C TYR A 2 13.02 0.03 -6.05
N SER A 3 13.17 -0.86 -7.04
CA SER A 3 13.52 -0.46 -8.40
C SER A 3 12.39 -0.77 -9.36
N ILE A 4 12.21 0.09 -10.36
CA ILE A 4 11.12 -0.09 -11.31
C ILE A 4 11.65 0.03 -12.72
N GLY A 5 12.98 -0.16 -12.89
CA GLY A 5 13.56 -0.37 -14.19
C GLY A 5 14.00 0.90 -14.88
N PHE A 6 14.29 0.76 -16.15
CA PHE A 6 14.84 1.85 -16.94
C PHE A 6 13.73 2.78 -17.42
N PRO A 7 13.95 4.09 -17.36
CA PRO A 7 12.94 5.04 -17.89
C PRO A 7 12.40 4.66 -19.28
N SER A 8 13.23 4.16 -20.19
CA SER A 8 12.77 3.75 -21.51
C SER A 8 11.55 2.83 -21.45
N GLN A 9 11.53 1.90 -20.46
CA GLN A 9 10.50 0.88 -20.25
C GLN A 9 9.10 1.46 -20.05
N TYR A 10 8.90 2.77 -20.22
CA TYR A 10 7.62 3.38 -20.00
C TYR A 10 7.30 4.21 -21.21
N ALA A 11 6.02 4.50 -21.40
CA ALA A 11 5.54 5.40 -22.44
C ALA A 11 4.95 6.64 -21.78
N SER A 12 4.71 7.67 -22.56
CA SER A 12 3.98 8.78 -21.98
C SER A 12 2.64 8.26 -21.48
N GLY A 13 2.13 8.89 -20.43
CA GLY A 13 0.87 8.50 -19.86
C GLY A 13 1.04 7.69 -18.59
N VAL A 14 0.12 6.77 -18.37
CA VAL A 14 0.00 6.01 -17.12
C VAL A 14 0.41 4.58 -17.38
N SER A 15 1.36 4.09 -16.62
CA SER A 15 1.70 2.68 -16.64
C SER A 15 1.13 1.99 -15.42
N GLU A 16 0.57 0.81 -15.63
CA GLU A 16 0.12 0.00 -14.50
C GLU A 16 1.00 -1.21 -14.30
N LYS A 17 2.27 -1.16 -14.72
CA LYS A 17 3.16 -2.22 -14.30
C LYS A 17 2.99 -2.39 -12.81
N PHE A 18 3.73 -1.66 -12.02
CA PHE A 18 3.85 -2.05 -10.63
C PHE A 18 2.62 -1.71 -9.75
N LYS A 19 1.42 -1.64 -10.33
CA LYS A 19 0.25 -1.39 -9.49
C LYS A 19 -0.03 -2.57 -8.55
N LYS A 20 -0.20 -3.79 -9.09
CA LYS A 20 -0.42 -4.98 -8.23
C LYS A 20 0.68 -5.12 -7.18
N GLN A 21 1.93 -4.93 -7.57
CA GLN A 21 3.07 -5.33 -6.79
C GLN A 21 3.50 -4.26 -5.80
N PHE A 22 3.45 -3.00 -6.22
CA PHE A 22 3.95 -1.91 -5.39
C PHE A 22 2.90 -0.83 -5.14
N ARG A 23 1.68 -1.03 -5.62
CA ARG A 23 0.58 -0.12 -5.39
C ARG A 23 0.94 1.30 -5.83
N ILE A 24 1.38 1.42 -7.09
CA ILE A 24 1.80 2.67 -7.69
C ILE A 24 1.40 2.72 -9.17
N TRP A 25 1.14 3.95 -9.63
CA TRP A 25 1.15 4.29 -11.03
C TRP A 25 2.43 5.04 -11.39
N ILE A 26 3.03 4.72 -12.52
CA ILE A 26 4.22 5.40 -13.00
C ILE A 26 3.81 6.19 -14.23
N VAL A 27 3.92 7.53 -14.15
CA VAL A 27 3.32 8.44 -15.10
C VAL A 27 4.43 9.26 -15.75
N LYS A 28 4.48 9.28 -17.07
CA LYS A 28 5.40 10.17 -17.78
C LYS A 28 4.54 11.29 -18.37
N GLU A 29 4.70 12.51 -17.82
CA GLU A 29 3.92 13.70 -18.17
C GLU A 29 4.79 14.56 -19.07
N ASP A 30 4.32 14.85 -20.29
CA ASP A 30 5.07 15.76 -21.14
C ASP A 30 6.55 15.38 -21.05
N ASP A 31 7.30 16.18 -20.28
CA ASP A 31 8.75 16.09 -20.21
C ASP A 31 9.28 15.04 -19.25
N THR A 32 8.47 14.57 -18.28
CA THR A 32 8.96 14.04 -17.02
C THR A 32 8.29 12.73 -16.61
N LEU A 33 8.91 12.02 -15.65
CA LEU A 33 8.37 10.80 -15.05
C LEU A 33 8.21 11.00 -13.55
N TYR A 34 7.06 10.55 -13.00
CA TYR A 34 6.80 10.60 -11.56
C TYR A 34 5.93 9.41 -11.09
N VAL A 35 5.96 9.12 -9.78
CA VAL A 35 5.37 7.88 -9.25
C VAL A 35 4.25 8.21 -8.27
N ILE A 36 3.00 7.79 -8.60
CA ILE A 36 1.81 8.06 -7.79
C ILE A 36 1.42 6.84 -6.94
N GLU A 37 1.37 7.02 -5.61
CA GLU A 37 0.77 6.06 -4.68
C GLU A 37 -0.67 5.85 -4.98
N ALA A 38 -1.06 4.65 -5.36
CA ALA A 38 -2.47 4.37 -5.59
C ALA A 38 -3.20 4.19 -4.24
N LYS A 39 -3.33 5.31 -3.51
CA LYS A 39 -4.00 5.36 -2.21
C LYS A 39 -4.90 6.61 -2.20
N CYS A 40 -6.19 6.38 -2.16
CA CYS A 40 -7.13 7.49 -2.06
C CYS A 40 -6.94 8.24 -0.76
N THR A 41 -6.85 9.55 -0.85
CA THR A 41 -6.67 10.34 0.35
C THR A 41 -7.98 10.83 0.91
N HIS A 42 -9.10 10.22 0.50
CA HIS A 42 -10.32 10.34 1.26
C HIS A 42 -10.18 9.54 2.55
N LEU A 43 -10.43 8.23 2.50
CA LEU A 43 -10.19 7.37 3.65
C LEU A 43 -9.08 6.32 3.43
N GLY A 44 -8.96 5.71 2.24
CA GLY A 44 -7.85 4.78 2.02
C GLY A 44 -7.96 3.75 0.92
N CYS A 45 -8.99 3.79 0.07
CA CYS A 45 -9.15 2.71 -0.90
C CYS A 45 -8.12 2.79 -2.04
N THR A 46 -8.13 1.78 -2.88
CA THR A 46 -7.14 1.69 -3.94
C THR A 46 -7.86 2.05 -5.23
N PRO A 47 -7.67 3.29 -5.77
CA PRO A 47 -8.47 3.68 -6.93
C PRO A 47 -8.00 2.92 -8.16
N ASN A 48 -8.59 3.26 -9.31
CA ASN A 48 -8.50 2.44 -10.50
C ASN A 48 -8.27 3.33 -11.72
N TRP A 49 -7.07 3.28 -12.27
CA TRP A 49 -6.80 3.85 -13.57
C TRP A 49 -7.91 3.51 -14.56
N LEU A 50 -8.46 4.52 -15.23
CA LEU A 50 -9.53 4.39 -16.23
C LEU A 50 -9.16 5.14 -17.51
N ALA A 51 -8.40 4.49 -18.40
CA ALA A 51 -7.82 5.20 -19.53
C ALA A 51 -8.88 5.84 -20.42
N SER A 52 -9.99 5.13 -20.66
CA SER A 52 -11.06 5.70 -21.45
C SER A 52 -11.35 7.13 -21.04
N GLU A 53 -11.53 7.36 -19.76
CA GLU A 53 -12.01 8.62 -19.22
C GLU A 53 -10.89 9.50 -18.73
N GLY A 54 -9.64 9.12 -18.99
CA GLY A 54 -8.52 9.87 -18.44
C GLY A 54 -8.57 10.06 -16.95
N LYS A 55 -8.83 9.01 -16.18
CA LYS A 55 -9.13 9.21 -14.77
C LYS A 55 -8.81 8.01 -13.88
N PHE A 56 -8.27 8.31 -12.71
CA PHE A 56 -8.24 7.33 -11.64
C PHE A 56 -9.51 7.42 -10.82
N LYS A 57 -10.43 6.45 -11.00
CA LYS A 57 -11.70 6.37 -10.26
C LYS A 57 -11.55 5.55 -8.97
N CYS A 58 -11.68 6.22 -7.81
CA CYS A 58 -11.75 5.51 -6.51
C CYS A 58 -13.13 4.92 -6.29
N PRO A 59 -13.25 3.60 -6.22
CA PRO A 59 -14.57 3.02 -6.00
C PRO A 59 -15.06 3.11 -4.56
N CYS A 60 -14.48 3.98 -3.72
CA CYS A 60 -14.90 4.05 -2.32
C CYS A 60 -16.01 5.06 -2.12
N HIS A 61 -15.80 6.28 -2.58
CA HIS A 61 -16.86 7.28 -2.53
C HIS A 61 -16.84 8.13 -3.79
N GLY A 62 -16.56 7.50 -4.94
CA GLY A 62 -16.53 8.13 -6.25
C GLY A 62 -15.35 9.00 -6.59
N SER A 63 -14.43 9.21 -5.66
CA SER A 63 -13.40 10.21 -5.89
C SER A 63 -12.72 10.06 -7.26
N GLY A 64 -12.66 11.17 -7.97
CA GLY A 64 -12.03 11.23 -9.29
C GLY A 64 -10.71 11.99 -9.26
N PHE A 65 -9.71 11.44 -10.00
CA PHE A 65 -8.41 12.11 -10.14
C PHE A 65 -8.00 12.21 -11.61
N THR A 66 -7.35 13.32 -11.96
CA THR A 66 -6.85 13.42 -13.31
C THR A 66 -5.63 12.50 -13.45
N PRO A 67 -5.09 12.37 -14.67
CA PRO A 67 -3.91 11.51 -14.87
C PRO A 67 -2.69 11.97 -14.11
N ASP A 68 -2.71 13.16 -13.55
CA ASP A 68 -1.59 13.67 -12.77
C ASP A 68 -1.84 13.53 -11.28
N GLY A 69 -2.97 12.93 -10.93
CA GLY A 69 -3.28 12.66 -9.55
C GLY A 69 -4.16 13.71 -8.89
N ILE A 70 -4.33 14.88 -9.53
CA ILE A 70 -5.15 15.96 -8.95
C ILE A 70 -6.55 15.47 -8.62
N ASN A 71 -7.00 15.75 -7.40
CA ASN A 71 -8.39 15.48 -7.02
C ASN A 71 -9.32 16.48 -7.70
N ILE A 72 -10.26 15.96 -8.49
CA ILE A 72 -11.15 16.79 -9.27
C ILE A 72 -12.61 16.55 -8.94
N GLU A 73 -12.94 15.37 -8.40
CA GLU A 73 -14.28 15.08 -7.93
C GLU A 73 -14.29 14.13 -6.73
N GLY A 74 -15.49 13.96 -6.19
CA GLY A 74 -15.70 13.14 -5.04
C GLY A 74 -15.27 13.83 -3.77
N PRO A 75 -15.33 13.06 -2.67
CA PRO A 75 -14.93 13.57 -1.35
C PRO A 75 -13.43 13.72 -1.16
N ALA A 76 -12.60 13.16 -2.05
CA ALA A 76 -11.17 13.18 -1.82
C ALA A 76 -10.71 14.63 -1.76
N PRO A 77 -9.89 15.00 -0.77
CA PRO A 77 -9.72 16.42 -0.46
C PRO A 77 -8.44 16.98 -1.03
N ARG A 78 -7.56 16.08 -1.43
CA ARG A 78 -6.25 16.48 -1.88
C ARG A 78 -5.78 15.51 -2.96
N PRO A 79 -4.81 15.93 -3.78
CA PRO A 79 -4.24 15.02 -4.78
C PRO A 79 -3.65 13.77 -4.16
N LEU A 80 -3.62 12.70 -4.97
CA LEU A 80 -2.90 11.46 -4.66
C LEU A 80 -1.42 11.76 -4.44
N GLU A 81 -0.84 11.15 -3.43
CA GLU A 81 0.53 11.49 -3.10
C GLU A 81 1.51 10.88 -4.12
N ARG A 82 2.75 11.40 -4.10
CA ARG A 82 3.85 11.01 -4.99
C ARG A 82 5.09 10.63 -4.18
N PHE A 83 5.93 9.75 -4.76
CA PHE A 83 7.13 9.26 -4.08
C PHE A 83 8.39 9.74 -4.75
N LYS A 84 9.45 9.75 -3.96
CA LYS A 84 10.76 10.12 -4.47
C LYS A 84 11.26 9.10 -5.48
N VAL A 85 11.74 9.59 -6.61
CA VAL A 85 12.24 8.79 -7.69
C VAL A 85 13.63 9.27 -8.03
N ALA A 86 14.61 8.37 -7.98
CA ALA A 86 15.97 8.74 -8.32
C ALA A 86 16.57 7.71 -9.28
N LEU A 87 17.52 8.16 -10.09
CA LEU A 87 18.29 7.26 -10.94
C LEU A 87 19.40 6.61 -10.11
N GLY A 88 19.48 5.27 -10.16
CA GLY A 88 20.57 4.55 -9.52
C GLY A 88 21.89 4.59 -10.32
N ASP A 89 22.92 3.92 -9.77
CA ASP A 89 24.23 3.81 -10.43
C ASP A 89 24.16 2.97 -11.68
N ASP A 90 23.15 2.11 -11.78
CA ASP A 90 22.89 1.25 -12.91
C ASP A 90 21.87 1.85 -13.85
N GLY A 91 21.51 3.11 -13.65
CA GLY A 91 20.51 3.79 -14.44
C GLY A 91 19.07 3.41 -14.17
N GLN A 92 18.80 2.53 -13.20
CA GLN A 92 17.43 2.14 -13.01
C GLN A 92 16.79 2.99 -11.93
N ILE A 93 15.50 3.25 -12.12
CA ILE A 93 14.74 4.12 -11.24
C ILE A 93 14.53 3.42 -9.90
N ILE A 94 15.04 4.02 -8.83
CA ILE A 94 14.67 3.68 -7.47
C ILE A 94 13.52 4.54 -6.99
N VAL A 95 12.48 3.90 -6.45
CA VAL A 95 11.38 4.54 -5.73
C VAL A 95 11.61 4.40 -4.23
N ASP A 96 11.47 5.50 -3.50
CA ASP A 96 11.59 5.54 -2.04
C ASP A 96 10.25 5.96 -1.44
N GLU A 97 9.44 4.99 -1.05
CA GLU A 97 8.08 5.23 -0.55
C GLU A 97 8.06 5.99 0.78
N SER A 98 9.11 5.88 1.60
CA SER A 98 9.22 6.68 2.82
C SER A 98 9.86 8.04 2.53
N THR A 99 9.39 8.68 1.48
CA THR A 99 9.41 10.12 1.28
C THR A 99 8.26 10.39 0.34
N ARG A 100 7.61 11.51 0.54
CA ARG A 100 6.33 11.75 -0.13
C ARG A 100 6.26 13.23 -0.41
N TYR A 101 5.56 13.57 -1.49
CA TYR A 101 5.48 14.94 -1.98
C TYR A 101 4.02 15.27 -2.18
N ARG A 102 3.58 16.32 -1.47
CA ARG A 102 2.19 16.69 -1.44
C ARG A 102 1.98 17.83 -2.43
N GLY A 103 1.27 17.54 -3.51
CA GLY A 103 1.16 18.48 -4.60
C GLY A 103 0.55 19.82 -4.22
N GLU A 104 -0.28 19.84 -3.17
CA GLU A 104 -0.89 21.10 -2.78
C GLU A 104 -0.11 21.84 -1.72
N ARG A 105 1.13 21.41 -1.38
CA ARG A 105 2.06 22.28 -0.67
C ARG A 105 3.33 22.58 -1.46
N GLY A 106 3.25 22.66 -2.77
CA GLY A 106 4.50 22.83 -3.48
C GLY A 106 5.55 21.92 -2.95
N GLU A 107 5.36 20.63 -3.12
CA GLU A 107 6.36 19.63 -2.86
C GLU A 107 6.69 18.86 -4.12
N TRP A 108 5.75 18.81 -5.07
CA TRP A 108 6.02 18.32 -6.42
C TRP A 108 7.09 19.15 -7.10
N ASP A 109 7.37 20.36 -6.60
CA ASP A 109 8.34 21.20 -7.29
C ASP A 109 9.70 21.18 -6.63
N LYS A 110 10.04 20.09 -5.94
CA LYS A 110 11.29 20.06 -5.21
C LYS A 110 12.00 18.73 -5.45
N PRO A 111 13.28 18.62 -5.06
CA PRO A 111 14.12 17.52 -5.57
C PRO A 111 13.58 16.14 -5.21
N GLY A 112 13.75 15.21 -6.13
CA GLY A 112 13.25 13.87 -6.00
C GLY A 112 11.78 13.72 -6.30
N ALA A 113 11.08 14.82 -6.56
CA ALA A 113 9.65 14.72 -6.80
C ALA A 113 9.35 14.09 -8.15
N PHE A 114 10.33 14.07 -9.05
CA PHE A 114 10.16 13.55 -10.40
C PHE A 114 11.54 13.41 -11.03
N LEU A 115 11.55 13.00 -12.28
CA LEU A 115 12.76 12.75 -13.02
C LEU A 115 12.54 13.38 -14.38
N LYS A 116 13.55 14.07 -14.94
CA LYS A 116 13.20 14.87 -16.13
C LYS A 116 13.16 14.02 -17.38
N VAL A 117 14.04 13.02 -17.51
CA VAL A 117 14.01 12.21 -18.74
C VAL A 117 13.83 13.03 -20.04
N ARG B 1 -6.69 5.73 7.77
CA ARG B 1 -7.90 5.52 8.58
C ARG B 1 -9.20 5.20 7.89
N TYR B 2 -9.77 4.07 8.29
CA TYR B 2 -10.87 3.44 7.58
C TYR B 2 -11.35 2.20 8.33
N SER B 3 -12.26 1.46 7.70
CA SER B 3 -13.02 0.43 8.38
C SER B 3 -13.10 -0.86 7.58
N ILE B 4 -13.20 -1.96 8.32
CA ILE B 4 -13.22 -3.30 7.77
C ILE B 4 -14.34 -4.06 8.48
N GLY B 5 -15.31 -3.36 9.07
CA GLY B 5 -16.56 -4.00 9.39
C GLY B 5 -16.66 -4.63 10.77
N PHE B 6 -17.62 -5.49 10.90
CA PHE B 6 -17.73 -6.08 12.22
C PHE B 6 -16.76 -7.23 12.42
N PRO B 7 -16.34 -7.45 13.68
CA PRO B 7 -15.51 -8.62 14.01
C PRO B 7 -16.13 -9.95 13.58
N SER B 8 -17.45 -10.10 13.75
CA SER B 8 -18.13 -11.38 13.48
C SER B 8 -17.79 -11.93 12.12
N GLN B 9 -17.54 -11.05 11.16
CA GLN B 9 -17.22 -11.33 9.78
C GLN B 9 -15.78 -11.81 9.58
N TYR B 10 -15.25 -12.71 10.40
CA TYR B 10 -13.82 -12.99 10.33
C TYR B 10 -13.58 -14.28 11.06
N ALA B 11 -14.03 -15.37 10.47
CA ALA B 11 -13.56 -16.70 10.77
C ALA B 11 -12.14 -16.63 11.33
N SER B 12 -11.77 -17.61 12.11
CA SER B 12 -10.36 -17.69 12.47
C SER B 12 -9.57 -17.90 11.21
N GLY B 13 -8.36 -17.38 11.22
CA GLY B 13 -7.46 -17.56 10.12
C GLY B 13 -7.27 -16.28 9.34
N VAL B 14 -7.01 -16.40 8.06
CA VAL B 14 -6.56 -15.29 7.25
C VAL B 14 -7.66 -14.87 6.31
N SER B 15 -8.08 -13.63 6.43
CA SER B 15 -9.12 -13.08 5.59
C SER B 15 -8.50 -12.24 4.50
N GLU B 16 -9.02 -12.36 3.27
CA GLU B 16 -8.43 -11.69 2.11
C GLU B 16 -9.38 -10.70 1.46
N LYS B 17 -10.63 -10.64 1.90
CA LYS B 17 -11.36 -9.38 1.82
C LYS B 17 -10.37 -8.27 2.09
N PHE B 18 -10.44 -7.18 1.42
CA PHE B 18 -9.65 -6.02 1.82
C PHE B 18 -8.18 -6.12 1.42
N LYS B 19 -7.68 -7.25 0.92
CA LYS B 19 -6.32 -7.21 0.35
C LYS B 19 -6.30 -6.31 -0.89
N LYS B 20 -7.29 -6.48 -1.78
CA LYS B 20 -7.46 -5.63 -2.97
C LYS B 20 -7.46 -4.15 -2.61
N GLN B 21 -8.35 -3.77 -1.69
CA GLN B 21 -8.77 -2.42 -1.38
C GLN B 21 -7.81 -1.68 -0.46
N PHE B 22 -7.31 -2.36 0.57
CA PHE B 22 -6.52 -1.73 1.60
C PHE B 22 -5.16 -2.40 1.77
N ARG B 23 -4.82 -3.36 0.91
CA ARG B 23 -3.55 -4.06 1.02
C ARG B 23 -3.29 -4.55 2.44
N ILE B 24 -4.25 -5.27 3.00
CA ILE B 24 -4.18 -5.82 4.34
C ILE B 24 -4.73 -7.23 4.31
N TRP B 25 -4.14 -8.08 5.14
CA TRP B 25 -4.80 -9.27 5.64
C TRP B 25 -5.38 -9.03 7.04
N ILE B 26 -6.56 -9.59 7.29
CA ILE B 26 -7.21 -9.50 8.59
C ILE B 26 -7.27 -10.90 9.19
N VAL B 27 -6.65 -11.06 10.36
CA VAL B 27 -6.27 -12.36 10.88
C VAL B 27 -6.86 -12.53 12.29
N LYS B 28 -7.55 -13.65 12.50
CA LYS B 28 -8.05 -14.06 13.80
C LYS B 28 -7.16 -15.20 14.26
N GLU B 29 -6.62 -15.08 15.47
CA GLU B 29 -5.61 -15.98 16.01
C GLU B 29 -6.03 -16.27 17.44
N ASP B 30 -6.63 -17.44 17.68
CA ASP B 30 -7.31 -17.72 18.93
C ASP B 30 -8.14 -16.58 19.51
N ASP B 31 -7.59 -15.85 20.47
CA ASP B 31 -8.33 -14.80 21.14
C ASP B 31 -8.64 -13.59 20.28
N THR B 32 -7.78 -13.25 19.33
CA THR B 32 -7.68 -11.88 18.86
C THR B 32 -7.82 -11.77 17.35
N LEU B 33 -8.10 -10.54 16.94
CA LEU B 33 -8.03 -10.08 15.57
C LEU B 33 -6.89 -9.09 15.50
N TYR B 34 -6.03 -9.19 14.47
CA TYR B 34 -5.04 -8.15 14.16
C TYR B 34 -4.91 -7.97 12.64
N VAL B 35 -4.26 -6.90 12.19
CA VAL B 35 -4.32 -6.50 10.78
C VAL B 35 -2.92 -6.31 10.21
N ILE B 36 -2.54 -7.19 9.29
CA ILE B 36 -1.19 -7.24 8.76
C ILE B 36 -1.10 -6.47 7.43
N GLU B 37 -0.17 -5.50 7.36
CA GLU B 37 0.27 -4.88 6.11
C GLU B 37 0.76 -5.93 5.14
N ALA B 38 0.16 -5.99 3.96
CA ALA B 38 0.67 -6.88 2.92
C ALA B 38 1.85 -6.18 2.23
N LYS B 39 2.87 -5.90 3.03
CA LYS B 39 4.10 -5.28 2.55
C LYS B 39 5.30 -6.05 3.09
N CYS B 40 6.12 -6.50 2.17
CA CYS B 40 7.28 -7.31 2.52
C CYS B 40 8.39 -6.44 3.06
N THR B 41 8.95 -6.82 4.20
CA THR B 41 9.94 -5.95 4.78
C THR B 41 11.32 -6.14 4.18
N HIS B 42 11.43 -6.91 3.12
CA HIS B 42 12.68 -6.97 2.36
C HIS B 42 12.82 -5.76 1.43
N LEU B 43 12.25 -5.85 0.22
CA LEU B 43 12.17 -4.71 -0.71
C LEU B 43 10.73 -4.35 -1.14
N GLY B 44 9.79 -4.34 -0.21
CA GLY B 44 8.50 -3.66 -0.40
C GLY B 44 7.49 -4.30 -1.31
N CYS B 45 7.71 -5.52 -1.80
CA CYS B 45 6.67 -6.13 -2.60
C CYS B 45 5.49 -6.58 -1.71
N THR B 46 4.29 -6.59 -2.28
CA THR B 46 3.17 -7.04 -1.47
C THR B 46 2.97 -8.53 -1.67
N PRO B 47 3.14 -9.39 -0.56
CA PRO B 47 3.17 -10.85 -0.73
C PRO B 47 1.78 -11.46 -0.93
N ASN B 48 1.71 -12.80 -0.88
CA ASN B 48 0.53 -13.55 -1.28
C ASN B 48 0.24 -14.63 -0.27
N TRP B 49 -0.89 -14.49 0.41
CA TRP B 49 -1.51 -15.58 1.12
C TRP B 49 -1.59 -16.84 0.27
N LEU B 50 -1.09 -17.97 0.80
CA LEU B 50 -1.34 -19.27 0.19
C LEU B 50 -1.72 -20.27 1.30
N ALA B 51 -3.01 -20.61 1.33
CA ALA B 51 -3.57 -21.22 2.51
C ALA B 51 -3.07 -22.65 2.69
N SER B 52 -3.05 -23.45 1.63
CA SER B 52 -2.65 -24.84 1.79
C SER B 52 -1.24 -24.94 2.36
N GLU B 53 -0.42 -23.93 2.10
CA GLU B 53 0.91 -23.92 2.66
C GLU B 53 0.95 -23.18 3.96
N GLY B 54 -0.12 -22.50 4.31
CA GLY B 54 -0.14 -21.77 5.53
C GLY B 54 0.92 -20.71 5.65
N LYS B 55 1.26 -20.02 4.55
CA LYS B 55 2.21 -18.91 4.62
C LYS B 55 1.87 -17.83 3.59
N PHE B 56 2.28 -16.61 3.89
CA PHE B 56 2.35 -15.57 2.90
C PHE B 56 3.68 -15.69 2.16
N LYS B 57 3.63 -15.81 0.83
CA LYS B 57 4.84 -15.92 0.02
C LYS B 57 4.95 -14.79 -1.00
N CYS B 58 5.84 -13.82 -0.69
CA CYS B 58 6.34 -12.77 -1.58
C CYS B 58 7.03 -13.37 -2.80
N PRO B 59 6.64 -12.98 -4.01
CA PRO B 59 7.35 -13.44 -5.20
C PRO B 59 8.51 -12.58 -5.68
N CYS B 60 9.01 -11.64 -4.88
CA CYS B 60 10.14 -10.85 -5.37
C CYS B 60 11.49 -11.51 -5.03
N HIS B 61 11.81 -11.75 -3.77
CA HIS B 61 12.99 -12.60 -3.53
C HIS B 61 12.60 -13.79 -2.64
N GLY B 62 11.41 -14.33 -2.85
CA GLY B 62 10.95 -15.55 -2.22
C GLY B 62 10.66 -15.50 -0.74
N SER B 63 10.25 -14.38 -0.19
CA SER B 63 10.16 -14.34 1.27
C SER B 63 8.94 -15.10 1.78
N GLY B 64 9.16 -15.80 2.89
CA GLY B 64 8.13 -16.61 3.53
C GLY B 64 7.77 -16.08 4.89
N PHE B 65 6.45 -15.96 5.13
CA PHE B 65 5.92 -15.56 6.42
C PHE B 65 4.82 -16.52 6.85
N THR B 66 4.81 -16.88 8.12
CA THR B 66 3.71 -17.68 8.65
C THR B 66 2.46 -16.82 8.76
N PRO B 67 1.31 -17.41 9.16
CA PRO B 67 0.06 -16.63 9.15
C PRO B 67 0.02 -15.49 10.16
N ASP B 68 0.88 -15.50 11.16
CA ASP B 68 1.01 -14.38 12.08
C ASP B 68 1.93 -13.30 11.54
N GLY B 69 2.50 -13.50 10.38
CA GLY B 69 3.40 -12.54 9.78
C GLY B 69 4.84 -12.57 10.30
N ILE B 70 5.22 -13.49 11.20
CA ILE B 70 6.63 -13.54 11.56
C ILE B 70 7.40 -14.03 10.33
N ASN B 71 8.48 -13.34 10.01
CA ASN B 71 9.34 -13.75 8.92
C ASN B 71 10.13 -14.97 9.32
N ILE B 72 9.97 -16.06 8.57
CA ILE B 72 10.61 -17.32 8.87
C ILE B 72 11.77 -17.60 7.94
N GLU B 73 11.72 -17.10 6.70
CA GLU B 73 12.59 -17.54 5.64
C GLU B 73 12.67 -16.49 4.54
N GLY B 74 13.44 -16.83 3.50
CA GLY B 74 13.81 -15.90 2.48
C GLY B 74 14.56 -14.69 3.00
N PRO B 75 14.86 -13.75 2.10
CA PRO B 75 15.67 -12.57 2.42
C PRO B 75 15.07 -11.61 3.45
N ALA B 76 13.76 -11.65 3.68
CA ALA B 76 13.15 -10.63 4.52
C ALA B 76 13.64 -10.74 5.95
N PRO B 77 13.96 -9.63 6.61
CA PRO B 77 14.62 -9.68 7.92
C PRO B 77 13.71 -9.52 9.13
N ARG B 78 12.45 -9.18 8.95
CA ARG B 78 11.61 -8.84 10.07
C ARG B 78 10.18 -9.22 9.72
N PRO B 79 9.30 -9.38 10.71
CA PRO B 79 7.89 -9.63 10.42
C PRO B 79 7.31 -8.58 9.48
N LEU B 80 6.35 -9.02 8.67
CA LEU B 80 5.28 -8.15 8.16
C LEU B 80 4.71 -7.30 9.28
N GLU B 81 4.59 -6.01 9.03
CA GLU B 81 4.16 -5.07 10.07
C GLU B 81 2.67 -5.19 10.32
N ARG B 82 2.23 -4.63 11.46
CA ARG B 82 0.84 -4.64 11.87
C ARG B 82 0.30 -3.24 12.10
N PHE B 83 -1.02 -3.09 11.93
CA PHE B 83 -1.71 -1.81 12.00
C PHE B 83 -2.52 -1.67 13.28
N LYS B 84 -2.68 -0.43 13.75
CA LYS B 84 -3.50 -0.15 14.92
C LYS B 84 -4.97 -0.40 14.60
N VAL B 85 -5.69 -1.09 15.50
CA VAL B 85 -7.09 -1.41 15.27
C VAL B 85 -7.87 -1.13 16.54
N ALA B 86 -8.97 -0.43 16.39
CA ALA B 86 -9.88 -0.21 17.49
C ALA B 86 -11.30 -0.28 16.95
N LEU B 87 -12.14 -1.05 17.64
CA LEU B 87 -13.56 -1.01 17.31
C LEU B 87 -14.18 0.32 17.77
N GLY B 88 -15.01 0.90 16.92
CA GLY B 88 -15.43 2.28 17.07
C GLY B 88 -16.79 2.39 17.77
N ASP B 89 -17.18 3.61 18.14
CA ASP B 89 -18.40 3.84 18.91
C ASP B 89 -19.57 3.01 18.37
N ASP B 90 -19.53 2.71 17.07
CA ASP B 90 -20.61 2.07 16.34
C ASP B 90 -20.39 0.58 16.14
N GLY B 91 -19.27 0.03 16.64
CA GLY B 91 -19.03 -1.39 16.73
C GLY B 91 -18.07 -1.96 15.72
N GLN B 92 -17.64 -1.16 14.76
CA GLN B 92 -16.84 -1.66 13.66
C GLN B 92 -15.39 -1.31 13.85
N ILE B 93 -14.56 -2.16 13.27
CA ILE B 93 -13.11 -2.06 13.34
C ILE B 93 -12.64 -0.86 12.55
N ILE B 94 -11.88 0.01 13.21
CA ILE B 94 -11.18 1.12 12.55
C ILE B 94 -9.70 0.80 12.51
N VAL B 95 -9.15 0.74 11.30
CA VAL B 95 -7.71 0.61 11.08
C VAL B 95 -7.14 2.00 10.83
N ASP B 96 -6.19 2.44 11.67
CA ASP B 96 -5.39 3.65 11.41
C ASP B 96 -3.92 3.29 11.10
N GLU B 97 -3.55 3.38 9.83
CA GLU B 97 -2.21 2.95 9.42
C GLU B 97 -1.08 3.94 9.73
N SER B 98 -1.28 4.93 10.60
CA SER B 98 -0.17 5.84 10.90
C SER B 98 0.38 5.55 12.30
N THR B 99 0.29 4.32 12.71
CA THR B 99 1.02 3.82 13.85
C THR B 99 1.04 2.31 13.75
N ARG B 100 2.21 1.79 13.44
CA ARG B 100 2.40 0.38 13.16
C ARG B 100 3.06 -0.27 14.36
N TYR B 101 3.10 -1.61 14.33
CA TYR B 101 3.67 -2.43 15.40
C TYR B 101 4.53 -3.50 14.75
N ARG B 102 5.80 -3.58 15.18
CA ARG B 102 6.76 -4.53 14.63
C ARG B 102 7.11 -5.57 15.68
N GLY B 103 6.70 -6.82 15.43
CA GLY B 103 6.76 -7.84 16.45
C GLY B 103 8.17 -8.21 16.85
N GLU B 104 9.14 -7.95 15.98
CA GLU B 104 10.51 -8.23 16.38
C GLU B 104 11.02 -7.16 17.33
N ARG B 105 10.33 -6.03 17.44
CA ARG B 105 10.63 -5.03 18.44
C ARG B 105 9.66 -5.03 19.63
N GLY B 106 9.16 -6.19 20.07
CA GLY B 106 8.25 -6.20 21.21
C GLY B 106 7.17 -5.13 21.13
N GLU B 107 6.22 -5.30 20.24
CA GLU B 107 5.26 -4.28 19.91
C GLU B 107 3.90 -4.87 19.59
N TRP B 108 3.85 -6.15 19.25
CA TRP B 108 2.63 -6.79 18.81
C TRP B 108 1.61 -6.93 19.92
N ASP B 109 2.01 -6.95 21.18
CA ASP B 109 0.95 -7.00 22.20
C ASP B 109 0.81 -5.68 22.92
N LYS B 110 1.43 -4.63 22.37
CA LYS B 110 1.17 -3.25 22.76
C LYS B 110 -0.31 -2.93 22.61
N PRO B 111 -0.73 -1.75 23.08
CA PRO B 111 -2.15 -1.39 23.01
C PRO B 111 -2.53 -0.90 21.62
N GLY B 112 -3.40 -1.65 20.97
CA GLY B 112 -3.96 -1.26 19.69
C GLY B 112 -3.30 -1.99 18.54
N ALA B 113 -2.40 -2.92 18.84
CA ALA B 113 -1.85 -3.85 17.87
C ALA B 113 -2.72 -5.10 17.74
N PHE B 114 -3.79 -5.20 18.51
CA PHE B 114 -4.65 -6.38 18.50
C PHE B 114 -5.98 -6.01 19.14
N LEU B 115 -7.00 -6.81 18.87
CA LEU B 115 -8.31 -6.67 19.47
C LEU B 115 -8.75 -8.04 19.96
N LYS B 116 -9.42 -8.07 21.09
CA LYS B 116 -9.98 -9.33 21.57
C LYS B 116 -11.37 -9.54 21.01
N VAL B 117 -11.61 -10.73 20.49
CA VAL B 117 -12.95 -11.08 20.02
C VAL B 117 -13.55 -12.14 20.96
FE1 FES C . -13.46 7.61 -0.13
FE2 FES C . -11.60 6.97 -2.12
S1 FES C . -11.59 6.30 0.01
S2 FES C . -13.58 8.13 -2.28
FE1 FES D . 12.25 -9.34 -1.78
FE2 FES D . 9.68 -9.60 -0.65
S1 FES D . 10.53 -7.79 -1.63
S2 FES D . 11.39 -11.15 -0.88
N ARG A 1 12.36 1.29 -0.41
CA ARG A 1 13.18 1.30 -1.63
C ARG A 1 13.02 0.03 -2.46
N TYR A 2 12.57 0.19 -3.70
CA TYR A 2 12.63 -0.84 -4.74
C TYR A 2 12.94 -0.20 -6.10
N SER A 3 13.06 -1.04 -7.12
CA SER A 3 13.45 -0.66 -8.47
C SER A 3 12.27 -0.87 -9.41
N ILE A 4 12.10 0.03 -10.39
CA ILE A 4 11.04 -0.16 -11.37
C ILE A 4 11.60 -0.05 -12.76
N GLY A 5 12.93 -0.24 -12.91
CA GLY A 5 13.54 -0.45 -14.20
C GLY A 5 13.92 0.84 -14.87
N PHE A 6 14.15 0.72 -16.16
CA PHE A 6 14.65 1.80 -16.97
C PHE A 6 13.52 2.70 -17.45
N PRO A 7 13.71 4.01 -17.42
CA PRO A 7 12.69 4.92 -17.96
C PRO A 7 12.13 4.52 -19.34
N SER A 8 12.95 4.00 -20.26
CA SER A 8 12.45 3.65 -21.59
C SER A 8 11.38 2.55 -21.55
N GLN A 9 11.30 1.79 -20.45
CA GLN A 9 10.29 0.75 -20.21
C GLN A 9 8.89 1.32 -20.04
N TYR A 10 8.70 2.60 -20.31
CA TYR A 10 7.44 3.24 -20.01
C TYR A 10 7.05 3.88 -21.31
N ALA A 11 6.43 5.05 -21.22
CA ALA A 11 5.70 5.65 -22.32
C ALA A 11 4.89 6.81 -21.75
N SER A 12 4.54 7.75 -22.58
CA SER A 12 3.76 8.83 -22.04
C SER A 12 2.44 8.24 -21.61
N GLY A 13 1.90 8.81 -20.55
CA GLY A 13 0.65 8.35 -20.01
C GLY A 13 0.91 7.54 -18.75
N VAL A 14 0.00 6.64 -18.43
CA VAL A 14 -0.04 5.95 -17.16
C VAL A 14 0.35 4.51 -17.38
N SER A 15 1.26 4.02 -16.58
CA SER A 15 1.66 2.62 -16.60
C SER A 15 1.11 1.91 -15.39
N GLU A 16 0.52 0.73 -15.60
CA GLU A 16 0.04 -0.08 -14.50
C GLU A 16 0.96 -1.25 -14.19
N LYS A 17 2.20 -1.21 -14.70
CA LYS A 17 3.07 -2.38 -14.57
C LYS A 17 3.10 -2.87 -13.14
N PHE A 18 3.30 -1.95 -12.21
CA PHE A 18 3.57 -2.29 -10.83
C PHE A 18 2.43 -1.87 -9.92
N LYS A 19 1.24 -1.77 -10.48
CA LYS A 19 0.09 -1.44 -9.64
C LYS A 19 -0.19 -2.59 -8.66
N LYS A 20 -0.33 -3.82 -9.18
CA LYS A 20 -0.49 -5.01 -8.31
C LYS A 20 0.62 -5.11 -7.27
N GLN A 21 1.88 -4.97 -7.70
CA GLN A 21 3.00 -5.41 -6.90
C GLN A 21 3.43 -4.34 -5.91
N PHE A 22 3.36 -3.06 -6.32
CA PHE A 22 3.81 -1.97 -5.46
C PHE A 22 2.72 -0.95 -5.17
N ARG A 23 1.49 -1.19 -5.63
CA ARG A 23 0.40 -0.25 -5.43
C ARG A 23 0.84 1.17 -5.81
N ILE A 24 1.39 1.32 -7.02
CA ILE A 24 1.82 2.60 -7.58
C ILE A 24 1.51 2.66 -9.07
N TRP A 25 1.36 3.89 -9.54
CA TRP A 25 1.26 4.22 -10.94
C TRP A 25 2.52 4.97 -11.37
N ILE A 26 3.05 4.59 -12.53
CA ILE A 26 4.26 5.17 -13.08
C ILE A 26 3.80 6.00 -14.27
N VAL A 27 4.03 7.32 -14.21
CA VAL A 27 3.39 8.29 -15.09
C VAL A 27 4.45 9.16 -15.75
N LYS A 28 4.39 9.26 -17.06
CA LYS A 28 5.34 10.04 -17.86
C LYS A 28 4.54 11.21 -18.42
N GLU A 29 4.86 12.42 -17.99
CA GLU A 29 4.16 13.61 -18.46
C GLU A 29 5.14 14.37 -19.33
N ASP A 30 4.63 14.90 -20.46
CA ASP A 30 5.42 15.79 -21.31
C ASP A 30 6.88 15.36 -21.26
N ASP A 31 7.67 16.04 -20.41
CA ASP A 31 9.11 15.86 -20.29
C ASP A 31 9.54 14.92 -19.17
N THR A 32 8.72 14.67 -18.15
CA THR A 32 9.13 14.06 -16.90
C THR A 32 8.47 12.70 -16.67
N LEU A 33 8.37 12.33 -15.39
CA LEU A 33 8.12 10.97 -14.95
C LEU A 33 8.09 10.95 -13.44
N TYR A 34 6.89 10.85 -12.88
CA TYR A 34 6.69 10.78 -11.44
C TYR A 34 5.94 9.49 -11.04
N VAL A 35 5.87 9.21 -9.73
CA VAL A 35 5.30 7.93 -9.25
C VAL A 35 4.19 8.21 -8.27
N ILE A 36 2.96 7.81 -8.64
CA ILE A 36 1.77 8.08 -7.82
C ILE A 36 1.43 6.88 -6.94
N GLU A 37 1.48 7.06 -5.61
CA GLU A 37 0.84 6.16 -4.64
C GLU A 37 -0.59 5.90 -5.02
N ALA A 38 -0.98 4.64 -5.12
CA ALA A 38 -2.33 4.33 -5.55
C ALA A 38 -3.19 4.03 -4.31
N LYS A 39 -3.49 5.10 -3.57
CA LYS A 39 -4.44 5.01 -2.49
C LYS A 39 -5.18 6.33 -2.31
N CYS A 40 -6.45 6.22 -2.00
CA CYS A 40 -7.32 7.36 -2.03
C CYS A 40 -7.08 8.21 -0.80
N THR A 41 -7.00 9.51 -1.03
CA THR A 41 -6.68 10.42 0.05
C THR A 41 -7.95 10.88 0.78
N HIS A 42 -9.08 10.24 0.50
CA HIS A 42 -10.31 10.34 1.27
C HIS A 42 -10.25 9.34 2.43
N LEU A 43 -10.65 8.09 2.20
CA LEU A 43 -10.52 7.09 3.24
C LEU A 43 -9.57 5.95 2.85
N GLY A 44 -8.91 6.01 1.71
CA GLY A 44 -7.76 5.15 1.52
C GLY A 44 -7.98 3.86 0.78
N CYS A 45 -8.98 3.78 -0.09
CA CYS A 45 -9.12 2.63 -0.98
C CYS A 45 -8.06 2.67 -2.09
N THR A 46 -7.96 1.59 -2.88
CA THR A 46 -7.15 1.67 -4.08
C THR A 46 -8.08 2.23 -5.13
N PRO A 47 -7.65 3.18 -5.96
CA PRO A 47 -8.51 3.53 -7.07
C PRO A 47 -8.06 2.77 -8.30
N ASN A 48 -8.69 3.12 -9.43
CA ASN A 48 -8.59 2.39 -10.68
C ASN A 48 -8.32 3.37 -11.79
N TRP A 49 -7.28 3.08 -12.53
CA TRP A 49 -7.01 3.73 -13.80
C TRP A 49 -8.12 3.42 -14.80
N LEU A 50 -8.83 4.45 -15.25
CA LEU A 50 -9.81 4.34 -16.32
C LEU A 50 -9.28 5.16 -17.53
N ALA A 51 -8.48 4.49 -18.37
CA ALA A 51 -7.74 5.22 -19.36
C ALA A 51 -8.68 5.97 -20.30
N SER A 52 -9.83 5.41 -20.60
CA SER A 52 -10.67 6.02 -21.61
C SER A 52 -11.22 7.34 -21.11
N GLU A 53 -11.63 7.40 -19.86
CA GLU A 53 -12.14 8.61 -19.26
C GLU A 53 -11.05 9.49 -18.72
N GLY A 54 -9.80 9.14 -18.91
CA GLY A 54 -8.72 9.95 -18.40
C GLY A 54 -8.65 10.15 -16.90
N LYS A 55 -9.00 9.15 -16.08
CA LYS A 55 -8.90 9.39 -14.64
C LYS A 55 -8.80 8.11 -13.79
N PHE A 56 -8.29 8.29 -12.58
CA PHE A 56 -8.35 7.23 -11.58
C PHE A 56 -9.60 7.40 -10.75
N LYS A 57 -10.57 6.50 -10.85
CA LYS A 57 -11.76 6.62 -10.00
C LYS A 57 -11.73 5.57 -8.89
N CYS A 58 -11.64 6.07 -7.66
CA CYS A 58 -11.80 5.31 -6.41
C CYS A 58 -13.18 4.67 -6.34
N PRO A 59 -13.26 3.34 -6.24
CA PRO A 59 -14.57 2.69 -6.27
C PRO A 59 -15.35 2.78 -4.96
N CYS A 60 -14.81 3.39 -3.91
CA CYS A 60 -15.50 3.23 -2.65
C CYS A 60 -16.60 4.29 -2.51
N HIS A 61 -16.23 5.58 -2.47
CA HIS A 61 -17.22 6.65 -2.47
C HIS A 61 -17.20 7.52 -3.75
N GLY A 62 -16.50 7.10 -4.79
CA GLY A 62 -16.59 7.71 -6.11
C GLY A 62 -15.64 8.85 -6.39
N SER A 63 -14.48 8.90 -5.76
CA SER A 63 -13.55 9.98 -6.02
C SER A 63 -12.82 9.80 -7.35
N GLY A 64 -12.54 10.94 -7.99
CA GLY A 64 -11.93 10.96 -9.32
C GLY A 64 -10.74 11.90 -9.36
N PHE A 65 -9.64 11.42 -9.99
CA PHE A 65 -8.42 12.20 -10.09
C PHE A 65 -7.99 12.29 -11.56
N THR A 66 -7.38 13.40 -11.94
CA THR A 66 -6.80 13.47 -13.27
C THR A 66 -5.54 12.60 -13.32
N PRO A 67 -4.96 12.42 -14.51
CA PRO A 67 -3.80 11.53 -14.64
C PRO A 67 -2.59 11.97 -13.86
N ASP A 68 -2.51 13.24 -13.47
CA ASP A 68 -1.40 13.77 -12.69
C ASP A 68 -1.58 13.58 -11.19
N GLY A 69 -2.71 13.04 -10.77
CA GLY A 69 -2.96 12.88 -9.38
C GLY A 69 -3.67 14.06 -8.74
N ILE A 70 -4.09 15.03 -9.54
CA ILE A 70 -4.96 16.09 -9.03
C ILE A 70 -6.32 15.52 -8.69
N ASN A 71 -6.82 15.86 -7.51
CA ASN A 71 -8.18 15.50 -7.15
C ASN A 71 -9.15 16.55 -7.69
N ILE A 72 -10.16 16.06 -8.41
CA ILE A 72 -11.09 16.93 -9.11
C ILE A 72 -12.51 16.72 -8.67
N GLU A 73 -12.90 15.50 -8.29
CA GLU A 73 -14.24 15.24 -7.79
C GLU A 73 -14.21 14.35 -6.53
N GLY A 74 -15.42 14.14 -5.98
CA GLY A 74 -15.61 13.34 -4.82
C GLY A 74 -15.15 14.07 -3.58
N PRO A 75 -15.05 13.31 -2.48
CA PRO A 75 -14.63 13.88 -1.18
C PRO A 75 -13.14 14.01 -1.01
N ALA A 76 -12.31 13.35 -1.82
CA ALA A 76 -10.87 13.41 -1.60
C ALA A 76 -10.45 14.88 -1.60
N PRO A 77 -9.72 15.32 -0.59
CA PRO A 77 -9.53 16.76 -0.41
C PRO A 77 -8.24 17.27 -0.96
N ARG A 78 -7.37 16.33 -1.31
CA ARG A 78 -6.04 16.63 -1.78
C ARG A 78 -5.73 15.68 -2.94
N PRO A 79 -4.71 16.01 -3.74
CA PRO A 79 -4.21 15.06 -4.76
C PRO A 79 -3.64 13.79 -4.14
N LEU A 80 -3.61 12.71 -4.94
CA LEU A 80 -2.89 11.49 -4.62
C LEU A 80 -1.42 11.82 -4.45
N GLU A 81 -0.79 11.25 -3.44
CA GLU A 81 0.59 11.61 -3.16
C GLU A 81 1.54 10.96 -4.16
N ARG A 82 2.82 11.42 -4.11
CA ARG A 82 3.90 10.97 -4.98
C ARG A 82 5.13 10.61 -4.14
N PHE A 83 5.96 9.72 -4.67
CA PHE A 83 7.14 9.23 -3.97
C PHE A 83 8.45 9.68 -4.63
N LYS A 84 9.52 9.61 -3.86
CA LYS A 84 10.81 10.05 -4.35
C LYS A 84 11.43 9.02 -5.30
N VAL A 85 11.53 9.40 -6.57
CA VAL A 85 12.22 8.65 -7.60
C VAL A 85 13.69 8.99 -7.53
N ALA A 86 14.54 8.12 -8.05
CA ALA A 86 15.90 8.52 -8.41
C ALA A 86 16.65 7.36 -9.05
N LEU A 87 17.32 7.66 -10.16
CA LEU A 87 18.23 6.69 -10.76
C LEU A 87 19.28 6.20 -9.77
N GLY A 88 19.49 4.89 -9.74
CA GLY A 88 20.61 4.31 -9.04
C GLY A 88 21.80 4.05 -9.96
N ASP A 89 22.81 3.40 -9.37
CA ASP A 89 24.12 3.31 -10.00
C ASP A 89 24.09 2.48 -11.26
N ASP A 90 23.24 1.46 -11.29
CA ASP A 90 23.02 0.60 -12.44
C ASP A 90 22.14 1.25 -13.50
N GLY A 91 21.74 2.50 -13.29
CA GLY A 91 20.93 3.22 -14.24
C GLY A 91 19.42 3.14 -14.06
N GLN A 92 18.92 2.42 -13.05
CA GLN A 92 17.49 2.17 -13.03
C GLN A 92 16.82 3.01 -11.95
N ILE A 93 15.49 3.13 -12.06
CA ILE A 93 14.67 3.98 -11.21
C ILE A 93 14.47 3.34 -9.84
N ILE A 94 14.93 4.01 -8.81
CA ILE A 94 14.66 3.66 -7.43
C ILE A 94 13.51 4.50 -6.92
N VAL A 95 12.44 3.84 -6.47
CA VAL A 95 11.35 4.45 -5.73
C VAL A 95 11.63 4.31 -4.25
N ASP A 96 11.53 5.41 -3.52
CA ASP A 96 11.64 5.45 -2.07
C ASP A 96 10.28 5.85 -1.48
N GLU A 97 9.48 4.85 -1.12
CA GLU A 97 8.11 5.08 -0.63
C GLU A 97 8.10 5.92 0.63
N SER A 98 9.23 6.00 1.34
CA SER A 98 9.29 6.76 2.57
C SER A 98 8.80 8.17 2.32
N THR A 99 9.58 8.97 1.59
CA THR A 99 9.29 10.37 1.44
C THR A 99 8.27 10.58 0.33
N ARG A 100 7.69 11.77 0.30
CA ARG A 100 6.37 11.95 -0.26
C ARG A 100 6.19 13.42 -0.55
N TYR A 101 5.48 13.71 -1.63
CA TYR A 101 5.40 15.05 -2.15
C TYR A 101 3.95 15.44 -2.28
N ARG A 102 3.61 16.58 -1.67
CA ARG A 102 2.23 17.04 -1.60
C ARG A 102 2.00 18.16 -2.61
N GLY A 103 1.21 17.86 -3.63
CA GLY A 103 0.88 18.85 -4.64
C GLY A 103 0.36 20.14 -4.03
N GLU A 104 -0.59 20.04 -3.12
CA GLU A 104 -1.23 21.23 -2.55
C GLU A 104 -0.33 21.97 -1.56
N ARG A 105 0.83 21.41 -1.20
CA ARG A 105 1.79 22.09 -0.34
C ARG A 105 3.08 22.43 -1.05
N GLY A 106 3.01 22.71 -2.35
CA GLY A 106 4.20 22.98 -3.12
C GLY A 106 5.34 22.06 -2.86
N GLU A 107 5.24 20.81 -3.33
CA GLU A 107 6.33 19.87 -3.21
C GLU A 107 6.49 19.00 -4.45
N TRP A 108 5.56 19.04 -5.42
CA TRP A 108 5.76 18.27 -6.65
C TRP A 108 6.91 18.83 -7.47
N ASP A 109 7.55 19.89 -7.00
CA ASP A 109 8.55 20.56 -7.82
C ASP A 109 9.95 20.23 -7.36
N LYS A 110 10.09 19.48 -6.28
CA LYS A 110 11.35 19.48 -5.59
C LYS A 110 12.19 18.28 -6.01
N PRO A 111 13.47 18.27 -5.66
CA PRO A 111 14.25 17.03 -5.76
C PRO A 111 13.43 15.83 -5.36
N GLY A 112 13.56 14.76 -6.16
CA GLY A 112 12.87 13.51 -5.94
C GLY A 112 11.42 13.48 -6.35
N ALA A 113 10.75 14.62 -6.44
CA ALA A 113 9.39 14.63 -6.95
C ALA A 113 9.30 14.02 -8.33
N PHE A 114 10.32 14.18 -9.18
CA PHE A 114 10.21 13.77 -10.58
C PHE A 114 11.60 13.72 -11.19
N LEU A 115 11.76 12.84 -12.15
CA LEU A 115 13.00 12.69 -12.86
C LEU A 115 12.81 13.33 -14.23
N LYS A 116 13.82 14.07 -14.71
CA LYS A 116 13.56 14.89 -15.88
C LYS A 116 13.42 13.99 -17.10
N VAL A 117 14.26 12.97 -17.20
CA VAL A 117 14.21 12.11 -18.40
C VAL A 117 14.07 12.89 -19.73
N ARG B 1 -6.80 5.95 7.59
CA ARG B 1 -7.87 5.74 8.56
C ARG B 1 -9.22 5.33 7.90
N TYR B 2 -9.58 4.05 8.06
CA TYR B 2 -10.75 3.43 7.43
C TYR B 2 -11.28 2.31 8.31
N SER B 3 -12.12 1.45 7.73
CA SER B 3 -13.04 0.65 8.52
C SER B 3 -13.48 -0.67 7.88
N ILE B 4 -13.00 -1.77 8.42
CA ILE B 4 -13.24 -3.11 7.87
C ILE B 4 -14.40 -3.84 8.55
N GLY B 5 -15.33 -3.13 9.17
CA GLY B 5 -16.55 -3.78 9.57
C GLY B 5 -16.54 -4.43 10.93
N PHE B 6 -17.42 -5.35 11.08
CA PHE B 6 -17.65 -5.90 12.42
C PHE B 6 -16.72 -7.06 12.73
N PRO B 7 -16.24 -7.16 13.98
CA PRO B 7 -15.38 -8.30 14.37
C PRO B 7 -15.94 -9.65 13.95
N SER B 8 -17.22 -9.87 14.22
CA SER B 8 -17.86 -11.17 14.03
C SER B 8 -17.91 -11.53 12.56
N GLN B 9 -17.86 -10.52 11.69
CA GLN B 9 -17.70 -10.57 10.23
C GLN B 9 -16.34 -11.13 9.81
N TYR B 10 -15.63 -11.87 10.66
CA TYR B 10 -14.39 -12.50 10.23
C TYR B 10 -14.37 -13.86 10.90
N ALA B 11 -13.30 -14.60 10.71
CA ALA B 11 -13.19 -15.99 11.08
C ALA B 11 -11.74 -16.30 11.44
N SER B 12 -11.52 -17.43 12.08
CA SER B 12 -10.17 -17.75 12.47
C SER B 12 -9.37 -18.00 11.21
N GLY B 13 -8.11 -17.62 11.27
CA GLY B 13 -7.29 -17.67 10.12
C GLY B 13 -7.24 -16.34 9.41
N VAL B 14 -7.06 -16.39 8.11
CA VAL B 14 -6.65 -15.23 7.33
C VAL B 14 -7.75 -14.88 6.35
N SER B 15 -8.19 -13.64 6.42
CA SER B 15 -9.19 -13.11 5.51
C SER B 15 -8.51 -12.20 4.54
N GLU B 16 -8.97 -12.25 3.28
CA GLU B 16 -8.38 -11.44 2.21
C GLU B 16 -9.36 -10.45 1.64
N LYS B 17 -10.52 -10.29 2.29
CA LYS B 17 -11.56 -9.36 1.82
C LYS B 17 -10.96 -8.08 1.31
N PHE B 18 -10.03 -7.54 2.08
CA PHE B 18 -9.52 -6.20 1.91
C PHE B 18 -8.10 -6.18 1.40
N LYS B 19 -7.59 -7.31 0.90
CA LYS B 19 -6.25 -7.31 0.31
C LYS B 19 -6.18 -6.36 -0.88
N LYS B 20 -7.12 -6.49 -1.84
CA LYS B 20 -7.17 -5.61 -3.02
C LYS B 20 -7.40 -4.15 -2.64
N GLN B 21 -8.35 -3.89 -1.75
CA GLN B 21 -8.79 -2.53 -1.49
C GLN B 21 -7.84 -1.77 -0.58
N PHE B 22 -7.22 -2.45 0.38
CA PHE B 22 -6.38 -1.79 1.37
C PHE B 22 -4.99 -2.41 1.54
N ARG B 23 -4.62 -3.43 0.77
CA ARG B 23 -3.36 -4.13 0.98
C ARG B 23 -3.18 -4.58 2.43
N ILE B 24 -4.17 -5.33 2.96
CA ILE B 24 -4.10 -5.87 4.31
C ILE B 24 -4.68 -7.27 4.32
N TRP B 25 -4.11 -8.09 5.20
CA TRP B 25 -4.74 -9.32 5.67
C TRP B 25 -5.22 -9.17 7.11
N ILE B 26 -6.48 -9.54 7.37
CA ILE B 26 -7.04 -9.47 8.72
C ILE B 26 -7.14 -10.89 9.25
N VAL B 27 -6.67 -11.09 10.48
CA VAL B 27 -6.30 -12.40 10.97
C VAL B 27 -6.86 -12.59 12.39
N LYS B 28 -7.56 -13.69 12.62
CA LYS B 28 -7.94 -14.12 13.96
C LYS B 28 -7.14 -15.37 14.29
N GLU B 29 -6.24 -15.25 15.25
CA GLU B 29 -5.34 -16.33 15.65
C GLU B 29 -5.65 -16.62 17.11
N ASP B 30 -6.08 -17.86 17.40
CA ASP B 30 -6.46 -18.27 18.75
C ASP B 30 -7.54 -17.30 19.21
N ASP B 31 -7.21 -16.49 20.22
CA ASP B 31 -8.11 -15.55 20.85
C ASP B 31 -8.39 -14.25 20.08
N THR B 32 -7.50 -13.79 19.18
CA THR B 32 -7.34 -12.36 18.88
C THR B 32 -7.59 -11.97 17.42
N LEU B 33 -7.78 -10.67 17.17
CA LEU B 33 -7.88 -10.10 15.81
C LEU B 33 -6.83 -9.01 15.60
N TYR B 34 -5.96 -9.18 14.59
CA TYR B 34 -4.93 -8.18 14.23
C TYR B 34 -4.89 -7.94 12.71
N VAL B 35 -4.21 -6.87 12.26
CA VAL B 35 -4.27 -6.47 10.86
C VAL B 35 -2.84 -6.34 10.28
N ILE B 36 -2.53 -7.17 9.28
CA ILE B 36 -1.18 -7.27 8.70
C ILE B 36 -1.11 -6.53 7.36
N GLU B 37 -0.20 -5.54 7.26
CA GLU B 37 0.17 -4.88 6.02
C GLU B 37 0.67 -5.90 5.01
N ALA B 38 0.03 -5.95 3.86
CA ALA B 38 0.35 -6.90 2.78
C ALA B 38 1.44 -6.28 1.89
N LYS B 39 2.55 -5.98 2.55
CA LYS B 39 3.76 -5.50 1.91
C LYS B 39 4.89 -6.38 2.42
N CYS B 40 5.96 -6.52 1.64
CA CYS B 40 7.03 -7.43 2.03
C CYS B 40 8.21 -6.62 2.57
N THR B 41 8.74 -7.04 3.70
CA THR B 41 9.73 -6.20 4.37
C THR B 41 11.13 -6.39 3.79
N HIS B 42 11.26 -7.23 2.80
CA HIS B 42 12.45 -7.32 1.98
C HIS B 42 12.72 -6.03 1.22
N LEU B 43 12.10 -5.88 0.04
CA LEU B 43 12.19 -4.64 -0.73
C LEU B 43 10.84 -3.93 -0.93
N GLY B 44 9.70 -4.62 -0.78
CA GLY B 44 8.39 -3.94 -0.76
C GLY B 44 7.32 -4.54 -1.63
N CYS B 45 7.45 -5.79 -2.07
CA CYS B 45 6.45 -6.41 -2.93
C CYS B 45 5.19 -6.77 -2.10
N THR B 46 4.06 -6.94 -2.79
CA THR B 46 2.84 -7.43 -2.15
C THR B 46 2.90 -8.95 -2.16
N PRO B 47 2.99 -9.65 -0.98
CA PRO B 47 3.00 -11.12 -1.02
C PRO B 47 1.61 -11.72 -1.26
N ASN B 48 1.55 -13.06 -1.35
CA ASN B 48 0.37 -13.84 -1.67
C ASN B 48 0.13 -14.87 -0.58
N TRP B 49 -1.05 -14.78 0.04
CA TRP B 49 -1.52 -15.79 0.96
C TRP B 49 -1.56 -17.17 0.32
N LEU B 50 -0.77 -18.10 0.85
CA LEU B 50 -0.69 -19.47 0.32
C LEU B 50 -1.26 -20.40 1.39
N ALA B 51 -2.53 -20.78 1.19
CA ALA B 51 -3.34 -21.31 2.27
C ALA B 51 -3.01 -22.77 2.52
N SER B 52 -3.28 -23.62 1.54
CA SER B 52 -2.52 -24.85 1.44
C SER B 52 -1.04 -24.53 1.34
N GLU B 53 -0.43 -24.27 2.51
CA GLU B 53 0.98 -24.06 2.74
C GLU B 53 1.24 -23.23 3.98
N GLY B 54 0.24 -22.56 4.51
CA GLY B 54 0.43 -21.89 5.79
C GLY B 54 1.35 -20.68 5.76
N LYS B 55 1.72 -20.16 4.58
CA LYS B 55 2.63 -19.03 4.54
C LYS B 55 2.14 -17.95 3.58
N PHE B 56 2.33 -16.70 3.97
CA PHE B 56 2.38 -15.63 2.98
C PHE B 56 3.72 -15.69 2.27
N LYS B 57 3.72 -15.87 0.96
CA LYS B 57 4.98 -15.83 0.20
C LYS B 57 5.00 -14.72 -0.84
N CYS B 58 6.04 -13.91 -0.76
CA CYS B 58 6.33 -12.86 -1.72
C CYS B 58 6.87 -13.45 -3.00
N PRO B 59 6.34 -13.06 -4.16
CA PRO B 59 6.77 -13.65 -5.43
C PRO B 59 8.08 -13.09 -5.99
N CYS B 60 8.74 -12.17 -5.30
CA CYS B 60 9.77 -11.40 -5.97
C CYS B 60 11.12 -12.08 -5.89
N HIS B 61 11.59 -12.25 -4.68
CA HIS B 61 12.75 -13.07 -4.41
C HIS B 61 12.36 -14.12 -3.37
N GLY B 62 11.12 -14.60 -3.44
CA GLY B 62 10.60 -15.68 -2.63
C GLY B 62 10.61 -15.48 -1.14
N SER B 63 9.84 -14.56 -0.59
CA SER B 63 9.83 -14.52 0.86
C SER B 63 8.56 -15.15 1.42
N GLY B 64 8.54 -15.28 2.73
CA GLY B 64 7.93 -16.42 3.39
C GLY B 64 7.68 -16.08 4.84
N PHE B 65 6.40 -15.92 5.16
CA PHE B 65 5.94 -15.63 6.51
C PHE B 65 4.84 -16.61 6.91
N THR B 66 4.79 -16.96 8.19
CA THR B 66 3.71 -17.82 8.65
C THR B 66 2.49 -16.94 8.91
N PRO B 67 1.34 -17.53 9.28
CA PRO B 67 0.09 -16.73 9.25
C PRO B 67 0.07 -15.58 10.25
N ASP B 68 1.01 -15.51 11.17
CA ASP B 68 1.15 -14.35 12.06
C ASP B 68 2.05 -13.27 11.48
N GLY B 69 2.61 -13.50 10.32
CA GLY B 69 3.54 -12.57 9.71
C GLY B 69 4.99 -12.65 10.18
N ILE B 70 5.39 -13.70 10.92
CA ILE B 70 6.81 -13.82 11.25
C ILE B 70 7.57 -14.32 10.03
N ASN B 71 8.70 -13.69 9.74
CA ASN B 71 9.55 -14.16 8.66
C ASN B 71 10.24 -15.46 9.04
N ILE B 72 9.80 -16.53 8.39
CA ILE B 72 10.44 -17.82 8.50
C ILE B 72 11.54 -17.99 7.48
N GLU B 73 11.44 -17.31 6.32
CA GLU B 73 12.28 -17.68 5.20
C GLU B 73 12.22 -16.66 4.06
N GLY B 74 12.74 -17.10 2.89
CA GLY B 74 13.20 -16.23 1.86
C GLY B 74 14.23 -15.23 2.37
N PRO B 75 14.56 -14.26 1.49
CA PRO B 75 15.44 -13.12 1.86
C PRO B 75 14.89 -12.16 2.89
N ALA B 76 13.56 -12.10 3.07
CA ALA B 76 12.94 -11.07 3.88
C ALA B 76 13.48 -11.12 5.30
N PRO B 77 13.83 -9.98 5.89
CA PRO B 77 14.65 -9.98 7.11
C PRO B 77 13.90 -9.66 8.41
N ARG B 78 12.59 -9.75 8.45
CA ARG B 78 11.84 -9.30 9.62
C ARG B 78 10.39 -9.67 9.42
N PRO B 79 9.58 -9.60 10.48
CA PRO B 79 8.16 -9.93 10.32
C PRO B 79 7.38 -8.75 9.73
N LEU B 80 6.35 -9.08 8.91
CA LEU B 80 5.39 -8.10 8.39
C LEU B 80 4.78 -7.25 9.49
N GLU B 81 4.54 -5.99 9.20
CA GLU B 81 4.06 -5.02 10.18
C GLU B 81 2.55 -5.13 10.42
N ARG B 82 2.08 -4.45 11.49
CA ARG B 82 0.66 -4.37 11.83
C ARG B 82 0.23 -2.94 12.14
N PHE B 83 -1.09 -2.69 12.05
CA PHE B 83 -1.65 -1.35 12.23
C PHE B 83 -2.52 -1.26 13.48
N LYS B 84 -2.76 -0.03 13.96
CA LYS B 84 -3.70 0.19 15.05
C LYS B 84 -5.11 -0.20 14.62
N VAL B 85 -5.84 -0.86 15.53
CA VAL B 85 -7.19 -1.34 15.24
C VAL B 85 -8.05 -1.14 16.47
N ALA B 86 -9.09 -0.32 16.32
CA ALA B 86 -9.97 -0.03 17.43
C ALA B 86 -11.39 -0.46 17.08
N LEU B 87 -12.02 -1.09 18.08
CA LEU B 87 -13.47 -1.07 18.31
C LEU B 87 -14.01 0.33 18.08
N GLY B 88 -15.22 0.44 17.51
CA GLY B 88 -15.80 1.74 17.16
C GLY B 88 -16.85 2.25 18.19
N ASP B 89 -17.49 3.38 17.94
CA ASP B 89 -18.66 3.74 18.78
C ASP B 89 -19.86 2.98 18.24
N ASP B 90 -19.78 2.74 16.94
CA ASP B 90 -20.78 2.04 16.15
C ASP B 90 -20.50 0.56 16.04
N GLY B 91 -19.42 0.07 16.67
CA GLY B 91 -19.11 -1.34 16.73
C GLY B 91 -18.13 -1.85 15.68
N GLN B 92 -17.97 -1.15 14.57
CA GLN B 92 -17.11 -1.65 13.51
C GLN B 92 -15.67 -1.27 13.75
N ILE B 93 -14.80 -1.84 12.93
CA ILE B 93 -13.37 -1.84 13.20
C ILE B 93 -12.74 -0.72 12.40
N ILE B 94 -11.97 0.11 13.09
CA ILE B 94 -11.25 1.24 12.51
C ILE B 94 -9.77 0.88 12.46
N VAL B 95 -9.22 0.78 11.25
CA VAL B 95 -7.77 0.68 11.05
C VAL B 95 -7.22 2.09 10.91
N ASP B 96 -6.23 2.48 11.74
CA ASP B 96 -5.41 3.68 11.51
C ASP B 96 -4.01 3.27 11.02
N GLU B 97 -3.77 3.39 9.73
CA GLU B 97 -2.53 2.89 9.12
C GLU B 97 -1.27 3.55 9.63
N SER B 98 -1.36 4.63 10.40
CA SER B 98 -0.20 5.49 10.64
C SER B 98 0.29 5.39 12.07
N THR B 99 0.26 4.21 12.66
CA THR B 99 0.72 4.09 14.03
C THR B 99 1.48 2.80 14.29
N ARG B 100 1.22 1.77 13.49
CA ARG B 100 2.18 0.69 13.23
C ARG B 100 2.86 0.07 14.45
N TYR B 101 2.91 -1.27 14.47
CA TYR B 101 3.50 -2.06 15.53
C TYR B 101 4.47 -3.07 14.94
N ARG B 102 5.71 -3.06 15.42
CA ARG B 102 6.79 -3.82 14.81
C ARG B 102 7.08 -5.11 15.60
N GLY B 103 7.03 -6.23 14.90
CA GLY B 103 7.15 -7.52 15.55
C GLY B 103 8.47 -7.72 16.26
N GLU B 104 9.58 -7.47 15.58
CA GLU B 104 10.88 -7.67 16.20
C GLU B 104 11.07 -6.73 17.38
N ARG B 105 10.26 -5.68 17.48
CA ARG B 105 10.34 -4.72 18.56
C ARG B 105 9.35 -5.01 19.69
N GLY B 106 8.75 -6.21 19.70
CA GLY B 106 7.88 -6.64 20.79
C GLY B 106 6.53 -5.95 20.88
N GLU B 107 6.28 -4.87 20.13
CA GLU B 107 5.15 -3.99 20.40
C GLU B 107 3.81 -4.58 19.97
N TRP B 108 3.80 -5.81 19.48
CA TRP B 108 2.55 -6.46 19.09
C TRP B 108 1.61 -6.63 20.28
N ASP B 109 2.08 -6.46 21.50
CA ASP B 109 1.26 -6.75 22.66
C ASP B 109 0.53 -5.55 23.20
N LYS B 110 0.63 -4.40 22.54
CA LYS B 110 0.28 -3.15 23.20
C LYS B 110 -1.02 -2.57 22.65
N PRO B 111 -1.62 -1.60 23.37
CA PRO B 111 -2.94 -1.09 22.98
C PRO B 111 -2.99 -0.60 21.53
N GLY B 112 -3.85 -1.26 20.74
CA GLY B 112 -4.12 -0.92 19.37
C GLY B 112 -3.52 -1.89 18.38
N ALA B 113 -2.61 -2.75 18.83
CA ALA B 113 -2.01 -3.75 17.96
C ALA B 113 -2.92 -4.93 17.74
N PHE B 114 -4.03 -5.00 18.47
CA PHE B 114 -4.94 -6.15 18.42
C PHE B 114 -6.21 -5.79 19.20
N LEU B 115 -7.25 -6.58 18.98
CA LEU B 115 -8.56 -6.33 19.57
C LEU B 115 -9.04 -7.63 20.23
N LYS B 116 -8.95 -7.69 21.56
CA LYS B 116 -9.28 -8.92 22.29
C LYS B 116 -10.54 -9.47 21.66
N VAL B 117 -10.51 -10.72 21.21
CA VAL B 117 -11.62 -11.11 20.30
C VAL B 117 -12.36 -12.42 20.56
FE1 FES C . -13.76 7.17 -0.32
FE2 FES C . -11.65 6.96 -2.13
S1 FES C . -11.81 6.00 -0.12
S2 FES C . -13.50 8.34 -2.17
FE1 FES D . 11.85 -9.57 -2.58
FE2 FES D . 9.49 -9.94 -1.05
S1 FES D . 10.26 -8.06 -2.00
S2 FES D . 11.24 -11.44 -1.53
N ARG A 1 12.12 1.39 -0.16
CA ARG A 1 13.01 1.43 -1.31
C ARG A 1 13.01 0.19 -2.19
N TYR A 2 12.59 0.37 -3.44
CA TYR A 2 12.68 -0.62 -4.50
C TYR A 2 13.12 0.07 -5.78
N SER A 3 12.92 -0.61 -6.91
CA SER A 3 13.22 -0.07 -8.22
C SER A 3 12.21 -0.57 -9.24
N ILE A 4 12.08 0.18 -10.35
CA ILE A 4 11.02 -0.07 -11.31
C ILE A 4 11.63 0.00 -12.69
N GLY A 5 12.97 -0.19 -12.76
CA GLY A 5 13.66 -0.36 -14.02
C GLY A 5 14.01 0.93 -14.71
N PHE A 6 14.31 0.79 -15.98
CA PHE A 6 14.84 1.87 -16.80
C PHE A 6 13.73 2.80 -17.27
N PRO A 7 13.98 4.10 -17.30
CA PRO A 7 12.95 5.03 -17.80
C PRO A 7 12.42 4.72 -19.21
N SER A 8 13.26 4.29 -20.16
CA SER A 8 12.73 3.94 -21.49
C SER A 8 11.62 2.91 -21.43
N GLN A 9 11.57 2.12 -20.37
CA GLN A 9 10.57 1.09 -20.16
C GLN A 9 9.20 1.67 -19.80
N TYR A 10 9.00 2.98 -20.07
CA TYR A 10 7.74 3.63 -19.82
C TYR A 10 7.45 4.50 -21.02
N ALA A 11 6.21 4.89 -21.15
CA ALA A 11 5.75 5.72 -22.21
C ALA A 11 4.97 6.89 -21.63
N SER A 12 4.66 7.86 -22.45
CA SER A 12 3.86 8.94 -21.92
C SER A 12 2.53 8.35 -21.47
N GLY A 13 1.97 8.99 -20.46
CA GLY A 13 0.73 8.50 -19.88
C GLY A 13 1.03 7.66 -18.64
N VAL A 14 0.14 6.72 -18.35
CA VAL A 14 0.09 6.02 -17.08
C VAL A 14 0.38 4.55 -17.31
N SER A 15 1.37 4.04 -16.62
CA SER A 15 1.72 2.64 -16.62
C SER A 15 1.16 2.01 -15.37
N GLU A 16 0.55 0.85 -15.51
CA GLU A 16 0.24 0.01 -14.37
C GLU A 16 1.18 -1.18 -14.26
N LYS A 17 2.42 -1.09 -14.79
CA LYS A 17 3.34 -2.23 -14.77
C LYS A 17 3.60 -2.73 -13.36
N PHE A 18 3.29 -1.92 -12.36
CA PHE A 18 3.68 -2.16 -10.98
C PHE A 18 2.55 -1.90 -10.01
N LYS A 19 1.32 -1.97 -10.47
CA LYS A 19 0.26 -1.61 -9.54
C LYS A 19 -0.03 -2.75 -8.57
N LYS A 20 -0.19 -3.99 -9.07
CA LYS A 20 -0.41 -5.11 -8.12
C LYS A 20 0.70 -5.17 -7.10
N GLN A 21 1.93 -5.03 -7.56
CA GLN A 21 3.10 -5.38 -6.80
C GLN A 21 3.47 -4.31 -5.78
N PHE A 22 3.45 -3.03 -6.21
CA PHE A 22 3.96 -1.95 -5.39
C PHE A 22 2.92 -0.87 -5.13
N ARG A 23 1.67 -1.09 -5.55
CA ARG A 23 0.56 -0.15 -5.38
C ARG A 23 0.97 1.27 -5.77
N ILE A 24 1.55 1.38 -6.97
CA ILE A 24 2.08 2.63 -7.47
C ILE A 24 1.69 2.70 -8.93
N TRP A 25 1.89 3.89 -9.47
CA TRP A 25 1.51 4.24 -10.82
C TRP A 25 2.64 5.07 -11.38
N ILE A 26 3.05 4.76 -12.60
CA ILE A 26 4.27 5.30 -13.17
C ILE A 26 3.83 6.15 -14.34
N VAL A 27 4.07 7.46 -14.24
CA VAL A 27 3.48 8.46 -15.11
C VAL A 27 4.59 9.29 -15.75
N LYS A 28 4.59 9.34 -17.08
CA LYS A 28 5.51 10.18 -17.85
C LYS A 28 4.65 11.27 -18.47
N GLU A 29 4.90 12.50 -18.05
CA GLU A 29 4.10 13.65 -18.44
C GLU A 29 5.08 14.65 -19.00
N ASP A 30 4.84 15.13 -20.21
CA ASP A 30 5.84 15.96 -20.88
C ASP A 30 7.17 15.24 -20.63
N ASP A 31 8.32 15.90 -20.53
CA ASP A 31 9.55 15.11 -20.53
C ASP A 31 9.98 14.70 -19.11
N THR A 32 9.02 14.55 -18.18
CA THR A 32 9.34 14.09 -16.85
C THR A 32 8.51 12.86 -16.46
N LEU A 33 8.89 12.27 -15.36
CA LEU A 33 8.33 11.04 -14.85
C LEU A 33 8.14 11.20 -13.36
N TYR A 34 6.96 10.87 -12.84
CA TYR A 34 6.71 10.84 -11.39
C TYR A 34 6.00 9.54 -10.99
N VAL A 35 5.91 9.25 -9.67
CA VAL A 35 5.35 7.95 -9.22
C VAL A 35 4.18 8.20 -8.27
N ILE A 36 2.95 7.87 -8.72
CA ILE A 36 1.74 8.11 -7.93
C ILE A 36 1.36 6.86 -7.11
N GLU A 37 1.35 7.01 -5.77
CA GLU A 37 0.67 6.07 -4.90
C GLU A 37 -0.76 5.89 -5.32
N ALA A 38 -1.24 4.68 -5.19
CA ALA A 38 -2.62 4.35 -5.51
C ALA A 38 -3.38 4.08 -4.21
N LYS A 39 -3.47 5.13 -3.38
CA LYS A 39 -4.31 5.13 -2.19
C LYS A 39 -5.23 6.33 -2.29
N CYS A 40 -6.54 6.07 -2.41
CA CYS A 40 -7.50 7.16 -2.45
C CYS A 40 -7.33 8.01 -1.21
N THR A 41 -7.40 9.31 -1.38
CA THR A 41 -7.03 10.13 -0.24
C THR A 41 -8.24 10.60 0.55
N HIS A 42 -9.42 10.12 0.19
CA HIS A 42 -10.60 10.13 1.04
C HIS A 42 -10.40 9.25 2.27
N LEU A 43 -10.87 8.01 2.19
CA LEU A 43 -10.70 7.03 3.26
C LEU A 43 -9.73 5.92 2.86
N GLY A 44 -9.08 6.05 1.71
CA GLY A 44 -7.92 5.22 1.48
C GLY A 44 -8.13 3.94 0.72
N CYS A 45 -9.15 3.85 -0.14
CA CYS A 45 -9.24 2.67 -0.99
C CYS A 45 -8.13 2.68 -2.04
N THR A 46 -8.17 1.72 -2.95
CA THR A 46 -7.18 1.71 -4.01
C THR A 46 -7.91 1.87 -5.32
N PRO A 47 -7.77 3.04 -6.02
CA PRO A 47 -8.57 3.27 -7.21
C PRO A 47 -8.08 2.49 -8.42
N ASN A 48 -8.80 2.67 -9.53
CA ASN A 48 -8.72 1.90 -10.76
C ASN A 48 -8.61 2.86 -11.93
N TRP A 49 -7.38 3.10 -12.37
CA TRP A 49 -7.11 3.67 -13.68
C TRP A 49 -7.98 3.07 -14.76
N LEU A 50 -8.70 3.89 -15.51
CA LEU A 50 -9.23 3.44 -16.80
C LEU A 50 -9.12 4.55 -17.87
N ALA A 51 -8.40 4.16 -18.91
CA ALA A 51 -7.90 5.13 -19.86
C ALA A 51 -9.03 5.91 -20.52
N SER A 52 -10.06 5.23 -20.99
CA SER A 52 -11.17 5.93 -21.63
C SER A 52 -11.99 6.71 -20.62
N GLU A 53 -11.44 7.81 -20.16
CA GLU A 53 -12.03 8.70 -19.19
C GLU A 53 -10.98 9.60 -18.62
N GLY A 54 -9.73 9.28 -18.86
CA GLY A 54 -8.66 10.11 -18.37
C GLY A 54 -8.59 10.14 -16.88
N LYS A 55 -8.92 9.03 -16.20
CA LYS A 55 -8.95 9.14 -14.74
C LYS A 55 -8.87 7.83 -13.97
N PHE A 56 -8.38 8.01 -12.78
CA PHE A 56 -8.45 7.03 -11.73
C PHE A 56 -9.83 7.08 -11.09
N LYS A 57 -10.58 5.99 -11.13
CA LYS A 57 -11.90 5.91 -10.47
C LYS A 57 -11.84 4.98 -9.26
N CYS A 58 -11.78 5.59 -8.06
CA CYS A 58 -12.01 4.87 -6.79
C CYS A 58 -13.40 4.25 -6.77
N PRO A 59 -13.53 2.94 -6.60
CA PRO A 59 -14.86 2.33 -6.62
C PRO A 59 -15.61 2.50 -5.29
N CYS A 60 -14.91 2.60 -4.18
CA CYS A 60 -15.62 2.53 -2.92
C CYS A 60 -16.67 3.62 -2.85
N HIS A 61 -16.28 4.91 -2.91
CA HIS A 61 -17.23 6.01 -2.83
C HIS A 61 -17.09 7.08 -3.91
N GLY A 62 -16.69 6.73 -5.12
CA GLY A 62 -16.85 7.63 -6.26
C GLY A 62 -15.62 8.32 -6.77
N SER A 63 -14.81 8.89 -5.89
CA SER A 63 -13.55 9.57 -6.24
C SER A 63 -12.96 9.31 -7.64
N GLY A 64 -12.56 10.40 -8.27
CA GLY A 64 -11.97 10.38 -9.58
C GLY A 64 -10.87 11.43 -9.64
N PHE A 65 -9.74 11.05 -10.25
CA PHE A 65 -8.53 11.86 -10.26
C PHE A 65 -8.00 11.95 -11.70
N THR A 66 -7.46 13.11 -12.05
CA THR A 66 -6.88 13.23 -13.36
C THR A 66 -5.54 12.46 -13.40
N PRO A 67 -4.95 12.32 -14.59
CA PRO A 67 -3.75 11.49 -14.73
C PRO A 67 -2.50 12.09 -14.14
N ASP A 68 -2.62 13.11 -13.30
CA ASP A 68 -1.49 13.64 -12.56
C ASP A 68 -1.71 13.51 -11.08
N GLY A 69 -2.82 12.93 -10.69
CA GLY A 69 -3.14 12.77 -9.30
C GLY A 69 -4.13 13.78 -8.78
N ILE A 70 -4.31 14.91 -9.49
CA ILE A 70 -5.27 15.94 -9.08
C ILE A 70 -6.63 15.31 -8.86
N ASN A 71 -7.20 15.55 -7.68
CA ASN A 71 -8.55 15.10 -7.36
C ASN A 71 -9.59 16.04 -7.97
N ILE A 72 -10.62 15.47 -8.58
CA ILE A 72 -11.63 16.28 -9.24
C ILE A 72 -13.05 15.88 -8.85
N GLU A 73 -13.28 14.69 -8.31
CA GLU A 73 -14.64 14.29 -7.96
C GLU A 73 -14.68 13.14 -6.96
N GLY A 74 -15.91 12.62 -6.79
CA GLY A 74 -16.32 11.92 -5.61
C GLY A 74 -15.99 12.74 -4.40
N PRO A 75 -15.89 12.08 -3.25
CA PRO A 75 -15.65 12.80 -2.00
C PRO A 75 -14.21 13.16 -1.67
N ALA A 76 -13.18 12.77 -2.46
CA ALA A 76 -11.79 12.86 -2.00
C ALA A 76 -11.28 14.31 -2.00
N PRO A 77 -10.44 14.71 -1.03
CA PRO A 77 -10.17 16.13 -0.79
C PRO A 77 -8.87 16.66 -1.33
N ARG A 78 -7.91 15.82 -1.66
CA ARG A 78 -6.62 16.30 -2.10
C ARG A 78 -6.07 15.34 -3.15
N PRO A 79 -5.03 15.77 -3.88
CA PRO A 79 -4.36 14.90 -4.86
C PRO A 79 -3.77 13.65 -4.23
N LEU A 80 -3.72 12.57 -5.04
CA LEU A 80 -2.91 11.39 -4.70
C LEU A 80 -1.46 11.81 -4.56
N GLU A 81 -0.74 11.12 -3.69
CA GLU A 81 0.61 11.54 -3.34
C GLU A 81 1.64 10.94 -4.31
N ARG A 82 2.89 11.45 -4.22
CA ARG A 82 3.99 11.05 -5.09
C ARG A 82 5.23 10.66 -4.28
N PHE A 83 6.04 9.79 -4.86
CA PHE A 83 7.21 9.26 -4.18
C PHE A 83 8.51 9.78 -4.76
N LYS A 84 9.58 9.69 -3.98
CA LYS A 84 10.88 10.13 -4.46
C LYS A 84 11.47 9.09 -5.43
N VAL A 85 11.90 9.55 -6.60
CA VAL A 85 12.28 8.64 -7.67
C VAL A 85 13.60 9.11 -8.26
N ALA A 86 14.62 8.27 -8.09
CA ALA A 86 15.97 8.66 -8.44
C ALA A 86 16.75 7.49 -9.00
N LEU A 87 17.54 7.78 -10.04
CA LEU A 87 18.44 6.78 -10.63
C LEU A 87 19.46 6.24 -9.64
N GLY A 88 19.64 4.91 -9.62
CA GLY A 88 20.90 4.33 -9.21
C GLY A 88 21.92 4.40 -10.33
N ASP A 89 23.20 4.23 -9.98
CA ASP A 89 24.20 4.30 -11.04
C ASP A 89 24.39 2.96 -11.74
N ASP A 90 23.53 1.98 -11.45
CA ASP A 90 23.24 0.91 -12.41
C ASP A 90 22.19 1.35 -13.41
N GLY A 91 21.70 2.58 -13.27
CA GLY A 91 20.86 3.22 -14.24
C GLY A 91 19.38 2.99 -14.13
N GLN A 92 18.91 2.31 -13.08
CA GLN A 92 17.48 2.08 -12.96
C GLN A 92 16.86 2.94 -11.89
N ILE A 93 15.54 3.13 -12.02
CA ILE A 93 14.76 4.03 -11.18
C ILE A 93 14.55 3.38 -9.82
N ILE A 94 14.99 4.07 -8.78
CA ILE A 94 14.71 3.70 -7.40
C ILE A 94 13.57 4.54 -6.87
N VAL A 95 12.48 3.86 -6.47
CA VAL A 95 11.37 4.48 -5.76
C VAL A 95 11.62 4.36 -4.26
N ASP A 96 11.32 5.41 -3.52
CA ASP A 96 11.38 5.36 -2.05
C ASP A 96 10.02 5.77 -1.46
N GLU A 97 9.22 4.79 -1.09
CA GLU A 97 7.85 5.02 -0.61
C GLU A 97 7.79 5.96 0.60
N SER A 98 8.94 6.26 1.21
CA SER A 98 9.00 6.99 2.46
C SER A 98 9.47 8.43 2.28
N THR A 99 9.30 8.99 1.08
CA THR A 99 9.47 10.42 0.92
C THR A 99 8.45 10.88 -0.08
N ARG A 100 7.52 11.66 0.43
CA ARG A 100 6.24 11.80 -0.24
C ARG A 100 6.07 13.29 -0.48
N TYR A 101 5.53 13.59 -1.64
CA TYR A 101 5.44 14.95 -2.10
C TYR A 101 3.96 15.21 -2.28
N ARG A 102 3.50 16.30 -1.65
CA ARG A 102 2.10 16.66 -1.71
C ARG A 102 1.92 17.90 -2.58
N GLY A 103 1.23 17.71 -3.71
CA GLY A 103 1.01 18.82 -4.62
C GLY A 103 0.36 20.01 -3.97
N GLU A 104 -0.41 19.78 -2.92
CA GLU A 104 -1.08 20.92 -2.30
C GLU A 104 -0.16 21.70 -1.39
N ARG A 105 1.07 21.25 -1.17
CA ARG A 105 2.09 22.03 -0.49
C ARG A 105 3.22 22.45 -1.42
N GLY A 106 2.98 22.51 -2.73
CA GLY A 106 4.11 22.71 -3.60
C GLY A 106 5.31 21.89 -3.22
N GLU A 107 5.33 20.63 -3.60
CA GLU A 107 6.51 19.82 -3.48
C GLU A 107 6.74 18.97 -4.74
N TRP A 108 5.76 18.91 -5.65
CA TRP A 108 6.00 18.33 -6.96
C TRP A 108 7.00 19.19 -7.75
N ASP A 109 7.71 20.08 -7.06
CA ASP A 109 8.76 20.84 -7.71
C ASP A 109 10.11 20.51 -7.11
N LYS A 110 10.15 20.04 -5.86
CA LYS A 110 11.39 19.75 -5.18
C LYS A 110 12.10 18.58 -5.85
N PRO A 111 13.36 18.34 -5.51
CA PRO A 111 14.08 17.20 -6.11
C PRO A 111 13.43 15.90 -5.69
N GLY A 112 13.79 14.83 -6.40
CA GLY A 112 13.14 13.55 -6.24
C GLY A 112 11.84 13.42 -6.97
N ALA A 113 10.93 14.37 -6.83
CA ALA A 113 9.53 14.13 -7.16
C ALA A 113 9.29 13.84 -8.63
N PHE A 114 10.19 14.21 -9.54
CA PHE A 114 10.00 13.86 -10.94
C PHE A 114 11.37 13.61 -11.51
N LEU A 115 11.50 12.53 -12.23
CA LEU A 115 12.71 12.26 -12.95
C LEU A 115 12.66 13.09 -14.21
N LYS A 116 13.79 13.71 -14.51
CA LYS A 116 14.00 14.37 -15.77
C LYS A 116 14.43 13.30 -16.76
N VAL A 117 13.85 13.32 -17.96
CA VAL A 117 14.54 12.69 -19.10
C VAL A 117 14.80 13.74 -20.24
N ARG B 1 -6.91 5.65 7.55
CA ARG B 1 -8.04 5.37 8.43
C ARG B 1 -9.37 4.99 7.82
N TYR B 2 -9.90 3.85 8.26
CA TYR B 2 -11.02 3.24 7.58
C TYR B 2 -11.61 2.09 8.40
N SER B 3 -12.86 1.76 8.06
CA SER B 3 -13.60 0.66 8.64
C SER B 3 -13.43 -0.63 7.81
N ILE B 4 -13.33 -1.77 8.49
CA ILE B 4 -13.39 -3.09 7.86
C ILE B 4 -14.48 -3.93 8.52
N GLY B 5 -15.49 -3.31 9.10
CA GLY B 5 -16.69 -4.03 9.41
C GLY B 5 -16.77 -4.64 10.80
N PHE B 6 -17.72 -5.50 10.92
CA PHE B 6 -17.92 -6.08 12.25
C PHE B 6 -16.98 -7.25 12.50
N PRO B 7 -16.62 -7.49 13.77
CA PRO B 7 -15.70 -8.59 14.09
C PRO B 7 -16.21 -9.96 13.69
N SER B 8 -17.51 -10.22 13.80
CA SER B 8 -18.01 -11.59 13.65
C SER B 8 -17.86 -12.12 12.24
N GLN B 9 -17.50 -11.26 11.30
CA GLN B 9 -17.31 -11.60 9.90
C GLN B 9 -15.91 -12.16 9.63
N TYR B 10 -15.15 -12.51 10.66
CA TYR B 10 -13.77 -12.87 10.46
C TYR B 10 -13.51 -14.19 11.17
N ALA B 11 -13.86 -15.26 10.50
CA ALA B 11 -13.46 -16.60 10.85
C ALA B 11 -12.00 -16.61 11.31
N SER B 12 -11.69 -17.51 12.22
CA SER B 12 -10.30 -17.70 12.55
C SER B 12 -9.54 -17.95 11.25
N GLY B 13 -8.28 -17.58 11.26
CA GLY B 13 -7.47 -17.77 10.10
C GLY B 13 -7.31 -16.46 9.36
N VAL B 14 -7.09 -16.55 8.06
CA VAL B 14 -6.62 -15.41 7.28
C VAL B 14 -7.70 -14.97 6.34
N SER B 15 -8.11 -13.73 6.49
CA SER B 15 -9.14 -13.14 5.65
C SER B 15 -8.47 -12.26 4.63
N GLU B 16 -8.80 -12.47 3.36
CA GLU B 16 -8.34 -11.60 2.28
C GLU B 16 -9.45 -10.70 1.82
N LYS B 17 -10.46 -10.53 2.65
CA LYS B 17 -11.63 -9.74 2.27
C LYS B 17 -11.22 -8.43 1.64
N PHE B 18 -10.12 -7.86 2.10
CA PHE B 18 -9.74 -6.49 1.79
C PHE B 18 -8.32 -6.39 1.27
N LYS B 19 -7.77 -7.46 0.70
CA LYS B 19 -6.40 -7.34 0.24
C LYS B 19 -6.31 -6.39 -0.97
N LYS B 20 -7.24 -6.51 -1.92
CA LYS B 20 -7.17 -5.68 -3.13
C LYS B 20 -7.31 -4.20 -2.77
N GLN B 21 -8.21 -3.92 -1.83
CA GLN B 21 -8.67 -2.58 -1.50
C GLN B 21 -7.75 -1.83 -0.54
N PHE B 22 -7.27 -2.49 0.51
CA PHE B 22 -6.49 -1.85 1.56
C PHE B 22 -5.09 -2.43 1.67
N ARG B 23 -4.73 -3.45 0.88
CA ARG B 23 -3.45 -4.14 1.02
C ARG B 23 -3.22 -4.57 2.47
N ILE B 24 -4.22 -5.23 3.06
CA ILE B 24 -4.13 -5.77 4.40
C ILE B 24 -4.62 -7.20 4.33
N TRP B 25 -4.07 -8.03 5.21
CA TRP B 25 -4.75 -9.23 5.66
C TRP B 25 -5.34 -9.02 7.06
N ILE B 26 -6.50 -9.63 7.32
CA ILE B 26 -7.23 -9.48 8.58
C ILE B 26 -7.31 -10.86 9.19
N VAL B 27 -6.66 -11.04 10.33
CA VAL B 27 -6.24 -12.34 10.83
C VAL B 27 -6.80 -12.55 12.23
N LYS B 28 -7.42 -13.70 12.44
CA LYS B 28 -8.02 -14.04 13.72
C LYS B 28 -7.29 -15.25 14.27
N GLU B 29 -6.61 -15.05 15.38
CA GLU B 29 -5.82 -16.07 16.06
C GLU B 29 -6.47 -16.22 17.41
N ASP B 30 -6.85 -17.44 17.80
CA ASP B 30 -7.32 -17.66 19.17
C ASP B 30 -8.22 -16.50 19.58
N ASP B 31 -7.87 -15.74 20.61
CA ASP B 31 -8.77 -14.69 21.07
C ASP B 31 -8.62 -13.35 20.35
N THR B 32 -7.66 -13.20 19.47
CA THR B 32 -7.27 -11.91 18.95
C THR B 32 -7.68 -11.73 17.49
N LEU B 33 -7.90 -10.48 17.12
CA LEU B 33 -7.93 -10.09 15.71
C LEU B 33 -6.91 -8.98 15.54
N TYR B 34 -6.02 -9.16 14.53
CA TYR B 34 -4.98 -8.19 14.20
C TYR B 34 -4.91 -7.96 12.67
N VAL B 35 -4.21 -6.91 12.22
CA VAL B 35 -4.29 -6.49 10.81
C VAL B 35 -2.90 -6.31 10.19
N ILE B 36 -2.55 -7.20 9.26
CA ILE B 36 -1.20 -7.29 8.68
C ILE B 36 -1.15 -6.53 7.37
N GLU B 37 -0.28 -5.51 7.34
CA GLU B 37 0.17 -4.85 6.11
C GLU B 37 0.70 -5.86 5.12
N ALA B 38 0.03 -5.98 3.98
CA ALA B 38 0.44 -6.90 2.93
C ALA B 38 1.54 -6.27 2.06
N LYS B 39 2.71 -6.12 2.66
CA LYS B 39 3.87 -5.61 1.94
C LYS B 39 5.10 -6.40 2.34
N CYS B 40 5.79 -6.99 1.36
CA CYS B 40 6.94 -7.81 1.68
C CYS B 40 8.07 -6.95 2.23
N THR B 41 8.71 -7.41 3.27
CA THR B 41 9.69 -6.52 3.86
C THR B 41 11.09 -6.73 3.32
N HIS B 42 11.22 -7.45 2.21
CA HIS B 42 12.42 -7.38 1.38
C HIS B 42 12.44 -6.12 0.52
N LEU B 43 11.83 -6.18 -0.67
CA LEU B 43 11.87 -5.06 -1.61
C LEU B 43 10.46 -4.60 -2.01
N GLY B 44 9.57 -4.47 -1.03
CA GLY B 44 8.29 -3.81 -1.16
C GLY B 44 7.21 -4.56 -1.88
N CYS B 45 7.44 -5.81 -2.31
CA CYS B 45 6.47 -6.46 -3.18
C CYS B 45 5.17 -6.74 -2.40
N THR B 46 4.16 -7.26 -3.12
CA THR B 46 2.93 -7.67 -2.48
C THR B 46 2.88 -9.21 -2.52
N PRO B 47 2.88 -9.90 -1.35
CA PRO B 47 2.84 -11.37 -1.38
C PRO B 47 1.40 -11.85 -1.55
N ASN B 48 1.23 -13.18 -1.49
CA ASN B 48 0.04 -13.89 -1.89
C ASN B 48 -0.25 -15.01 -0.93
N TRP B 49 -1.03 -14.70 0.11
CA TRP B 49 -1.60 -15.68 0.98
C TRP B 49 -1.81 -17.00 0.25
N LEU B 50 -1.33 -18.07 0.88
CA LEU B 50 -1.38 -19.41 0.34
C LEU B 50 -1.69 -20.33 1.53
N ALA B 51 -2.99 -20.60 1.71
CA ALA B 51 -3.48 -21.12 2.98
C ALA B 51 -3.05 -22.57 3.18
N SER B 52 -3.05 -23.35 2.10
CA SER B 52 -2.75 -24.76 2.20
C SER B 52 -1.33 -24.95 2.67
N GLU B 53 -0.53 -23.92 2.46
CA GLU B 53 0.88 -23.94 2.80
C GLU B 53 1.15 -23.17 4.07
N GLY B 54 0.12 -22.51 4.58
CA GLY B 54 0.27 -21.82 5.84
C GLY B 54 1.15 -20.60 5.81
N LYS B 55 1.43 -20.03 4.62
CA LYS B 55 2.33 -18.89 4.58
C LYS B 55 1.91 -17.85 3.54
N PHE B 56 2.23 -16.61 3.87
CA PHE B 56 2.25 -15.54 2.88
C PHE B 56 3.53 -15.68 2.06
N LYS B 57 3.37 -15.84 0.75
CA LYS B 57 4.47 -16.08 -0.17
C LYS B 57 4.69 -14.89 -1.09
N CYS B 58 5.91 -14.37 -1.11
CA CYS B 58 6.25 -13.24 -1.96
C CYS B 58 6.86 -13.72 -3.27
N PRO B 59 6.26 -13.40 -4.41
CA PRO B 59 6.71 -13.96 -5.69
C PRO B 59 7.90 -13.25 -6.33
N CYS B 60 8.49 -12.26 -5.65
CA CYS B 60 9.58 -11.57 -6.31
C CYS B 60 10.91 -12.25 -6.04
N HIS B 61 11.24 -12.48 -4.76
CA HIS B 61 12.50 -13.11 -4.40
C HIS B 61 12.34 -14.15 -3.27
N GLY B 62 11.13 -14.65 -3.04
CA GLY B 62 10.92 -15.94 -2.37
C GLY B 62 10.56 -15.96 -0.90
N SER B 63 10.98 -14.97 -0.13
CA SER B 63 10.59 -14.83 1.28
C SER B 63 9.27 -15.53 1.65
N GLY B 64 9.32 -16.25 2.76
CA GLY B 64 8.12 -16.85 3.36
C GLY B 64 7.78 -16.25 4.70
N PHE B 65 6.46 -16.04 4.95
CA PHE B 65 5.93 -15.66 6.25
C PHE B 65 4.82 -16.60 6.67
N THR B 66 4.76 -16.96 7.96
CA THR B 66 3.63 -17.81 8.43
C THR B 66 2.42 -16.92 8.73
N PRO B 67 1.27 -17.49 9.12
CA PRO B 67 0.00 -16.71 9.11
C PRO B 67 -0.06 -15.56 10.12
N ASP B 68 0.86 -15.49 11.07
CA ASP B 68 0.99 -14.35 11.98
C ASP B 68 1.97 -13.32 11.42
N GLY B 69 2.56 -13.60 10.29
CA GLY B 69 3.50 -12.71 9.69
C GLY B 69 4.95 -12.87 10.15
N ILE B 70 5.26 -13.81 11.07
CA ILE B 70 6.66 -14.06 11.38
C ILE B 70 7.36 -14.49 10.08
N ASN B 71 8.39 -13.75 9.72
CA ASN B 71 9.25 -14.12 8.62
C ASN B 71 10.07 -15.35 8.96
N ILE B 72 9.93 -16.38 8.15
CA ILE B 72 10.57 -17.67 8.39
C ILE B 72 11.66 -17.98 7.39
N GLU B 73 11.61 -17.40 6.19
CA GLU B 73 12.52 -17.79 5.12
C GLU B 73 12.83 -16.58 4.24
N GLY B 74 13.89 -16.76 3.43
CA GLY B 74 14.21 -15.83 2.39
C GLY B 74 14.85 -14.57 2.90
N PRO B 75 15.03 -13.60 1.99
CA PRO B 75 15.74 -12.36 2.31
C PRO B 75 15.07 -11.49 3.34
N ALA B 76 13.76 -11.61 3.54
CA ALA B 76 13.05 -10.67 4.36
C ALA B 76 13.56 -10.74 5.79
N PRO B 77 14.05 -9.64 6.35
CA PRO B 77 14.67 -9.65 7.69
C PRO B 77 13.72 -9.67 8.88
N ARG B 78 12.57 -9.02 8.81
CA ARG B 78 11.76 -8.78 9.98
C ARG B 78 10.34 -9.18 9.66
N PRO B 79 9.45 -9.18 10.64
CA PRO B 79 8.06 -9.53 10.34
C PRO B 79 7.40 -8.44 9.51
N LEU B 80 6.45 -8.87 8.66
CA LEU B 80 5.37 -7.99 8.19
C LEU B 80 4.74 -7.24 9.36
N GLU B 81 4.54 -5.95 9.18
CA GLU B 81 4.09 -5.05 10.22
C GLU B 81 2.58 -5.16 10.45
N ARG B 82 2.12 -4.59 11.57
CA ARG B 82 0.71 -4.58 11.92
C ARG B 82 0.20 -3.17 12.15
N PHE B 83 -1.10 -2.99 11.91
CA PHE B 83 -1.74 -1.70 11.94
C PHE B 83 -2.61 -1.56 13.19
N LYS B 84 -2.79 -0.31 13.62
CA LYS B 84 -3.75 -0.02 14.69
C LYS B 84 -5.14 -0.50 14.30
N VAL B 85 -5.82 -1.20 15.20
CA VAL B 85 -7.22 -1.53 15.04
C VAL B 85 -7.96 -1.05 16.27
N ALA B 86 -9.18 -0.58 16.10
CA ALA B 86 -10.02 -0.30 17.25
C ALA B 86 -11.46 -0.08 16.83
N LEU B 87 -12.35 -0.33 17.79
CA LEU B 87 -13.78 -0.10 17.59
C LEU B 87 -14.07 1.41 17.61
N GLY B 88 -14.83 1.88 16.60
CA GLY B 88 -15.42 3.19 16.70
C GLY B 88 -16.66 3.23 17.63
N ASP B 89 -17.37 4.34 17.62
CA ASP B 89 -18.44 4.47 18.62
C ASP B 89 -19.60 3.56 18.22
N ASP B 90 -19.40 2.80 17.14
CA ASP B 90 -20.48 2.16 16.43
C ASP B 90 -20.27 0.66 16.25
N GLY B 91 -19.17 0.10 16.76
CA GLY B 91 -18.99 -1.34 16.79
C GLY B 91 -18.20 -1.93 15.64
N GLN B 92 -17.93 -1.16 14.61
CA GLN B 92 -17.11 -1.63 13.52
C GLN B 92 -15.66 -1.25 13.76
N ILE B 93 -14.77 -1.96 13.10
CA ILE B 93 -13.36 -1.80 13.40
C ILE B 93 -12.74 -0.80 12.45
N ILE B 94 -11.90 0.05 13.01
CA ILE B 94 -11.20 1.09 12.29
C ILE B 94 -9.74 0.75 12.34
N VAL B 95 -9.13 0.57 11.16
CA VAL B 95 -7.69 0.51 11.01
C VAL B 95 -7.17 1.93 10.86
N ASP B 96 -6.12 2.29 11.58
CA ASP B 96 -5.33 3.49 11.28
C ASP B 96 -3.94 3.09 10.74
N GLU B 97 -3.77 3.09 9.42
CA GLU B 97 -2.51 2.64 8.81
C GLU B 97 -1.27 3.36 9.33
N SER B 98 -1.43 4.47 10.07
CA SER B 98 -0.35 5.43 10.22
C SER B 98 0.47 5.19 11.48
N THR B 99 -0.10 4.50 12.45
CA THR B 99 0.68 3.92 13.52
C THR B 99 0.75 2.42 13.23
N ARG B 100 1.87 1.80 13.57
CA ARG B 100 2.17 0.42 13.19
C ARG B 100 3.00 -0.22 14.29
N TYR B 101 3.03 -1.57 14.31
CA TYR B 101 3.54 -2.33 15.44
C TYR B 101 4.43 -3.45 14.95
N ARG B 102 5.64 -3.50 15.50
CA ARG B 102 6.71 -4.31 14.96
C ARG B 102 6.98 -5.53 15.86
N GLY B 103 7.05 -6.70 15.24
CA GLY B 103 7.37 -7.89 16.00
C GLY B 103 8.64 -7.72 16.80
N GLU B 104 9.77 -7.51 16.12
CA GLU B 104 11.09 -7.45 16.76
C GLU B 104 11.12 -6.40 17.86
N ARG B 105 10.28 -5.38 17.80
CA ARG B 105 10.27 -4.34 18.83
C ARG B 105 9.29 -4.66 19.97
N GLY B 106 8.92 -5.93 20.11
CA GLY B 106 7.82 -6.30 20.98
C GLY B 106 6.71 -5.28 21.07
N GLU B 107 6.07 -4.96 19.95
CA GLU B 107 5.00 -3.99 19.98
C GLU B 107 3.63 -4.63 19.76
N TRP B 108 3.57 -5.86 19.28
CA TRP B 108 2.33 -6.60 19.24
C TRP B 108 1.73 -6.69 20.64
N ASP B 109 2.56 -6.60 21.66
CA ASP B 109 2.25 -6.15 23.01
C ASP B 109 0.99 -5.29 23.11
N LYS B 110 0.93 -4.20 22.33
CA LYS B 110 0.57 -2.89 22.87
C LYS B 110 -0.85 -2.46 22.52
N PRO B 111 -1.33 -1.38 23.16
CA PRO B 111 -2.67 -0.89 22.89
C PRO B 111 -2.90 -0.59 21.41
N GLY B 112 -3.87 -1.29 20.83
CA GLY B 112 -4.32 -1.08 19.49
C GLY B 112 -3.67 -1.99 18.48
N ALA B 113 -2.85 -2.94 18.94
CA ALA B 113 -2.16 -3.86 18.04
C ALA B 113 -2.97 -5.13 17.81
N PHE B 114 -4.00 -5.34 18.59
CA PHE B 114 -4.82 -6.55 18.56
C PHE B 114 -6.00 -6.26 19.47
N LEU B 115 -7.21 -6.50 18.97
CA LEU B 115 -8.39 -6.30 19.79
C LEU B 115 -8.82 -7.67 20.30
N LYS B 116 -9.11 -7.76 21.62
CA LYS B 116 -9.54 -9.04 22.18
C LYS B 116 -10.85 -9.38 21.52
N VAL B 117 -10.99 -10.63 21.12
CA VAL B 117 -12.10 -10.98 20.20
C VAL B 117 -12.96 -12.19 20.61
FE1 FES C . -13.89 7.07 -0.42
FE2 FES C . -11.85 6.52 -2.29
S1 FES C . -11.88 5.96 -0.13
S2 FES C . -13.75 7.85 -2.47
FE1 FES D . 11.90 -9.66 -2.27
FE2 FES D . 9.33 -10.01 -1.29
S1 FES D . 10.18 -8.21 -2.32
S2 FES D . 11.03 -11.56 -1.60
N ARG A 1 12.09 0.35 -0.33
CA ARG A 1 12.84 0.75 -1.52
C ARG A 1 12.92 -0.35 -2.59
N TYR A 2 12.62 0.02 -3.83
CA TYR A 2 12.57 -0.95 -4.92
C TYR A 2 12.95 -0.29 -6.25
N SER A 3 13.40 -1.13 -7.19
CA SER A 3 13.67 -0.75 -8.57
C SER A 3 12.39 -0.87 -9.38
N ILE A 4 12.23 -0.01 -10.40
CA ILE A 4 11.15 -0.19 -11.36
C ILE A 4 11.68 -0.12 -12.78
N GLY A 5 13.01 -0.32 -12.96
CA GLY A 5 13.54 -0.50 -14.28
C GLY A 5 14.00 0.78 -14.92
N PHE A 6 14.28 0.71 -16.21
CA PHE A 6 14.79 1.86 -16.92
C PHE A 6 13.67 2.80 -17.33
N PRO A 7 13.91 4.10 -17.31
CA PRO A 7 12.90 5.03 -17.86
C PRO A 7 12.36 4.65 -19.24
N SER A 8 13.20 4.16 -20.16
CA SER A 8 12.73 3.87 -21.51
C SER A 8 11.60 2.87 -21.53
N GLN A 9 11.51 1.98 -20.52
CA GLN A 9 10.41 1.02 -20.35
C GLN A 9 9.07 1.71 -20.02
N TYR A 10 8.95 3.03 -20.24
CA TYR A 10 7.70 3.73 -19.96
C TYR A 10 7.41 4.66 -21.11
N ALA A 11 6.15 4.97 -21.28
CA ALA A 11 5.66 5.82 -22.33
C ALA A 11 4.97 7.04 -21.72
N SER A 12 4.68 8.04 -22.54
CA SER A 12 3.86 9.09 -22.01
C SER A 12 2.59 8.44 -21.43
N GLY A 13 2.05 9.05 -20.40
CA GLY A 13 0.81 8.54 -19.85
C GLY A 13 1.02 7.65 -18.62
N VAL A 14 0.15 6.67 -18.46
CA VAL A 14 -0.04 5.96 -17.20
C VAL A 14 0.33 4.50 -17.40
N SER A 15 1.30 4.04 -16.64
CA SER A 15 1.65 2.63 -16.64
C SER A 15 1.07 1.96 -15.40
N GLU A 16 0.51 0.77 -15.57
CA GLU A 16 0.06 -0.06 -14.47
C GLU A 16 1.00 -1.23 -14.23
N LYS A 17 2.22 -1.14 -14.74
CA LYS A 17 3.15 -2.26 -14.64
C LYS A 17 3.25 -2.79 -13.24
N PHE A 18 3.14 -1.91 -12.27
CA PHE A 18 3.53 -2.18 -10.89
C PHE A 18 2.40 -1.84 -9.94
N LYS A 19 1.19 -1.71 -10.45
CA LYS A 19 0.07 -1.45 -9.55
C LYS A 19 -0.15 -2.65 -8.63
N LYS A 20 -0.30 -3.85 -9.20
CA LYS A 20 -0.48 -5.04 -8.35
C LYS A 20 0.65 -5.17 -7.33
N GLN A 21 1.90 -5.02 -7.76
CA GLN A 21 3.03 -5.40 -6.94
C GLN A 21 3.45 -4.31 -5.99
N PHE A 22 3.43 -3.04 -6.42
CA PHE A 22 3.90 -1.95 -5.60
C PHE A 22 2.83 -0.90 -5.31
N ARG A 23 1.61 -1.12 -5.75
CA ARG A 23 0.51 -0.19 -5.55
C ARG A 23 0.86 1.20 -6.05
N ILE A 24 1.41 1.27 -7.27
CA ILE A 24 1.86 2.53 -7.85
C ILE A 24 1.38 2.63 -9.30
N TRP A 25 1.17 3.86 -9.71
CA TRP A 25 1.14 4.24 -11.10
C TRP A 25 2.41 5.01 -11.40
N ILE A 26 3.02 4.76 -12.57
CA ILE A 26 4.19 5.51 -13.00
C ILE A 26 3.78 6.26 -14.25
N VAL A 27 4.04 7.57 -14.27
CA VAL A 27 3.41 8.50 -15.16
C VAL A 27 4.48 9.36 -15.81
N LYS A 28 4.45 9.46 -17.12
CA LYS A 28 5.26 10.42 -17.86
C LYS A 28 4.34 11.49 -18.41
N GLU A 29 4.42 12.71 -17.86
CA GLU A 29 3.68 13.89 -18.32
C GLU A 29 4.71 14.76 -19.04
N ASP A 30 4.51 14.98 -20.34
CA ASP A 30 5.41 15.86 -21.07
C ASP A 30 6.86 15.40 -20.87
N ASP A 31 7.73 16.25 -20.30
CA ASP A 31 9.14 15.92 -20.11
C ASP A 31 9.46 15.37 -18.70
N THR A 32 8.49 14.85 -17.96
CA THR A 32 8.83 14.26 -16.66
C THR A 32 8.17 12.92 -16.41
N LEU A 33 8.78 12.23 -15.47
CA LEU A 33 8.31 10.97 -14.91
C LEU A 33 8.15 11.13 -13.41
N TYR A 34 6.93 10.90 -12.89
CA TYR A 34 6.67 10.87 -11.46
C TYR A 34 6.05 9.51 -11.07
N VAL A 35 5.93 9.22 -9.76
CA VAL A 35 5.34 7.94 -9.30
C VAL A 35 4.22 8.22 -8.30
N ILE A 36 2.98 7.82 -8.66
CA ILE A 36 1.78 8.08 -7.85
C ILE A 36 1.39 6.84 -7.03
N GLU A 37 1.13 7.04 -5.72
CA GLU A 37 0.56 6.00 -4.86
C GLU A 37 -0.88 5.73 -5.22
N ALA A 38 -1.21 4.49 -5.49
CA ALA A 38 -2.59 4.11 -5.74
C ALA A 38 -3.33 3.93 -4.40
N LYS A 39 -3.63 5.07 -3.77
CA LYS A 39 -4.27 5.10 -2.46
C LYS A 39 -5.13 6.34 -2.34
N CYS A 40 -6.44 6.15 -2.36
CA CYS A 40 -7.35 7.28 -2.35
C CYS A 40 -7.15 8.08 -1.07
N THR A 41 -7.24 9.40 -1.16
CA THR A 41 -7.21 10.14 0.10
C THR A 41 -8.61 10.44 0.61
N HIS A 42 -9.63 9.75 0.12
CA HIS A 42 -10.82 9.75 0.93
C HIS A 42 -10.54 8.94 2.20
N LEU A 43 -10.79 7.65 2.10
CA LEU A 43 -10.58 6.74 3.22
C LEU A 43 -9.65 5.60 2.83
N GLY A 44 -9.13 5.60 1.61
CA GLY A 44 -7.93 4.81 1.36
C GLY A 44 -8.08 3.61 0.48
N CYS A 45 -9.08 3.57 -0.40
CA CYS A 45 -9.14 2.44 -1.29
C CYS A 45 -8.08 2.56 -2.39
N THR A 46 -8.04 1.55 -3.23
CA THR A 46 -7.04 1.51 -4.27
C THR A 46 -7.79 1.70 -5.57
N PRO A 47 -7.73 2.92 -6.20
CA PRO A 47 -8.57 3.19 -7.34
C PRO A 47 -8.16 2.38 -8.58
N ASN A 48 -8.96 2.54 -9.65
CA ASN A 48 -8.80 1.87 -10.93
C ASN A 48 -8.50 2.93 -11.99
N TRP A 49 -7.40 2.73 -12.70
CA TRP A 49 -7.04 3.58 -13.81
C TRP A 49 -8.09 3.52 -14.89
N LEU A 50 -8.70 4.67 -15.18
CA LEU A 50 -9.81 4.83 -16.11
C LEU A 50 -9.31 5.59 -17.37
N ALA A 51 -8.71 4.85 -18.32
CA ALA A 51 -8.04 5.51 -19.44
C ALA A 51 -9.03 6.29 -20.30
N SER A 52 -9.90 5.59 -21.00
CA SER A 52 -11.10 6.22 -21.53
C SER A 52 -11.92 6.88 -20.43
N GLU A 53 -11.46 8.02 -19.96
CA GLU A 53 -12.09 8.88 -19.00
C GLU A 53 -11.06 9.82 -18.42
N GLY A 54 -9.79 9.46 -18.56
CA GLY A 54 -8.72 10.33 -18.18
C GLY A 54 -8.59 10.58 -16.70
N LYS A 55 -8.90 9.57 -15.86
CA LYS A 55 -8.81 9.77 -14.42
C LYS A 55 -8.68 8.46 -13.68
N PHE A 56 -8.15 8.58 -12.49
CA PHE A 56 -8.18 7.47 -11.55
C PHE A 56 -9.41 7.62 -10.67
N LYS A 57 -10.32 6.63 -10.70
CA LYS A 57 -11.58 6.69 -9.93
C LYS A 57 -11.61 5.68 -8.80
N CYS A 58 -11.78 6.18 -7.57
CA CYS A 58 -11.91 5.32 -6.39
C CYS A 58 -13.27 4.64 -6.34
N PRO A 59 -13.32 3.31 -6.26
CA PRO A 59 -14.62 2.64 -6.30
C PRO A 59 -15.32 2.55 -4.94
N CYS A 60 -14.97 3.38 -3.96
CA CYS A 60 -15.65 3.30 -2.68
C CYS A 60 -16.58 4.51 -2.45
N HIS A 61 -16.04 5.74 -2.31
CA HIS A 61 -16.93 6.91 -2.21
C HIS A 61 -16.74 7.93 -3.33
N GLY A 62 -16.42 7.47 -4.53
CA GLY A 62 -16.32 8.33 -5.70
C GLY A 62 -14.95 8.90 -5.92
N SER A 63 -14.83 10.19 -6.10
CA SER A 63 -13.50 10.76 -6.18
C SER A 63 -12.82 10.38 -7.49
N GLY A 64 -12.78 11.35 -8.38
CA GLY A 64 -11.94 11.29 -9.56
C GLY A 64 -10.65 12.02 -9.30
N PHE A 65 -9.57 11.54 -9.92
CA PHE A 65 -8.30 12.25 -9.92
C PHE A 65 -7.76 12.32 -11.34
N THR A 66 -7.29 13.48 -11.75
CA THR A 66 -6.70 13.57 -13.08
C THR A 66 -5.46 12.64 -13.19
N PRO A 67 -4.90 12.50 -14.40
CA PRO A 67 -3.75 11.60 -14.58
C PRO A 67 -2.53 12.05 -13.83
N ASP A 68 -2.51 13.27 -13.34
CA ASP A 68 -1.41 13.79 -12.56
C ASP A 68 -1.65 13.63 -11.07
N GLY A 69 -2.83 13.15 -10.70
CA GLY A 69 -3.12 12.86 -9.32
C GLY A 69 -3.99 13.89 -8.63
N ILE A 70 -4.05 15.10 -9.18
CA ILE A 70 -4.98 16.15 -8.71
C ILE A 70 -6.38 15.59 -8.52
N ASN A 71 -6.91 15.75 -7.32
CA ASN A 71 -8.31 15.42 -7.04
C ASN A 71 -9.27 16.43 -7.67
N ILE A 72 -10.28 15.92 -8.35
CA ILE A 72 -11.27 16.76 -9.02
C ILE A 72 -12.69 16.53 -8.53
N GLU A 73 -13.21 15.31 -8.63
CA GLU A 73 -14.54 14.95 -8.17
C GLU A 73 -14.49 14.21 -6.82
N GLY A 74 -15.70 13.95 -6.29
CA GLY A 74 -15.89 13.12 -5.13
C GLY A 74 -15.42 13.78 -3.84
N PRO A 75 -15.43 12.99 -2.76
CA PRO A 75 -15.05 13.51 -1.44
C PRO A 75 -13.57 13.72 -1.23
N ALA A 76 -12.72 13.16 -2.09
CA ALA A 76 -11.30 13.18 -1.80
C ALA A 76 -10.81 14.63 -1.77
N PRO A 77 -10.02 15.02 -0.79
CA PRO A 77 -9.76 16.44 -0.56
C PRO A 77 -8.51 16.94 -1.25
N ARG A 78 -7.52 16.09 -1.37
CA ARG A 78 -6.20 16.47 -1.86
C ARG A 78 -5.75 15.51 -2.93
N PRO A 79 -4.69 15.87 -3.67
CA PRO A 79 -4.02 14.93 -4.58
C PRO A 79 -3.57 13.64 -3.93
N LEU A 80 -3.61 12.57 -4.73
CA LEU A 80 -2.81 11.37 -4.47
C LEU A 80 -1.35 11.77 -4.32
N GLU A 81 -0.69 11.17 -3.36
CA GLU A 81 0.70 11.50 -3.05
C GLU A 81 1.64 10.92 -4.10
N ARG A 82 2.85 11.50 -4.17
CA ARG A 82 3.94 11.06 -5.03
C ARG A 82 5.15 10.66 -4.20
N PHE A 83 5.92 9.72 -4.72
CA PHE A 83 7.07 9.18 -4.02
C PHE A 83 8.36 9.66 -4.65
N LYS A 84 9.42 9.62 -3.86
CA LYS A 84 10.74 10.02 -4.36
C LYS A 84 11.30 8.98 -5.36
N VAL A 85 11.47 9.42 -6.61
CA VAL A 85 12.08 8.62 -7.67
C VAL A 85 13.48 9.14 -7.90
N ALA A 86 14.44 8.23 -8.08
CA ALA A 86 15.78 8.67 -8.43
C ALA A 86 16.54 7.60 -9.19
N LEU A 87 17.11 8.00 -10.32
CA LEU A 87 18.07 7.16 -11.06
C LEU A 87 19.13 6.57 -10.13
N GLY A 88 19.40 5.28 -10.30
CA GLY A 88 20.54 4.65 -9.66
C GLY A 88 21.71 4.51 -10.63
N ASP A 89 22.92 4.31 -10.09
CA ASP A 89 24.09 4.18 -10.97
C ASP A 89 24.00 2.92 -11.82
N ASP A 90 22.87 2.23 -11.68
CA ASP A 90 22.26 1.22 -12.53
C ASP A 90 21.92 1.68 -13.91
N GLY A 91 21.48 2.93 -14.01
CA GLY A 91 20.47 3.34 -14.98
C GLY A 91 19.03 3.30 -14.50
N GLN A 92 18.74 2.60 -13.41
CA GLN A 92 17.36 2.20 -13.16
C GLN A 92 16.76 3.03 -12.04
N ILE A 93 15.43 3.16 -12.12
CA ILE A 93 14.67 4.05 -11.26
C ILE A 93 14.51 3.41 -9.89
N ILE A 94 14.91 4.15 -8.88
CA ILE A 94 14.72 3.82 -7.47
C ILE A 94 13.54 4.60 -6.93
N VAL A 95 12.51 3.89 -6.48
CA VAL A 95 11.42 4.49 -5.73
C VAL A 95 11.67 4.28 -4.24
N ASP A 96 11.47 5.34 -3.46
CA ASP A 96 11.63 5.37 -2.02
C ASP A 96 10.29 5.75 -1.38
N GLU A 97 9.51 4.77 -0.93
CA GLU A 97 8.16 5.02 -0.42
C GLU A 97 8.16 5.80 0.90
N SER A 98 9.31 5.93 1.56
CA SER A 98 9.37 6.71 2.79
C SER A 98 9.73 8.16 2.50
N THR A 99 9.18 8.71 1.46
CA THR A 99 9.21 10.15 1.32
C THR A 99 8.33 10.53 0.16
N ARG A 100 7.66 11.65 0.34
CA ARG A 100 6.37 11.89 -0.28
C ARG A 100 6.27 13.38 -0.62
N TYR A 101 5.42 13.65 -1.61
CA TYR A 101 5.20 15.00 -2.09
C TYR A 101 3.71 15.19 -2.31
N ARG A 102 3.14 16.16 -1.61
CA ARG A 102 1.71 16.44 -1.65
C ARG A 102 1.50 17.71 -2.45
N GLY A 103 0.70 17.60 -3.52
CA GLY A 103 0.64 18.68 -4.49
C GLY A 103 0.22 20.00 -3.85
N GLU A 104 -1.06 20.14 -3.57
CA GLU A 104 -1.62 21.27 -2.85
C GLU A 104 -0.65 21.92 -1.86
N ARG A 105 0.30 21.16 -1.30
CA ARG A 105 1.21 21.61 -0.26
C ARG A 105 2.59 22.05 -0.77
N GLY A 106 2.70 22.38 -2.06
CA GLY A 106 3.92 22.97 -2.53
C GLY A 106 5.18 22.16 -2.32
N GLU A 107 5.29 21.00 -3.00
CA GLU A 107 6.43 20.10 -2.93
C GLU A 107 6.50 19.14 -4.12
N TRP A 108 5.46 19.10 -4.99
CA TRP A 108 5.58 18.32 -6.23
C TRP A 108 6.64 18.91 -7.13
N ASP A 109 7.07 20.13 -6.87
CA ASP A 109 8.04 20.78 -7.73
C ASP A 109 9.46 20.51 -7.25
N LYS A 110 9.60 19.73 -6.17
CA LYS A 110 10.81 19.70 -5.38
C LYS A 110 11.76 18.62 -5.90
N PRO A 111 12.93 18.49 -5.30
CA PRO A 111 13.79 17.33 -5.62
C PRO A 111 13.13 16.02 -5.22
N GLY A 112 13.61 14.93 -5.82
CA GLY A 112 12.97 13.66 -5.79
C GLY A 112 11.64 13.59 -6.51
N ALA A 113 10.78 14.60 -6.38
CA ALA A 113 9.41 14.54 -6.87
C ALA A 113 9.31 13.89 -8.22
N PHE A 114 10.34 13.98 -9.04
CA PHE A 114 10.25 13.51 -10.40
C PHE A 114 11.63 13.20 -10.91
N LEU A 115 11.70 13.04 -12.21
CA LEU A 115 12.89 12.66 -12.91
C LEU A 115 12.69 13.25 -14.28
N LYS A 116 13.67 14.00 -14.76
CA LYS A 116 13.46 14.70 -16.02
C LYS A 116 13.75 13.70 -17.13
N VAL A 117 12.87 13.68 -18.13
CA VAL A 117 12.93 12.60 -19.11
C VAL A 117 12.32 13.07 -20.42
N ARG B 1 -6.94 6.18 7.73
CA ARG B 1 -7.95 5.55 8.58
C ARG B 1 -9.23 5.09 7.86
N TYR B 2 -9.71 3.89 8.22
CA TYR B 2 -10.82 3.26 7.52
C TYR B 2 -11.36 2.04 8.29
N SER B 3 -12.51 1.56 7.85
CA SER B 3 -13.28 0.61 8.63
C SER B 3 -13.50 -0.68 7.87
N ILE B 4 -13.13 -1.79 8.50
CA ILE B 4 -13.29 -3.13 7.92
C ILE B 4 -14.43 -3.88 8.61
N GLY B 5 -15.34 -3.20 9.26
CA GLY B 5 -16.58 -3.84 9.64
C GLY B 5 -16.61 -4.53 11.00
N PHE B 6 -17.54 -5.38 11.13
CA PHE B 6 -17.74 -5.99 12.45
C PHE B 6 -16.81 -7.16 12.69
N PRO B 7 -16.35 -7.34 13.92
CA PRO B 7 -15.45 -8.46 14.22
C PRO B 7 -16.00 -9.81 13.81
N SER B 8 -17.32 -10.01 13.88
CA SER B 8 -17.84 -11.37 13.68
C SER B 8 -17.95 -11.71 12.21
N GLN B 9 -17.74 -10.72 11.35
CA GLN B 9 -17.61 -10.90 9.93
C GLN B 9 -16.24 -11.49 9.54
N TYR B 10 -15.61 -12.30 10.39
CA TYR B 10 -14.31 -12.86 10.07
C TYR B 10 -14.17 -14.21 10.74
N ALA B 11 -14.32 -15.28 9.97
CA ALA B 11 -13.94 -16.58 10.45
C ALA B 11 -12.51 -16.50 10.93
N SER B 12 -12.01 -17.58 11.49
CA SER B 12 -10.68 -17.55 12.09
C SER B 12 -9.67 -17.94 11.06
N GLY B 13 -8.44 -17.49 11.27
CA GLY B 13 -7.45 -17.60 10.26
C GLY B 13 -7.36 -16.31 9.48
N VAL B 14 -7.12 -16.40 8.17
CA VAL B 14 -6.66 -15.25 7.39
C VAL B 14 -7.72 -14.83 6.41
N SER B 15 -8.09 -13.56 6.46
CA SER B 15 -9.09 -13.00 5.57
C SER B 15 -8.43 -12.16 4.50
N GLU B 16 -8.96 -12.24 3.28
CA GLU B 16 -8.42 -11.51 2.13
C GLU B 16 -9.40 -10.50 1.60
N LYS B 17 -10.50 -10.31 2.30
CA LYS B 17 -11.53 -9.37 1.87
C LYS B 17 -10.94 -8.07 1.37
N PHE B 18 -10.00 -7.54 2.12
CA PHE B 18 -9.56 -6.17 1.93
C PHE B 18 -8.16 -6.11 1.37
N LYS B 19 -7.64 -7.22 0.84
CA LYS B 19 -6.29 -7.18 0.26
C LYS B 19 -6.28 -6.27 -0.96
N LYS B 20 -7.21 -6.50 -1.91
CA LYS B 20 -7.32 -5.65 -3.09
C LYS B 20 -7.37 -4.17 -2.71
N GLN B 21 -8.27 -3.84 -1.77
CA GLN B 21 -8.71 -2.49 -1.46
C GLN B 21 -7.77 -1.73 -0.53
N PHE B 22 -7.29 -2.37 0.54
CA PHE B 22 -6.44 -1.75 1.55
C PHE B 22 -5.08 -2.42 1.68
N ARG B 23 -4.76 -3.41 0.83
CA ARG B 23 -3.52 -4.16 0.92
C ARG B 23 -3.23 -4.60 2.36
N ILE B 24 -4.21 -5.28 2.97
CA ILE B 24 -4.10 -5.81 4.32
C ILE B 24 -4.67 -7.21 4.31
N TRP B 25 -4.11 -8.05 5.16
CA TRP B 25 -4.75 -9.27 5.62
C TRP B 25 -5.31 -9.07 7.04
N ILE B 26 -6.51 -9.60 7.30
CA ILE B 26 -7.17 -9.47 8.59
C ILE B 26 -7.24 -10.84 9.21
N VAL B 27 -6.66 -10.99 10.39
CA VAL B 27 -6.31 -12.28 10.93
C VAL B 27 -6.91 -12.40 12.32
N LYS B 28 -7.55 -13.54 12.59
CA LYS B 28 -8.15 -13.83 13.87
C LYS B 28 -7.43 -15.08 14.37
N GLU B 29 -6.70 -14.89 15.44
CA GLU B 29 -5.88 -15.90 16.10
C GLU B 29 -6.48 -16.01 17.50
N ASP B 30 -6.87 -17.21 17.91
CA ASP B 30 -7.46 -17.34 19.23
C ASP B 30 -8.49 -16.23 19.52
N ASP B 31 -8.51 -15.74 20.76
CA ASP B 31 -9.17 -14.55 21.31
C ASP B 31 -9.00 -13.25 20.53
N THR B 32 -8.13 -13.20 19.53
CA THR B 32 -7.59 -11.94 19.08
C THR B 32 -7.79 -11.72 17.58
N LEU B 33 -7.75 -10.45 17.18
CA LEU B 33 -7.86 -10.02 15.80
C LEU B 33 -6.81 -8.96 15.57
N TYR B 34 -5.94 -9.17 14.58
CA TYR B 34 -4.89 -8.22 14.24
C TYR B 34 -4.82 -8.03 12.71
N VAL B 35 -4.23 -6.91 12.25
CA VAL B 35 -4.29 -6.56 10.83
C VAL B 35 -2.88 -6.42 10.27
N ILE B 36 -2.56 -7.24 9.28
CA ILE B 36 -1.20 -7.30 8.70
C ILE B 36 -1.15 -6.52 7.40
N GLU B 37 -0.26 -5.53 7.33
CA GLU B 37 0.10 -4.82 6.10
C GLU B 37 0.66 -5.81 5.10
N ALA B 38 0.01 -5.95 3.95
CA ALA B 38 0.45 -6.89 2.93
C ALA B 38 1.63 -6.27 2.16
N LYS B 39 2.74 -6.15 2.89
CA LYS B 39 3.90 -5.48 2.35
C LYS B 39 5.16 -6.25 2.78
N CYS B 40 5.93 -6.67 1.79
CA CYS B 40 7.07 -7.53 2.05
C CYS B 40 8.22 -6.69 2.58
N THR B 41 8.81 -7.14 3.66
CA THR B 41 9.82 -6.30 4.27
C THR B 41 11.21 -6.50 3.64
N HIS B 42 11.27 -7.17 2.50
CA HIS B 42 12.45 -7.17 1.65
C HIS B 42 12.53 -5.96 0.72
N LEU B 43 11.97 -6.07 -0.50
CA LEU B 43 11.89 -4.97 -1.45
C LEU B 43 10.45 -4.59 -1.79
N GLY B 44 9.58 -4.55 -0.78
CA GLY B 44 8.26 -3.96 -0.86
C GLY B 44 7.28 -4.62 -1.79
N CYS B 45 7.55 -5.83 -2.27
CA CYS B 45 6.57 -6.48 -3.11
C CYS B 45 5.36 -6.85 -2.26
N THR B 46 4.27 -7.13 -2.93
CA THR B 46 3.08 -7.55 -2.24
C THR B 46 3.06 -9.06 -2.35
N PRO B 47 3.25 -9.82 -1.24
CA PRO B 47 3.17 -11.28 -1.33
C PRO B 47 1.71 -11.67 -1.33
N ASN B 48 1.44 -12.96 -1.21
CA ASN B 48 0.14 -13.54 -1.43
C ASN B 48 -0.14 -14.58 -0.36
N TRP B 49 -1.31 -14.49 0.23
CA TRP B 49 -1.79 -15.53 1.10
C TRP B 49 -2.02 -16.81 0.32
N LEU B 50 -1.61 -17.93 0.95
CA LEU B 50 -1.31 -19.20 0.32
C LEU B 50 -1.80 -20.31 1.28
N ALA B 51 -3.06 -20.70 1.10
CA ALA B 51 -3.77 -21.49 2.11
C ALA B 51 -3.10 -22.83 2.40
N SER B 52 -3.27 -23.81 1.51
CA SER B 52 -2.42 -24.98 1.53
C SER B 52 -0.96 -24.59 1.51
N GLU B 53 -0.42 -24.26 2.67
CA GLU B 53 0.99 -23.99 2.92
C GLU B 53 1.16 -23.11 4.12
N GLY B 54 0.06 -22.56 4.61
CA GLY B 54 0.13 -21.71 5.77
C GLY B 54 1.16 -20.62 5.63
N LYS B 55 1.37 -20.11 4.41
CA LYS B 55 2.35 -19.08 4.13
C LYS B 55 1.73 -17.89 3.42
N PHE B 56 2.22 -16.71 3.75
CA PHE B 56 2.25 -15.64 2.77
C PHE B 56 3.55 -15.82 1.99
N LYS B 57 3.47 -15.75 0.66
CA LYS B 57 4.58 -16.06 -0.24
C LYS B 57 4.84 -14.90 -1.18
N CYS B 58 6.05 -14.36 -1.12
CA CYS B 58 6.36 -13.19 -1.90
C CYS B 58 6.92 -13.61 -3.25
N PRO B 59 6.25 -13.25 -4.35
CA PRO B 59 6.62 -13.81 -5.65
C PRO B 59 7.91 -13.25 -6.24
N CYS B 60 8.46 -12.16 -5.71
CA CYS B 60 9.54 -11.51 -6.43
C CYS B 60 10.85 -12.23 -6.22
N HIS B 61 11.37 -12.21 -4.98
CA HIS B 61 12.56 -12.96 -4.58
C HIS B 61 12.31 -13.96 -3.44
N GLY B 62 11.07 -14.32 -3.16
CA GLY B 62 10.78 -15.59 -2.51
C GLY B 62 10.53 -15.62 -1.02
N SER B 63 10.40 -14.49 -0.34
CA SER B 63 10.23 -14.54 1.11
C SER B 63 8.95 -15.29 1.52
N GLY B 64 9.06 -16.00 2.64
CA GLY B 64 7.94 -16.75 3.20
C GLY B 64 7.65 -16.29 4.61
N PHE B 65 6.34 -16.12 4.91
CA PHE B 65 5.87 -15.72 6.22
C PHE B 65 4.79 -16.67 6.75
N THR B 66 4.81 -16.92 8.06
CA THR B 66 3.73 -17.75 8.62
C THR B 66 2.44 -16.92 8.69
N PRO B 67 1.31 -17.54 9.06
CA PRO B 67 0.03 -16.80 9.08
C PRO B 67 0.00 -15.64 10.06
N ASP B 68 0.91 -15.59 11.03
CA ASP B 68 1.08 -14.42 11.89
C ASP B 68 2.00 -13.37 11.27
N GLY B 69 2.47 -13.61 10.07
CA GLY B 69 3.41 -12.74 9.41
C GLY B 69 4.85 -12.78 9.92
N ILE B 70 5.22 -13.68 10.85
CA ILE B 70 6.63 -13.72 11.23
C ILE B 70 7.41 -14.29 10.06
N ASN B 71 8.57 -13.69 9.81
CA ASN B 71 9.42 -14.10 8.71
C ASN B 71 10.18 -15.34 9.08
N ILE B 72 9.92 -16.38 8.32
CA ILE B 72 10.61 -17.64 8.49
C ILE B 72 11.65 -17.86 7.42
N GLU B 73 11.54 -17.14 6.29
CA GLU B 73 12.45 -17.36 5.18
C GLU B 73 12.33 -16.28 4.10
N GLY B 74 12.67 -16.70 2.85
CA GLY B 74 13.44 -15.92 1.89
C GLY B 74 14.40 -14.95 2.54
N PRO B 75 14.68 -13.84 1.83
CA PRO B 75 15.58 -12.79 2.34
C PRO B 75 14.99 -11.79 3.31
N ALA B 76 13.68 -11.79 3.58
CA ALA B 76 13.09 -10.70 4.34
C ALA B 76 13.64 -10.73 5.76
N PRO B 77 14.06 -9.60 6.31
CA PRO B 77 14.75 -9.56 7.62
C PRO B 77 13.86 -9.36 8.83
N ARG B 78 12.55 -9.51 8.73
CA ARG B 78 11.71 -9.08 9.82
C ARG B 78 10.28 -9.48 9.54
N PRO B 79 9.45 -9.57 10.57
CA PRO B 79 8.03 -9.89 10.34
C PRO B 79 7.33 -8.77 9.59
N LEU B 80 6.28 -9.13 8.82
CA LEU B 80 5.32 -8.17 8.28
C LEU B 80 4.73 -7.33 9.40
N GLU B 81 4.46 -6.06 9.12
CA GLU B 81 4.04 -5.11 10.14
C GLU B 81 2.53 -5.19 10.39
N ARG B 82 2.11 -4.56 11.49
CA ARG B 82 0.71 -4.53 11.87
C ARG B 82 0.24 -3.12 12.18
N PHE B 83 -1.06 -2.88 11.96
CA PHE B 83 -1.65 -1.57 12.12
C PHE B 83 -2.53 -1.48 13.36
N LYS B 84 -2.73 -0.25 13.84
CA LYS B 84 -3.63 0.05 14.95
C LYS B 84 -5.06 -0.36 14.60
N VAL B 85 -5.78 -0.97 15.56
CA VAL B 85 -7.13 -1.44 15.29
C VAL B 85 -8.00 -1.31 16.53
N ALA B 86 -9.05 -0.53 16.41
CA ALA B 86 -9.93 -0.25 17.52
C ALA B 86 -11.38 -0.32 17.05
N LEU B 87 -12.26 -0.67 17.99
CA LEU B 87 -13.71 -0.52 17.79
C LEU B 87 -14.15 0.92 17.88
N GLY B 88 -14.86 1.40 16.83
CA GLY B 88 -15.48 2.71 16.84
C GLY B 88 -16.77 2.75 17.66
N ASP B 89 -17.46 3.88 17.64
CA ASP B 89 -18.62 4.01 18.54
C ASP B 89 -19.77 3.10 18.11
N ASP B 90 -19.59 2.44 16.97
CA ASP B 90 -20.66 1.80 16.23
C ASP B 90 -20.45 0.31 16.09
N GLY B 91 -19.36 -0.22 16.66
CA GLY B 91 -19.10 -1.63 16.67
C GLY B 91 -18.17 -2.14 15.60
N GLN B 92 -17.80 -1.30 14.64
CA GLN B 92 -16.97 -1.73 13.54
C GLN B 92 -15.51 -1.39 13.76
N ILE B 93 -14.65 -2.13 13.08
CA ILE B 93 -13.21 -2.06 13.26
C ILE B 93 -12.69 -0.87 12.48
N ILE B 94 -11.90 -0.05 13.15
CA ILE B 94 -11.20 1.06 12.55
C ILE B 94 -9.74 0.66 12.46
N VAL B 95 -9.16 0.79 11.26
CA VAL B 95 -7.72 0.66 11.04
C VAL B 95 -7.14 2.04 10.80
N ASP B 96 -6.18 2.46 11.62
CA ASP B 96 -5.34 3.62 11.33
C ASP B 96 -3.95 3.19 10.83
N GLU B 97 -3.61 3.57 9.61
CA GLU B 97 -2.30 3.20 9.08
C GLU B 97 -1.17 4.10 9.60
N SER B 98 -1.47 5.35 9.97
CA SER B 98 -0.45 6.25 10.48
C SER B 98 0.56 5.49 11.33
N THR B 99 0.06 4.78 12.34
CA THR B 99 0.86 4.02 13.30
C THR B 99 1.08 2.62 12.76
N ARG B 100 1.81 1.79 13.55
CA ARG B 100 2.26 0.46 13.14
C ARG B 100 3.04 -0.18 14.29
N TYR B 101 3.15 -1.51 14.26
CA TYR B 101 3.71 -2.32 15.33
C TYR B 101 4.67 -3.35 14.75
N ARG B 102 5.95 -3.21 15.11
CA ARG B 102 7.03 -4.01 14.53
C ARG B 102 7.32 -5.21 15.44
N GLY B 103 7.00 -6.40 14.96
CA GLY B 103 7.16 -7.60 15.77
C GLY B 103 8.60 -7.93 16.13
N GLU B 104 9.59 -7.36 15.44
CA GLU B 104 10.95 -7.52 15.94
C GLU B 104 11.10 -6.81 17.27
N ARG B 105 10.42 -5.68 17.40
CA ARG B 105 10.42 -4.87 18.61
C ARG B 105 9.35 -5.32 19.59
N GLY B 106 8.86 -6.55 19.44
CA GLY B 106 7.66 -7.01 20.12
C GLY B 106 6.65 -5.94 20.42
N GLU B 107 6.28 -5.12 19.43
CA GLU B 107 5.27 -4.10 19.66
C GLU B 107 3.87 -4.68 19.59
N TRP B 108 3.77 -5.97 19.27
CA TRP B 108 2.52 -6.62 18.94
C TRP B 108 1.59 -6.75 20.13
N ASP B 109 2.13 -6.68 21.35
CA ASP B 109 1.27 -6.81 22.52
C ASP B 109 0.95 -5.47 23.13
N LYS B 110 1.07 -4.41 22.32
CA LYS B 110 0.87 -3.03 22.75
C LYS B 110 -0.60 -2.66 22.63
N PRO B 111 -1.01 -1.57 23.28
CA PRO B 111 -2.40 -1.11 23.13
C PRO B 111 -2.71 -0.75 21.69
N GLY B 112 -3.36 -1.68 21.01
CA GLY B 112 -3.92 -1.44 19.71
C GLY B 112 -3.19 -2.14 18.58
N ALA B 113 -2.47 -3.21 18.89
CA ALA B 113 -1.88 -4.01 17.84
C ALA B 113 -2.71 -5.23 17.56
N PHE B 114 -3.93 -5.24 18.04
CA PHE B 114 -4.79 -6.43 18.10
C PHE B 114 -5.94 -6.13 19.03
N LEU B 115 -7.08 -6.75 18.72
CA LEU B 115 -8.35 -6.58 19.43
C LEU B 115 -8.74 -7.91 20.05
N LYS B 116 -9.37 -7.86 21.22
CA LYS B 116 -9.98 -9.04 21.82
C LYS B 116 -11.34 -9.22 21.21
N VAL B 117 -11.64 -10.47 20.83
CA VAL B 117 -12.81 -10.86 20.01
C VAL B 117 -13.12 -12.34 20.35
FE1 FES C . -13.94 6.80 -0.68
FE2 FES C . -11.80 6.76 -2.44
S1 FES C . -12.00 5.63 -0.55
S2 FES C . -13.68 8.08 -2.45
FE1 FES D . 11.97 -9.60 -2.40
FE2 FES D . 9.47 -9.88 -1.16
S1 FES D . 10.29 -8.09 -2.18
S2 FES D . 11.20 -11.44 -1.46
N ARG A 1 11.98 1.32 -0.22
CA ARG A 1 12.84 1.44 -1.39
C ARG A 1 12.87 0.23 -2.32
N TYR A 2 12.30 0.38 -3.51
CA TYR A 2 12.46 -0.62 -4.56
C TYR A 2 13.00 0.08 -5.82
N SER A 3 12.60 -0.43 -6.99
CA SER A 3 13.30 -0.26 -8.25
C SER A 3 12.36 -0.68 -9.36
N ILE A 4 12.13 0.19 -10.33
CA ILE A 4 11.05 -0.07 -11.27
C ILE A 4 11.60 -0.05 -12.68
N GLY A 5 12.91 -0.33 -12.83
CA GLY A 5 13.53 -0.53 -14.12
C GLY A 5 13.95 0.76 -14.81
N PHE A 6 14.20 0.65 -16.12
CA PHE A 6 14.76 1.74 -16.89
C PHE A 6 13.71 2.75 -17.31
N PRO A 7 14.00 4.04 -17.21
CA PRO A 7 13.05 5.06 -17.67
C PRO A 7 12.48 4.83 -19.07
N SER A 8 13.22 4.24 -20.01
CA SER A 8 12.68 4.12 -21.35
C SER A 8 11.60 3.06 -21.44
N GLN A 9 11.54 2.16 -20.44
CA GLN A 9 10.45 1.20 -20.25
C GLN A 9 9.13 1.88 -19.82
N TYR A 10 8.92 3.14 -20.16
CA TYR A 10 7.69 3.82 -19.84
C TYR A 10 7.29 4.64 -21.03
N ALA A 11 6.01 4.74 -21.27
CA ALA A 11 5.51 5.61 -22.29
C ALA A 11 4.88 6.85 -21.65
N SER A 12 4.66 7.86 -22.46
CA SER A 12 3.85 8.95 -21.98
C SER A 12 2.55 8.36 -21.46
N GLY A 13 2.03 8.97 -20.41
CA GLY A 13 0.77 8.51 -19.90
C GLY A 13 0.96 7.62 -18.68
N VAL A 14 0.03 6.72 -18.45
CA VAL A 14 -0.08 5.97 -17.21
C VAL A 14 0.29 4.52 -17.44
N SER A 15 1.23 4.04 -16.65
CA SER A 15 1.61 2.64 -16.68
C SER A 15 1.10 1.95 -15.42
N GLU A 16 0.47 0.79 -15.60
CA GLU A 16 0.04 -0.06 -14.50
C GLU A 16 1.00 -1.23 -14.28
N LYS A 17 2.23 -1.12 -14.79
CA LYS A 17 3.14 -2.27 -14.78
C LYS A 17 3.33 -2.80 -13.38
N PHE A 18 3.26 -1.91 -12.40
CA PHE A 18 3.64 -2.17 -11.03
C PHE A 18 2.50 -1.89 -10.07
N LYS A 19 1.26 -1.86 -10.57
CA LYS A 19 0.19 -1.56 -9.63
C LYS A 19 -0.12 -2.77 -8.76
N LYS A 20 -0.21 -3.96 -9.37
CA LYS A 20 -0.32 -5.21 -8.61
C LYS A 20 0.67 -5.23 -7.45
N GLN A 21 1.91 -4.85 -7.72
CA GLN A 21 3.02 -5.34 -6.94
C GLN A 21 3.51 -4.31 -5.93
N PHE A 22 3.48 -3.03 -6.32
CA PHE A 22 3.94 -1.97 -5.42
C PHE A 22 2.87 -0.94 -5.14
N ARG A 23 1.65 -1.14 -5.66
CA ARG A 23 0.53 -0.23 -5.45
C ARG A 23 0.87 1.19 -5.92
N ILE A 24 1.29 1.29 -7.19
CA ILE A 24 1.81 2.52 -7.76
C ILE A 24 1.39 2.63 -9.22
N TRP A 25 1.19 3.88 -9.63
CA TRP A 25 1.20 4.27 -11.02
C TRP A 25 2.52 4.97 -11.35
N ILE A 26 3.05 4.70 -12.55
CA ILE A 26 4.23 5.37 -13.06
C ILE A 26 3.78 6.19 -14.25
N VAL A 27 4.02 7.50 -14.19
CA VAL A 27 3.40 8.47 -15.06
C VAL A 27 4.50 9.26 -15.76
N LYS A 28 4.49 9.28 -17.07
CA LYS A 28 5.42 10.10 -17.83
C LYS A 28 4.57 11.23 -18.45
N GLU A 29 4.83 12.45 -18.02
CA GLU A 29 4.03 13.62 -18.39
C GLU A 29 4.97 14.66 -18.99
N ASP A 30 4.80 14.92 -20.28
CA ASP A 30 5.74 15.78 -21.01
C ASP A 30 7.15 15.43 -20.57
N ASP A 31 7.97 16.38 -20.05
CA ASP A 31 9.38 16.06 -19.85
C ASP A 31 9.67 15.23 -18.59
N THR A 32 8.64 14.76 -17.88
CA THR A 32 8.81 14.22 -16.55
C THR A 32 8.44 12.74 -16.45
N LEU A 33 8.62 12.26 -15.24
CA LEU A 33 8.25 10.93 -14.81
C LEU A 33 8.17 11.01 -13.30
N TYR A 34 6.97 10.86 -12.75
CA TYR A 34 6.79 10.83 -11.29
C TYR A 34 6.08 9.53 -10.87
N VAL A 35 6.05 9.25 -9.57
CA VAL A 35 5.44 8.00 -9.08
C VAL A 35 4.30 8.32 -8.12
N ILE A 36 3.07 7.92 -8.50
CA ILE A 36 1.87 8.20 -7.71
C ILE A 36 1.46 6.96 -6.88
N GLU A 37 1.41 7.13 -5.56
CA GLU A 37 0.79 6.15 -4.66
C GLU A 37 -0.67 5.95 -5.00
N ALA A 38 -1.08 4.74 -5.28
CA ALA A 38 -2.49 4.45 -5.51
C ALA A 38 -3.22 4.26 -4.17
N LYS A 39 -3.22 5.34 -3.38
CA LYS A 39 -3.97 5.38 -2.13
C LYS A 39 -4.86 6.62 -2.12
N CYS A 40 -6.14 6.39 -1.87
CA CYS A 40 -7.08 7.48 -1.83
C CYS A 40 -6.86 8.32 -0.58
N THR A 41 -6.76 9.62 -0.80
CA THR A 41 -6.53 10.54 0.29
C THR A 41 -7.82 10.91 1.02
N HIS A 42 -8.91 10.20 0.73
CA HIS A 42 -10.10 10.17 1.57
C HIS A 42 -10.04 9.14 2.70
N LEU A 43 -10.52 7.91 2.45
CA LEU A 43 -10.51 6.80 3.40
C LEU A 43 -9.73 5.57 2.90
N GLY A 44 -8.73 5.75 2.03
CA GLY A 44 -7.69 4.75 1.87
C GLY A 44 -7.95 3.67 0.84
N CYS A 45 -9.03 3.75 0.06
CA CYS A 45 -9.31 2.72 -0.93
C CYS A 45 -8.28 2.83 -2.08
N THR A 46 -8.20 1.78 -2.90
CA THR A 46 -7.20 1.77 -3.95
C THR A 46 -7.90 2.09 -5.25
N PRO A 47 -7.77 3.33 -5.79
CA PRO A 47 -8.56 3.69 -6.96
C PRO A 47 -8.06 2.93 -8.17
N ASN A 48 -8.66 3.21 -9.34
CA ASN A 48 -8.47 2.42 -10.53
C ASN A 48 -8.49 3.29 -11.76
N TRP A 49 -7.31 3.43 -12.35
CA TRP A 49 -7.09 3.92 -13.71
C TRP A 49 -8.19 3.51 -14.69
N LEU A 50 -8.97 4.50 -15.17
CA LEU A 50 -9.85 4.35 -16.35
C LEU A 50 -9.34 5.28 -17.48
N ALA A 51 -8.87 4.66 -18.54
CA ALA A 51 -8.20 5.40 -19.58
C ALA A 51 -9.20 6.14 -20.46
N SER A 52 -10.17 5.41 -21.00
CA SER A 52 -11.35 6.04 -21.58
C SER A 52 -12.14 6.79 -20.53
N GLU A 53 -11.68 7.97 -20.16
CA GLU A 53 -12.27 8.83 -19.17
C GLU A 53 -11.22 9.69 -18.54
N GLY A 54 -9.96 9.35 -18.80
CA GLY A 54 -8.86 10.17 -18.38
C GLY A 54 -8.70 10.28 -16.88
N LYS A 55 -9.05 9.25 -16.10
CA LYS A 55 -9.10 9.47 -14.66
C LYS A 55 -8.87 8.18 -13.85
N PHE A 56 -8.27 8.38 -12.70
CA PHE A 56 -8.32 7.39 -11.66
C PHE A 56 -9.65 7.53 -10.94
N LYS A 57 -10.34 6.43 -10.67
CA LYS A 57 -11.63 6.54 -9.98
C LYS A 57 -11.69 5.56 -8.81
N CYS A 58 -11.78 6.14 -7.58
CA CYS A 58 -11.96 5.41 -6.33
C CYS A 58 -13.38 4.85 -6.23
N PRO A 59 -13.54 3.54 -6.22
CA PRO A 59 -14.87 2.95 -6.29
C PRO A 59 -15.70 3.21 -5.03
N CYS A 60 -15.03 3.77 -4.01
CA CYS A 60 -15.49 3.75 -2.65
C CYS A 60 -16.74 4.59 -2.50
N HIS A 61 -16.56 5.89 -2.48
CA HIS A 61 -17.67 6.82 -2.35
C HIS A 61 -17.86 7.56 -3.68
N GLY A 62 -16.80 7.62 -4.49
CA GLY A 62 -16.90 8.01 -5.90
C GLY A 62 -15.73 8.78 -6.45
N SER A 63 -14.77 9.18 -5.63
CA SER A 63 -13.69 10.07 -6.03
C SER A 63 -13.01 9.73 -7.37
N GLY A 64 -12.77 10.77 -8.15
CA GLY A 64 -12.05 10.64 -9.41
C GLY A 64 -10.89 11.62 -9.46
N PHE A 65 -9.79 11.20 -10.12
CA PHE A 65 -8.57 11.97 -10.21
C PHE A 65 -8.08 12.05 -11.66
N THR A 66 -7.49 13.19 -12.03
CA THR A 66 -6.92 13.25 -13.35
C THR A 66 -5.63 12.39 -13.42
N PRO A 67 -5.01 12.30 -14.59
CA PRO A 67 -3.79 11.49 -14.73
C PRO A 67 -2.59 12.08 -14.07
N ASP A 68 -2.73 13.20 -13.40
CA ASP A 68 -1.64 13.74 -12.63
C ASP A 68 -1.88 13.60 -11.15
N GLY A 69 -3.01 13.00 -10.78
CA GLY A 69 -3.35 12.77 -9.41
C GLY A 69 -4.32 13.77 -8.82
N ILE A 70 -4.44 14.96 -9.42
CA ILE A 70 -5.39 15.97 -8.97
C ILE A 70 -6.74 15.32 -8.70
N ASN A 71 -7.29 15.59 -7.53
CA ASN A 71 -8.65 15.14 -7.21
C ASN A 71 -9.67 16.05 -7.89
N ILE A 72 -10.62 15.45 -8.59
CA ILE A 72 -11.62 16.21 -9.34
C ILE A 72 -13.05 15.80 -9.01
N GLU A 73 -13.31 14.57 -8.57
CA GLU A 73 -14.67 14.21 -8.13
C GLU A 73 -14.64 13.36 -6.85
N GLY A 74 -15.88 12.98 -6.43
CA GLY A 74 -16.17 12.49 -5.11
C GLY A 74 -15.60 13.38 -4.02
N PRO A 75 -15.40 12.80 -2.82
CA PRO A 75 -14.87 13.57 -1.69
C PRO A 75 -13.45 13.26 -1.34
N ALA A 76 -12.59 12.94 -2.30
CA ALA A 76 -11.19 12.95 -1.98
C ALA A 76 -10.80 14.42 -1.80
N PRO A 77 -10.12 14.77 -0.72
CA PRO A 77 -9.88 16.20 -0.45
C PRO A 77 -8.63 16.72 -1.12
N ARG A 78 -7.79 15.84 -1.61
CA ARG A 78 -6.46 16.24 -2.02
C ARG A 78 -5.91 15.28 -3.06
N PRO A 79 -4.97 15.75 -3.89
CA PRO A 79 -4.26 14.87 -4.83
C PRO A 79 -3.72 13.62 -4.18
N LEU A 80 -3.71 12.55 -5.00
CA LEU A 80 -2.96 11.34 -4.71
C LEU A 80 -1.48 11.68 -4.58
N GLU A 81 -0.83 11.07 -3.61
CA GLU A 81 0.54 11.46 -3.26
C GLU A 81 1.56 10.90 -4.26
N ARG A 82 2.79 11.43 -4.15
CA ARG A 82 3.92 11.07 -5.00
C ARG A 82 5.13 10.68 -4.14
N PHE A 83 5.93 9.75 -4.65
CA PHE A 83 7.11 9.28 -3.94
C PHE A 83 8.40 9.75 -4.60
N LYS A 84 9.46 9.78 -3.81
CA LYS A 84 10.76 10.11 -4.35
C LYS A 84 11.17 9.10 -5.43
N VAL A 85 11.81 9.61 -6.48
CA VAL A 85 12.38 8.81 -7.53
C VAL A 85 13.82 9.21 -7.62
N ALA A 86 14.67 8.27 -7.98
CA ALA A 86 16.02 8.65 -8.34
C ALA A 86 16.65 7.59 -9.21
N LEU A 87 17.16 8.02 -10.35
CA LEU A 87 18.03 7.20 -11.18
C LEU A 87 19.13 6.55 -10.33
N GLY A 88 19.16 5.21 -10.28
CA GLY A 88 20.22 4.49 -9.60
C GLY A 88 21.54 4.44 -10.39
N ASP A 89 22.52 3.69 -9.86
CA ASP A 89 23.87 3.69 -10.43
C ASP A 89 24.00 2.73 -11.60
N ASP A 90 23.12 1.73 -11.65
CA ASP A 90 22.96 0.84 -12.78
C ASP A 90 21.99 1.39 -13.81
N GLY A 91 21.54 2.63 -13.63
CA GLY A 91 20.60 3.28 -14.55
C GLY A 91 19.15 3.21 -14.16
N GLN A 92 18.76 2.25 -13.33
CA GLN A 92 17.35 1.97 -13.16
C GLN A 92 16.76 2.83 -12.05
N ILE A 93 15.48 3.17 -12.23
CA ILE A 93 14.73 4.05 -11.35
C ILE A 93 14.60 3.43 -9.96
N ILE A 94 14.89 4.23 -8.96
CA ILE A 94 14.79 3.87 -7.56
C ILE A 94 13.61 4.63 -6.95
N VAL A 95 12.59 3.91 -6.49
CA VAL A 95 11.46 4.49 -5.77
C VAL A 95 11.71 4.35 -4.29
N ASP A 96 11.60 5.45 -3.55
CA ASP A 96 11.65 5.46 -2.09
C ASP A 96 10.31 5.93 -1.53
N GLU A 97 9.46 4.98 -1.14
CA GLU A 97 8.09 5.22 -0.64
C GLU A 97 8.06 6.01 0.66
N SER A 98 9.23 6.27 1.23
CA SER A 98 9.35 6.96 2.51
C SER A 98 9.93 8.35 2.33
N THR A 99 9.38 9.10 1.40
CA THR A 99 9.39 10.56 1.46
C THR A 99 8.65 11.04 0.24
N ARG A 100 7.69 11.93 0.49
CA ARG A 100 6.49 11.99 -0.33
C ARG A 100 6.21 13.43 -0.68
N TYR A 101 5.19 13.63 -1.53
CA TYR A 101 4.89 14.92 -2.12
C TYR A 101 3.39 15.02 -2.40
N ARG A 102 2.72 15.93 -1.70
CA ARG A 102 1.39 16.39 -2.09
C ARG A 102 1.48 17.75 -2.80
N GLY A 103 1.02 17.81 -4.05
CA GLY A 103 1.11 19.04 -4.80
C GLY A 103 0.37 20.21 -4.18
N GLU A 104 -0.51 19.93 -3.20
CA GLU A 104 -1.26 21.04 -2.58
C GLU A 104 -0.42 21.82 -1.60
N ARG A 105 0.75 21.31 -1.21
CA ARG A 105 1.78 22.11 -0.58
C ARG A 105 2.91 22.41 -1.57
N GLY A 106 2.58 22.44 -2.86
CA GLY A 106 3.52 22.64 -3.95
C GLY A 106 4.84 21.90 -3.83
N GLU A 107 4.84 20.60 -3.62
CA GLU A 107 6.11 19.94 -3.48
C GLU A 107 6.43 19.06 -4.68
N TRP A 108 5.55 19.01 -5.67
CA TRP A 108 5.89 18.42 -6.96
C TRP A 108 6.93 19.26 -7.69
N ASP A 109 7.52 20.24 -7.00
CA ASP A 109 8.72 20.92 -7.50
C ASP A 109 9.98 20.42 -6.79
N LYS A 110 9.83 19.89 -5.57
CA LYS A 110 10.95 19.56 -4.69
C LYS A 110 11.93 18.65 -5.42
N PRO A 111 13.14 18.49 -4.89
CA PRO A 111 13.96 17.34 -5.26
C PRO A 111 13.18 16.03 -5.17
N GLY A 112 13.59 15.07 -6.00
CA GLY A 112 13.07 13.73 -6.02
C GLY A 112 11.65 13.57 -6.52
N ALA A 113 10.84 14.62 -6.52
CA ALA A 113 9.47 14.42 -6.94
C ALA A 113 9.36 13.95 -8.37
N PHE A 114 10.45 13.98 -9.13
CA PHE A 114 10.37 13.77 -10.56
C PHE A 114 11.75 13.48 -11.10
N LEU A 115 11.75 12.85 -12.24
CA LEU A 115 12.97 12.43 -12.87
C LEU A 115 12.88 13.03 -14.26
N LYS A 116 13.93 13.74 -14.67
CA LYS A 116 13.85 14.45 -15.93
C LYS A 116 14.08 13.47 -17.06
N VAL A 117 13.34 13.66 -18.15
CA VAL A 117 13.68 12.97 -19.43
C VAL A 117 13.38 13.85 -20.64
N ARG B 1 -6.97 6.07 8.03
CA ARG B 1 -8.03 5.44 8.84
C ARG B 1 -9.27 5.01 8.07
N TYR B 2 -9.78 3.81 8.34
CA TYR B 2 -10.95 3.27 7.63
C TYR B 2 -11.57 2.07 8.36
N SER B 3 -12.84 1.80 8.01
CA SER B 3 -13.65 0.69 8.50
C SER B 3 -13.35 -0.61 7.74
N ILE B 4 -13.51 -1.73 8.44
CA ILE B 4 -13.56 -3.05 7.84
C ILE B 4 -14.68 -3.86 8.51
N GLY B 5 -15.59 -3.22 9.21
CA GLY B 5 -16.83 -3.91 9.51
C GLY B 5 -16.88 -4.63 10.84
N PHE B 6 -17.80 -5.52 10.95
CA PHE B 6 -17.94 -6.13 12.26
C PHE B 6 -17.00 -7.32 12.45
N PRO B 7 -16.47 -7.49 13.67
CA PRO B 7 -15.56 -8.62 13.95
C PRO B 7 -16.14 -9.98 13.60
N SER B 8 -17.45 -10.15 13.73
CA SER B 8 -18.02 -11.50 13.62
C SER B 8 -17.87 -12.06 12.22
N GLN B 9 -17.76 -11.17 11.23
CA GLN B 9 -17.47 -11.42 9.83
C GLN B 9 -16.01 -11.93 9.62
N TYR B 10 -15.35 -12.53 10.61
CA TYR B 10 -13.95 -12.89 10.45
C TYR B 10 -13.70 -14.19 11.18
N ALA B 11 -13.63 -15.26 10.42
CA ALA B 11 -13.28 -16.54 10.94
C ALA B 11 -11.84 -16.50 11.45
N SER B 12 -11.57 -17.24 12.52
CA SER B 12 -10.19 -17.65 12.71
C SER B 12 -9.58 -17.92 11.34
N GLY B 13 -8.34 -17.50 11.18
CA GLY B 13 -7.70 -17.65 9.91
C GLY B 13 -7.36 -16.33 9.29
N VAL B 14 -6.92 -16.37 8.05
CA VAL B 14 -6.54 -15.18 7.31
C VAL B 14 -7.66 -14.82 6.38
N SER B 15 -8.12 -13.60 6.45
CA SER B 15 -9.16 -13.10 5.56
C SER B 15 -8.52 -12.19 4.54
N GLU B 16 -8.94 -12.35 3.29
CA GLU B 16 -8.40 -11.58 2.17
C GLU B 16 -9.36 -10.52 1.71
N LYS B 17 -10.49 -10.39 2.38
CA LYS B 17 -11.58 -9.50 1.95
C LYS B 17 -11.03 -8.18 1.45
N PHE B 18 -10.02 -7.66 2.13
CA PHE B 18 -9.59 -6.30 1.93
C PHE B 18 -8.17 -6.20 1.38
N LYS B 19 -7.60 -7.30 0.89
CA LYS B 19 -6.22 -7.20 0.38
C LYS B 19 -6.18 -6.30 -0.86
N LYS B 20 -7.12 -6.52 -1.80
CA LYS B 20 -7.22 -5.71 -3.02
C LYS B 20 -7.28 -4.23 -2.69
N GLN B 21 -8.15 -3.86 -1.76
CA GLN B 21 -8.60 -2.48 -1.56
C GLN B 21 -7.79 -1.74 -0.51
N PHE B 22 -7.25 -2.45 0.48
CA PHE B 22 -6.50 -1.81 1.56
C PHE B 22 -5.11 -2.42 1.76
N ARG B 23 -4.69 -3.37 0.91
CA ARG B 23 -3.41 -4.07 1.09
C ARG B 23 -3.18 -4.50 2.54
N ILE B 24 -4.17 -5.23 3.08
CA ILE B 24 -4.12 -5.76 4.44
C ILE B 24 -4.68 -7.17 4.39
N TRP B 25 -4.13 -8.02 5.23
CA TRP B 25 -4.81 -9.21 5.70
C TRP B 25 -5.43 -8.98 7.09
N ILE B 26 -6.56 -9.61 7.36
CA ILE B 26 -7.23 -9.54 8.67
C ILE B 26 -7.27 -10.94 9.24
N VAL B 27 -6.65 -11.12 10.41
CA VAL B 27 -6.29 -12.42 10.94
C VAL B 27 -6.92 -12.59 12.32
N LYS B 28 -7.69 -13.65 12.50
CA LYS B 28 -8.28 -13.98 13.80
C LYS B 28 -7.56 -15.24 14.24
N GLU B 29 -6.92 -15.15 15.39
CA GLU B 29 -6.10 -16.22 15.95
C GLU B 29 -6.64 -16.43 17.36
N ASP B 30 -7.06 -17.65 17.70
CA ASP B 30 -7.35 -17.97 19.09
C ASP B 30 -7.84 -16.72 19.82
N ASP B 31 -7.09 -16.35 20.87
CA ASP B 31 -6.94 -15.00 21.38
C ASP B 31 -6.30 -14.01 20.39
N THR B 32 -7.09 -13.46 19.42
CA THR B 32 -6.93 -12.10 18.90
C THR B 32 -7.52 -11.88 17.48
N LEU B 33 -7.84 -10.63 17.17
CA LEU B 33 -7.96 -10.14 15.79
C LEU B 33 -6.89 -9.07 15.56
N TYR B 34 -6.08 -9.22 14.49
CA TYR B 34 -5.05 -8.23 14.14
C TYR B 34 -4.95 -8.01 12.63
N VAL B 35 -4.28 -6.94 12.21
CA VAL B 35 -4.31 -6.48 10.81
C VAL B 35 -2.89 -6.38 10.25
N ILE B 36 -2.58 -7.20 9.24
CA ILE B 36 -1.26 -7.26 8.63
C ILE B 36 -1.21 -6.47 7.32
N GLU B 37 -0.33 -5.46 7.28
CA GLU B 37 0.14 -4.80 6.04
C GLU B 37 0.65 -5.87 5.08
N ALA B 38 0.02 -6.01 3.92
CA ALA B 38 0.48 -6.94 2.89
C ALA B 38 1.69 -6.34 2.16
N LYS B 39 2.76 -6.18 2.92
CA LYS B 39 3.94 -5.52 2.43
C LYS B 39 5.19 -6.25 2.93
N CYS B 40 6.11 -6.49 2.02
CA CYS B 40 7.27 -7.28 2.37
C CYS B 40 8.35 -6.39 2.97
N THR B 41 8.86 -6.80 4.11
CA THR B 41 9.84 -5.99 4.81
C THR B 41 11.24 -6.11 4.22
N HIS B 42 11.37 -6.82 3.10
CA HIS B 42 12.59 -6.86 2.28
C HIS B 42 12.71 -5.74 1.26
N LEU B 43 12.12 -5.91 0.06
CA LEU B 43 12.03 -4.86 -0.93
C LEU B 43 10.57 -4.51 -1.34
N GLY B 44 9.66 -4.47 -0.37
CA GLY B 44 8.37 -3.83 -0.54
C GLY B 44 7.40 -4.48 -1.48
N CYS B 45 7.59 -5.74 -1.86
CA CYS B 45 6.63 -6.34 -2.77
C CYS B 45 5.36 -6.75 -2.00
N THR B 46 4.34 -7.13 -2.77
CA THR B 46 3.06 -7.54 -2.21
C THR B 46 2.99 -9.06 -2.14
N PRO B 47 3.23 -9.69 -0.95
CA PRO B 47 3.21 -11.15 -0.92
C PRO B 47 1.79 -11.66 -1.12
N ASN B 48 1.64 -12.99 -0.99
CA ASN B 48 0.44 -13.72 -1.35
C ASN B 48 0.05 -14.69 -0.25
N TRP B 49 -1.24 -14.76 0.04
CA TRP B 49 -1.74 -15.65 1.05
C TRP B 49 -1.91 -17.05 0.49
N LEU B 50 -1.10 -17.97 0.99
CA LEU B 50 -0.96 -19.31 0.44
C LEU B 50 -1.49 -20.32 1.47
N ALA B 51 -2.77 -20.66 1.33
CA ALA B 51 -3.49 -21.30 2.44
C ALA B 51 -3.08 -22.76 2.58
N SER B 52 -3.21 -23.53 1.52
CA SER B 52 -2.72 -24.90 1.51
C SER B 52 -1.34 -25.01 2.15
N GLU B 53 -0.55 -23.95 2.14
CA GLU B 53 0.82 -24.01 2.62
C GLU B 53 1.04 -23.26 3.90
N GLY B 54 0.03 -22.59 4.41
CA GLY B 54 0.18 -21.93 5.69
C GLY B 54 1.13 -20.74 5.72
N LYS B 55 1.45 -20.14 4.57
CA LYS B 55 2.39 -19.02 4.57
C LYS B 55 1.91 -17.88 3.68
N PHE B 56 2.28 -16.67 4.07
CA PHE B 56 2.40 -15.58 3.12
C PHE B 56 3.72 -15.73 2.38
N LYS B 57 3.67 -15.79 1.04
CA LYS B 57 4.87 -15.97 0.23
C LYS B 57 4.99 -14.87 -0.81
N CYS B 58 6.10 -14.11 -0.71
CA CYS B 58 6.42 -12.98 -1.59
C CYS B 58 7.06 -13.48 -2.88
N PRO B 59 6.59 -13.02 -4.03
CA PRO B 59 7.15 -13.48 -5.31
C PRO B 59 8.37 -12.72 -5.82
N CYS B 60 9.02 -11.91 -4.98
CA CYS B 60 10.23 -11.20 -5.40
C CYS B 60 11.50 -12.03 -5.21
N HIS B 61 11.71 -12.64 -4.04
CA HIS B 61 12.91 -13.45 -3.89
C HIS B 61 12.58 -14.81 -3.30
N GLY B 62 11.48 -14.90 -2.55
CA GLY B 62 10.97 -16.11 -1.95
C GLY B 62 10.62 -16.01 -0.50
N SER B 63 10.81 -14.87 0.13
CA SER B 63 10.49 -14.72 1.55
C SER B 63 9.13 -15.33 1.92
N GLY B 64 9.14 -16.03 3.04
CA GLY B 64 7.93 -16.64 3.59
C GLY B 64 7.67 -16.09 4.99
N PHE B 65 6.37 -15.94 5.31
CA PHE B 65 5.97 -15.60 6.66
C PHE B 65 4.85 -16.53 7.12
N THR B 66 4.77 -16.74 8.42
CA THR B 66 3.66 -17.50 8.96
C THR B 66 2.37 -16.68 8.87
N PRO B 67 1.23 -17.27 9.23
CA PRO B 67 -0.01 -16.48 9.30
C PRO B 67 0.05 -15.39 10.34
N ASP B 68 0.97 -15.45 11.28
CA ASP B 68 1.15 -14.36 12.21
C ASP B 68 2.06 -13.29 11.65
N GLY B 69 2.76 -13.60 10.58
CA GLY B 69 3.55 -12.63 9.88
C GLY B 69 5.02 -12.52 10.31
N ILE B 70 5.53 -13.39 11.18
CA ILE B 70 6.97 -13.38 11.42
C ILE B 70 7.64 -14.00 10.20
N ASN B 71 8.71 -13.38 9.77
CA ASN B 71 9.51 -13.89 8.67
C ASN B 71 10.26 -15.12 9.11
N ILE B 72 10.20 -16.16 8.28
CA ILE B 72 10.82 -17.43 8.60
C ILE B 72 11.74 -17.91 7.50
N GLU B 73 11.49 -17.52 6.25
CA GLU B 73 12.30 -17.94 5.12
C GLU B 73 12.56 -16.75 4.21
N GLY B 74 13.50 -16.97 3.27
CA GLY B 74 13.82 -16.02 2.24
C GLY B 74 14.56 -14.82 2.80
N PRO B 75 14.84 -13.83 1.92
CA PRO B 75 15.66 -12.67 2.29
C PRO B 75 15.03 -11.65 3.22
N ALA B 76 13.75 -11.79 3.56
CA ALA B 76 13.07 -10.78 4.35
C ALA B 76 13.54 -10.83 5.80
N PRO B 77 13.92 -9.70 6.39
CA PRO B 77 14.55 -9.71 7.72
C PRO B 77 13.66 -9.49 8.93
N ARG B 78 12.37 -9.24 8.80
CA ARG B 78 11.62 -8.91 10.00
C ARG B 78 10.14 -9.11 9.73
N PRO B 79 9.35 -9.37 10.75
CA PRO B 79 7.92 -9.61 10.53
C PRO B 79 7.31 -8.52 9.67
N LEU B 80 6.30 -8.91 8.89
CA LEU B 80 5.34 -7.97 8.31
C LEU B 80 4.70 -7.14 9.40
N GLU B 81 4.50 -5.86 9.13
CA GLU B 81 4.02 -4.92 10.15
C GLU B 81 2.52 -5.07 10.38
N ARG B 82 2.05 -4.58 11.53
CA ARG B 82 0.64 -4.58 11.88
C ARG B 82 0.15 -3.16 12.16
N PHE B 83 -1.13 -2.93 11.90
CA PHE B 83 -1.69 -1.59 12.05
C PHE B 83 -2.54 -1.47 13.32
N LYS B 84 -2.82 -0.22 13.70
CA LYS B 84 -3.70 0.08 14.82
C LYS B 84 -5.13 -0.36 14.53
N VAL B 85 -5.83 -0.86 15.57
CA VAL B 85 -7.18 -1.34 15.43
C VAL B 85 -7.98 -0.95 16.66
N ALA B 86 -9.15 -0.37 16.45
CA ALA B 86 -10.05 -0.08 17.56
C ALA B 86 -11.48 -0.04 17.08
N LEU B 87 -12.42 -0.20 18.02
CA LEU B 87 -13.84 0.00 17.71
C LEU B 87 -14.21 1.46 17.82
N GLY B 88 -14.98 1.96 16.80
CA GLY B 88 -15.60 3.26 16.89
C GLY B 88 -16.81 3.26 17.82
N ASP B 89 -17.83 4.00 17.45
CA ASP B 89 -18.98 4.10 18.37
C ASP B 89 -20.02 3.05 18.00
N ASP B 90 -19.75 2.37 16.90
CA ASP B 90 -20.76 1.71 16.11
C ASP B 90 -20.53 0.23 15.99
N GLY B 91 -19.48 -0.30 16.64
CA GLY B 91 -19.22 -1.71 16.67
C GLY B 91 -18.16 -2.19 15.70
N GLN B 92 -17.80 -1.36 14.75
CA GLN B 92 -16.98 -1.80 13.64
C GLN B 92 -15.52 -1.45 13.85
N ILE B 93 -14.66 -2.32 13.34
CA ILE B 93 -13.22 -2.14 13.51
C ILE B 93 -12.74 -1.02 12.61
N ILE B 94 -12.03 -0.10 13.22
CA ILE B 94 -11.33 0.98 12.53
C ILE B 94 -9.86 0.62 12.48
N VAL B 95 -9.22 0.82 11.31
CA VAL B 95 -7.78 0.64 11.10
C VAL B 95 -7.17 2.03 10.95
N ASP B 96 -6.17 2.35 11.78
CA ASP B 96 -5.30 3.51 11.51
C ASP B 96 -3.92 3.08 11.05
N GLU B 97 -3.59 3.41 9.81
CA GLU B 97 -2.31 3.02 9.21
C GLU B 97 -1.15 3.94 9.62
N SER B 98 -1.42 5.04 10.34
CA SER B 98 -0.35 5.91 10.79
C SER B 98 0.31 5.37 12.08
N THR B 99 0.02 4.12 12.44
CA THR B 99 0.84 3.43 13.42
C THR B 99 0.91 1.95 13.15
N ARG B 100 2.09 1.41 13.38
CA ARG B 100 2.44 0.08 12.98
C ARG B 100 3.13 -0.57 14.18
N TYR B 101 3.14 -1.90 14.20
CA TYR B 101 3.68 -2.68 15.30
C TYR B 101 4.50 -3.81 14.70
N ARG B 102 5.79 -3.81 15.00
CA ARG B 102 6.76 -4.78 14.51
C ARG B 102 7.14 -5.70 15.65
N GLY B 103 6.80 -6.98 15.54
CA GLY B 103 6.95 -7.85 16.68
C GLY B 103 8.39 -8.01 17.13
N GLU B 104 9.35 -7.84 16.20
CA GLU B 104 10.76 -7.88 16.55
C GLU B 104 11.13 -6.78 17.53
N ARG B 105 10.34 -5.72 17.57
CA ARG B 105 10.48 -4.66 18.56
C ARG B 105 9.51 -4.83 19.73
N GLY B 106 9.01 -6.04 19.95
CA GLY B 106 8.00 -6.28 20.98
C GLY B 106 6.97 -5.18 21.12
N GLU B 107 6.17 -4.94 20.08
CA GLU B 107 5.12 -3.94 20.12
C GLU B 107 3.78 -4.53 19.74
N TRP B 108 3.78 -5.76 19.23
CA TRP B 108 2.56 -6.51 19.04
C TRP B 108 1.80 -6.65 20.34
N ASP B 109 2.49 -6.89 21.47
CA ASP B 109 1.77 -7.06 22.73
C ASP B 109 0.95 -5.81 23.10
N LYS B 110 1.18 -4.68 22.40
CA LYS B 110 0.69 -3.38 22.85
C LYS B 110 -0.78 -3.18 22.49
N PRO B 111 -1.57 -2.64 23.41
CA PRO B 111 -2.96 -2.26 23.06
C PRO B 111 -3.01 -1.45 21.78
N GLY B 112 -4.06 -1.72 20.98
CA GLY B 112 -4.23 -1.17 19.67
C GLY B 112 -3.67 -2.02 18.56
N ALA B 113 -2.78 -2.97 18.91
CA ALA B 113 -2.18 -3.86 17.93
C ALA B 113 -3.00 -5.11 17.74
N PHE B 114 -3.91 -5.39 18.65
CA PHE B 114 -4.77 -6.56 18.61
C PHE B 114 -6.08 -6.12 19.24
N LEU B 115 -7.15 -6.70 18.74
CA LEU B 115 -8.48 -6.41 19.25
C LEU B 115 -8.99 -7.68 19.92
N LYS B 116 -9.51 -7.53 21.13
CA LYS B 116 -9.75 -8.70 21.95
C LYS B 116 -10.82 -9.60 21.36
N VAL B 117 -10.57 -10.90 21.49
CA VAL B 117 -11.37 -11.94 20.89
C VAL B 117 -11.89 -13.10 21.84
FE1 FES C . -13.48 7.62 -0.15
FE2 FES C . -11.55 7.12 -2.10
S1 FES C . -11.59 6.30 -0.03
S2 FES C . -13.67 8.01 -2.30
FE1 FES D . 12.23 -9.25 -1.49
FE2 FES D . 9.66 -9.74 -0.57
S1 FES D . 10.39 -7.95 -1.74
S2 FES D . 11.42 -11.19 -0.80
N ARG A 1 12.10 0.80 -0.25
CA ARG A 1 13.02 1.14 -1.35
C ARG A 1 13.12 -0.02 -2.34
N TYR A 2 13.27 0.26 -3.64
CA TYR A 2 13.03 -0.76 -4.67
C TYR A 2 13.16 -0.20 -6.10
N SER A 3 13.49 -1.10 -7.05
CA SER A 3 13.74 -0.79 -8.45
C SER A 3 12.47 -0.87 -9.29
N ILE A 4 12.42 -0.11 -10.40
CA ILE A 4 11.33 -0.26 -11.36
C ILE A 4 11.84 -0.09 -12.78
N GLY A 5 13.14 -0.34 -13.01
CA GLY A 5 13.63 -0.45 -14.36
C GLY A 5 14.11 0.86 -14.94
N PHE A 6 14.50 0.81 -16.22
CA PHE A 6 15.00 2.03 -16.81
C PHE A 6 13.84 2.91 -17.28
N PRO A 7 14.01 4.23 -17.28
CA PRO A 7 12.93 5.09 -17.78
C PRO A 7 12.45 4.74 -19.18
N SER A 8 13.33 4.32 -20.10
CA SER A 8 12.95 3.94 -21.45
C SER A 8 11.72 3.03 -21.51
N GLN A 9 11.56 2.17 -20.51
CA GLN A 9 10.54 1.11 -20.46
C GLN A 9 9.14 1.65 -20.12
N TYR A 10 8.96 2.97 -20.15
CA TYR A 10 7.66 3.51 -19.83
C TYR A 10 7.23 4.19 -21.10
N ALA A 11 6.55 5.28 -20.99
CA ALA A 11 5.80 5.80 -22.12
C ALA A 11 4.98 6.98 -21.63
N SER A 12 4.77 7.94 -22.50
CA SER A 12 3.92 9.02 -22.06
C SER A 12 2.61 8.39 -21.59
N GLY A 13 2.06 8.94 -20.53
CA GLY A 13 0.85 8.37 -19.98
C GLY A 13 1.09 7.61 -18.69
N VAL A 14 0.17 6.71 -18.39
CA VAL A 14 0.06 6.06 -17.09
C VAL A 14 0.37 4.60 -17.24
N SER A 15 1.29 4.10 -16.45
CA SER A 15 1.69 2.71 -16.50
C SER A 15 1.16 1.98 -15.27
N GLU A 16 0.65 0.76 -15.48
CA GLU A 16 0.30 -0.12 -14.38
C GLU A 16 1.26 -1.30 -14.26
N LYS A 17 2.50 -1.17 -14.75
CA LYS A 17 3.43 -2.28 -14.55
C LYS A 17 3.38 -2.76 -13.11
N PHE A 18 3.33 -1.83 -12.18
CA PHE A 18 3.64 -2.09 -10.79
C PHE A 18 2.46 -1.76 -9.86
N LYS A 19 1.25 -1.67 -10.40
CA LYS A 19 0.12 -1.41 -9.52
C LYS A 19 -0.13 -2.63 -8.63
N LYS A 20 -0.34 -3.81 -9.23
CA LYS A 20 -0.41 -5.06 -8.46
C LYS A 20 0.69 -5.14 -7.39
N GLN A 21 1.93 -4.86 -7.78
CA GLN A 21 3.05 -5.26 -6.96
C GLN A 21 3.37 -4.27 -5.86
N PHE A 22 3.49 -2.99 -6.21
CA PHE A 22 3.92 -1.97 -5.25
C PHE A 22 2.87 -0.90 -5.03
N ARG A 23 1.66 -1.07 -5.55
CA ARG A 23 0.58 -0.13 -5.29
C ARG A 23 0.94 1.27 -5.77
N ILE A 24 1.52 1.34 -6.99
CA ILE A 24 2.07 2.56 -7.55
C ILE A 24 1.60 2.69 -8.98
N TRP A 25 1.53 3.94 -9.42
CA TRP A 25 1.40 4.30 -10.82
C TRP A 25 2.64 5.05 -11.24
N ILE A 26 3.06 4.84 -12.48
CA ILE A 26 4.25 5.43 -13.06
C ILE A 26 3.77 6.25 -14.23
N VAL A 27 3.95 7.57 -14.14
CA VAL A 27 3.39 8.51 -15.08
C VAL A 27 4.52 9.27 -15.73
N LYS A 28 4.56 9.26 -17.05
CA LYS A 28 5.51 10.08 -17.78
C LYS A 28 4.67 11.17 -18.45
N GLU A 29 4.93 12.40 -18.03
CA GLU A 29 4.20 13.58 -18.47
C GLU A 29 5.19 14.56 -19.07
N ASP A 30 5.00 14.88 -20.35
CA ASP A 30 5.86 15.85 -21.01
C ASP A 30 7.33 15.55 -20.74
N ASP A 31 8.09 16.47 -20.13
CA ASP A 31 9.52 16.25 -19.93
C ASP A 31 9.82 15.11 -18.94
N THR A 32 8.88 14.75 -18.06
CA THR A 32 9.28 14.08 -16.84
C THR A 32 8.43 12.87 -16.48
N LEU A 33 8.80 12.31 -15.35
CA LEU A 33 8.29 11.06 -14.84
C LEU A 33 8.16 11.19 -13.34
N TYR A 34 7.02 10.78 -12.81
CA TYR A 34 6.79 10.79 -11.36
C TYR A 34 6.02 9.54 -10.90
N VAL A 35 6.08 9.22 -9.61
CA VAL A 35 5.51 7.94 -9.11
C VAL A 35 4.44 8.26 -8.08
N ILE A 36 3.18 7.90 -8.38
CA ILE A 36 2.02 8.26 -7.56
C ILE A 36 1.52 7.04 -6.77
N GLU A 37 1.45 7.19 -5.44
CA GLU A 37 0.81 6.19 -4.56
C GLU A 37 -0.63 5.97 -4.93
N ALA A 38 -1.03 4.75 -5.25
CA ALA A 38 -2.43 4.46 -5.53
C ALA A 38 -3.20 4.33 -4.19
N LYS A 39 -3.16 5.41 -3.43
CA LYS A 39 -3.80 5.48 -2.14
C LYS A 39 -4.66 6.74 -2.14
N CYS A 40 -5.95 6.55 -1.94
CA CYS A 40 -6.86 7.66 -1.85
C CYS A 40 -6.66 8.39 -0.52
N THR A 41 -6.53 9.70 -0.59
CA THR A 41 -6.35 10.45 0.63
C THR A 41 -7.66 10.98 1.19
N HIS A 42 -8.78 10.39 0.78
CA HIS A 42 -10.01 10.50 1.54
C HIS A 42 -9.99 9.54 2.75
N LEU A 43 -10.35 8.28 2.53
CA LEU A 43 -10.27 7.25 3.56
C LEU A 43 -9.41 6.04 3.13
N GLY A 44 -8.77 6.07 1.97
CA GLY A 44 -7.63 5.18 1.81
C GLY A 44 -7.84 3.96 0.95
N CYS A 45 -8.86 3.94 0.12
CA CYS A 45 -8.99 2.85 -0.82
C CYS A 45 -7.93 2.91 -1.93
N THR A 46 -7.92 1.86 -2.74
CA THR A 46 -7.00 1.82 -3.84
C THR A 46 -7.83 2.16 -5.07
N PRO A 47 -7.63 3.32 -5.69
CA PRO A 47 -8.43 3.61 -6.86
C PRO A 47 -7.98 2.81 -8.08
N ASN A 48 -8.61 3.11 -9.20
CA ASN A 48 -8.52 2.35 -10.42
C ASN A 48 -8.32 3.34 -11.55
N TRP A 49 -7.18 3.21 -12.24
CA TRP A 49 -6.95 3.89 -13.51
C TRP A 49 -7.87 3.36 -14.60
N LEU A 50 -8.61 4.27 -15.24
CA LEU A 50 -9.49 3.98 -16.38
C LEU A 50 -9.04 4.82 -17.60
N ALA A 51 -8.31 4.20 -18.52
CA ALA A 51 -7.73 4.98 -19.59
C ALA A 51 -8.82 5.66 -20.44
N SER A 52 -9.91 4.97 -20.74
CA SER A 52 -10.98 5.61 -21.51
C SER A 52 -11.12 7.06 -21.13
N GLU A 53 -11.59 7.30 -19.93
CA GLU A 53 -12.01 8.57 -19.42
C GLU A 53 -10.86 9.37 -18.89
N GLY A 54 -9.64 8.92 -19.11
CA GLY A 54 -8.49 9.61 -18.56
C GLY A 54 -8.63 9.95 -17.08
N LYS A 55 -8.88 8.95 -16.21
CA LYS A 55 -9.17 9.26 -14.82
C LYS A 55 -8.81 8.11 -13.87
N PHE A 56 -8.23 8.48 -12.74
CA PHE A 56 -8.20 7.59 -11.58
C PHE A 56 -9.52 7.66 -10.83
N LYS A 57 -10.20 6.54 -10.64
CA LYS A 57 -11.51 6.48 -9.97
C LYS A 57 -11.41 5.61 -8.71
N CYS A 58 -11.47 6.28 -7.51
CA CYS A 58 -11.60 5.58 -6.20
C CYS A 58 -12.98 4.92 -6.08
N PRO A 59 -13.07 3.60 -5.97
CA PRO A 59 -14.40 2.98 -5.94
C PRO A 59 -15.16 3.13 -4.62
N CYS A 60 -14.60 3.79 -3.59
CA CYS A 60 -15.22 3.63 -2.28
C CYS A 60 -16.19 4.75 -1.96
N HIS A 61 -15.88 5.98 -2.31
CA HIS A 61 -16.93 6.99 -2.24
C HIS A 61 -17.15 7.73 -3.57
N GLY A 62 -16.80 7.12 -4.69
CA GLY A 62 -16.56 7.87 -5.90
C GLY A 62 -15.17 8.43 -5.94
N SER A 63 -14.99 9.66 -6.34
CA SER A 63 -13.67 10.27 -6.29
C SER A 63 -12.82 9.85 -7.49
N GLY A 64 -12.08 10.83 -7.95
CA GLY A 64 -11.67 10.88 -9.33
C GLY A 64 -10.51 11.87 -9.36
N PHE A 65 -9.40 11.44 -9.94
CA PHE A 65 -8.24 12.28 -10.03
C PHE A 65 -7.79 12.31 -11.49
N THR A 66 -7.23 13.42 -11.89
CA THR A 66 -6.74 13.46 -13.21
C THR A 66 -5.48 12.59 -13.27
N PRO A 67 -4.89 12.40 -14.47
CA PRO A 67 -3.73 11.51 -14.60
C PRO A 67 -2.57 11.94 -13.75
N ASP A 68 -2.46 13.21 -13.43
CA ASP A 68 -1.40 13.76 -12.61
C ASP A 68 -1.68 13.61 -11.13
N GLY A 69 -2.84 13.12 -10.78
CA GLY A 69 -3.16 12.83 -9.42
C GLY A 69 -3.97 13.90 -8.72
N ILE A 70 -4.34 14.97 -9.43
CA ILE A 70 -5.19 16.04 -8.88
C ILE A 70 -6.60 15.55 -8.65
N ASN A 71 -7.11 15.74 -7.44
CA ASN A 71 -8.52 15.48 -7.10
C ASN A 71 -9.49 16.36 -7.90
N ILE A 72 -10.52 15.75 -8.50
CA ILE A 72 -11.48 16.48 -9.31
C ILE A 72 -12.92 16.08 -9.06
N GLU A 73 -13.21 14.97 -8.40
CA GLU A 73 -14.58 14.60 -8.12
C GLU A 73 -14.63 13.61 -6.95
N GLY A 74 -15.84 13.10 -6.69
CA GLY A 74 -16.16 12.44 -5.45
C GLY A 74 -15.73 13.26 -4.24
N PRO A 75 -15.77 12.61 -3.06
CA PRO A 75 -15.42 13.30 -1.81
C PRO A 75 -13.96 13.52 -1.57
N ALA A 76 -13.09 12.91 -2.40
CA ALA A 76 -11.67 12.93 -2.10
C ALA A 76 -11.19 14.38 -2.08
N PRO A 77 -10.35 14.75 -1.14
CA PRO A 77 -10.19 16.17 -0.83
C PRO A 77 -8.86 16.70 -1.30
N ARG A 78 -7.96 15.81 -1.67
CA ARG A 78 -6.61 16.20 -2.03
C ARG A 78 -6.05 15.18 -3.00
N PRO A 79 -4.94 15.52 -3.67
CA PRO A 79 -4.35 14.57 -4.62
C PRO A 79 -3.66 13.39 -3.96
N LEU A 80 -3.59 12.29 -4.75
CA LEU A 80 -2.73 11.15 -4.47
C LEU A 80 -1.31 11.62 -4.28
N GLU A 81 -0.70 11.23 -3.17
CA GLU A 81 0.69 11.58 -2.93
C GLU A 81 1.60 10.95 -3.98
N ARG A 82 2.82 11.52 -4.09
CA ARG A 82 3.89 11.06 -4.97
C ARG A 82 5.14 10.67 -4.17
N PHE A 83 5.90 9.73 -4.70
CA PHE A 83 7.04 9.17 -3.99
C PHE A 83 8.34 9.62 -4.62
N LYS A 84 9.41 9.44 -3.87
CA LYS A 84 10.72 9.85 -4.36
C LYS A 84 11.27 8.88 -5.41
N VAL A 85 11.47 9.37 -6.64
CA VAL A 85 12.17 8.60 -7.65
C VAL A 85 13.59 9.09 -7.68
N ALA A 86 14.53 8.18 -7.92
CA ALA A 86 15.89 8.61 -8.22
C ALA A 86 16.60 7.57 -9.07
N LEU A 87 16.94 7.98 -10.29
CA LEU A 87 17.84 7.23 -11.14
C LEU A 87 19.04 6.68 -10.36
N GLY A 88 19.06 5.36 -10.18
CA GLY A 88 20.24 4.71 -9.64
C GLY A 88 21.46 4.81 -10.58
N ASP A 89 22.63 4.49 -10.03
CA ASP A 89 23.85 4.63 -10.80
C ASP A 89 24.10 3.38 -11.64
N ASP A 90 23.04 2.60 -11.84
CA ASP A 90 23.00 1.42 -12.68
C ASP A 90 21.98 1.60 -13.79
N GLY A 91 21.32 2.76 -13.83
CA GLY A 91 20.31 3.08 -14.82
C GLY A 91 18.89 3.14 -14.34
N GLN A 92 18.53 2.37 -13.34
CA GLN A 92 17.12 2.10 -13.11
C GLN A 92 16.58 2.97 -12.00
N ILE A 93 15.27 3.24 -12.09
CA ILE A 93 14.57 4.11 -11.15
C ILE A 93 14.43 3.40 -9.81
N ILE A 94 14.74 4.11 -8.74
CA ILE A 94 14.44 3.64 -7.39
C ILE A 94 13.41 4.55 -6.76
N VAL A 95 12.34 3.92 -6.29
CA VAL A 95 11.31 4.55 -5.50
C VAL A 95 11.68 4.38 -4.02
N ASP A 96 11.59 5.47 -3.25
CA ASP A 96 11.77 5.46 -1.80
C ASP A 96 10.50 5.94 -1.13
N GLU A 97 9.75 5.02 -0.55
CA GLU A 97 8.48 5.41 0.08
C GLU A 97 8.68 6.16 1.42
N SER A 98 9.93 6.29 1.91
CA SER A 98 10.21 7.08 3.11
C SER A 98 10.13 8.59 2.83
N THR A 99 9.62 8.99 1.67
CA THR A 99 9.33 10.39 1.41
C THR A 99 8.24 10.53 0.36
N ARG A 100 7.58 11.68 0.39
CA ARG A 100 6.32 11.85 -0.32
C ARG A 100 6.19 13.32 -0.67
N TYR A 101 5.26 13.60 -1.57
CA TYR A 101 5.01 14.95 -2.05
C TYR A 101 3.52 15.05 -2.40
N ARG A 102 2.85 16.02 -1.80
CA ARG A 102 1.47 16.33 -2.19
C ARG A 102 1.45 17.61 -3.03
N GLY A 103 0.52 17.67 -3.98
CA GLY A 103 0.55 18.74 -4.96
C GLY A 103 -0.14 20.00 -4.46
N GLU A 104 -0.88 19.89 -3.38
CA GLU A 104 -1.58 21.04 -2.81
C GLU A 104 -0.66 21.84 -1.92
N ARG A 105 0.45 21.26 -1.49
CA ARG A 105 1.55 22.02 -0.92
C ARG A 105 2.62 22.30 -1.96
N GLY A 106 2.27 22.22 -3.24
CA GLY A 106 3.17 22.54 -4.33
C GLY A 106 4.35 21.62 -4.48
N GLU A 107 4.44 20.58 -3.65
CA GLU A 107 5.70 19.92 -3.41
C GLU A 107 6.14 19.06 -4.59
N TRP A 108 5.47 19.15 -5.73
CA TRP A 108 5.70 18.14 -6.75
C TRP A 108 6.99 18.38 -7.52
N ASP A 109 7.49 19.63 -7.59
CA ASP A 109 8.78 19.88 -8.24
C ASP A 109 9.90 19.87 -7.23
N LYS A 110 9.65 19.35 -6.05
CA LYS A 110 10.67 19.27 -5.01
C LYS A 110 11.84 18.42 -5.52
N PRO A 111 12.98 18.47 -4.85
CA PRO A 111 14.16 17.76 -5.36
C PRO A 111 14.14 16.27 -5.05
N GLY A 112 13.37 15.53 -5.84
CA GLY A 112 13.25 14.10 -5.74
C GLY A 112 11.84 13.61 -5.95
N ALA A 113 10.94 14.52 -6.34
CA ALA A 113 9.53 14.24 -6.54
C ALA A 113 9.18 13.98 -7.98
N PHE A 114 10.21 13.80 -8.80
CA PHE A 114 10.08 13.77 -10.25
C PHE A 114 11.38 13.22 -10.80
N LEU A 115 11.48 13.31 -12.11
CA LEU A 115 12.67 12.88 -12.81
C LEU A 115 12.52 13.41 -14.22
N LYS A 116 13.50 14.18 -14.69
CA LYS A 116 13.48 14.56 -16.09
C LYS A 116 14.05 13.42 -16.91
N VAL A 117 13.50 13.25 -18.10
CA VAL A 117 13.84 12.11 -18.95
C VAL A 117 14.12 12.61 -20.36
N ARG B 1 -6.83 6.34 8.10
CA ARG B 1 -7.82 5.75 9.02
C ARG B 1 -9.06 5.27 8.28
N TYR B 2 -9.58 4.09 8.63
CA TYR B 2 -10.66 3.49 7.84
C TYR B 2 -11.24 2.25 8.50
N SER B 3 -12.24 1.67 7.85
CA SER B 3 -13.15 0.69 8.42
C SER B 3 -13.08 -0.64 7.68
N ILE B 4 -13.27 -1.73 8.41
CA ILE B 4 -13.29 -3.09 7.85
C ILE B 4 -14.41 -3.87 8.53
N GLY B 5 -15.28 -3.21 9.25
CA GLY B 5 -16.53 -3.82 9.62
C GLY B 5 -16.55 -4.52 10.98
N PHE B 6 -17.49 -5.38 11.09
CA PHE B 6 -17.67 -5.98 12.41
C PHE B 6 -16.73 -7.16 12.57
N PRO B 7 -16.26 -7.41 13.80
CA PRO B 7 -15.44 -8.59 14.08
C PRO B 7 -16.09 -9.87 13.59
N SER B 8 -17.43 -9.90 13.68
CA SER B 8 -18.23 -11.02 13.22
C SER B 8 -18.19 -11.19 11.72
N GLN B 9 -17.43 -10.34 11.00
CA GLN B 9 -17.21 -10.46 9.57
C GLN B 9 -15.95 -11.27 9.25
N TYR B 10 -15.50 -12.12 10.18
CA TYR B 10 -14.23 -12.83 10.02
C TYR B 10 -14.28 -14.11 10.81
N ALA B 11 -13.58 -15.10 10.31
CA ALA B 11 -13.35 -16.35 10.95
C ALA B 11 -11.93 -16.39 11.49
N SER B 12 -11.63 -17.38 12.29
CA SER B 12 -10.24 -17.63 12.62
C SER B 12 -9.49 -17.86 11.33
N GLY B 13 -8.23 -17.50 11.36
CA GLY B 13 -7.44 -17.66 10.17
C GLY B 13 -7.34 -16.36 9.43
N VAL B 14 -7.00 -16.43 8.16
CA VAL B 14 -6.56 -15.26 7.39
C VAL B 14 -7.63 -14.88 6.42
N SER B 15 -8.04 -13.63 6.49
CA SER B 15 -9.03 -13.06 5.58
C SER B 15 -8.34 -12.16 4.59
N GLU B 16 -8.76 -12.24 3.33
CA GLU B 16 -8.20 -11.47 2.20
C GLU B 16 -9.15 -10.42 1.69
N LYS B 17 -10.35 -10.41 2.20
CA LYS B 17 -11.36 -9.43 1.83
C LYS B 17 -10.79 -8.10 1.39
N PHE B 18 -9.87 -7.55 2.15
CA PHE B 18 -9.46 -6.17 2.02
C PHE B 18 -8.03 -6.02 1.48
N LYS B 19 -7.47 -7.08 0.92
CA LYS B 19 -6.10 -6.95 0.42
C LYS B 19 -6.07 -6.07 -0.81
N LYS B 20 -6.95 -6.37 -1.78
CA LYS B 20 -7.17 -5.52 -2.97
C LYS B 20 -7.28 -4.05 -2.61
N GLN B 21 -8.16 -3.72 -1.66
CA GLN B 21 -8.65 -2.39 -1.41
C GLN B 21 -7.75 -1.63 -0.44
N PHE B 22 -7.22 -2.30 0.59
CA PHE B 22 -6.46 -1.66 1.66
C PHE B 22 -5.08 -2.27 1.82
N ARG B 23 -4.73 -3.26 1.01
CA ARG B 23 -3.45 -3.96 1.09
C ARG B 23 -3.18 -4.53 2.49
N ILE B 24 -4.16 -5.24 3.05
CA ILE B 24 -4.04 -5.78 4.39
C ILE B 24 -4.64 -7.18 4.40
N TRP B 25 -4.11 -8.00 5.31
CA TRP B 25 -4.76 -9.23 5.76
C TRP B 25 -5.34 -9.06 7.16
N ILE B 26 -6.50 -9.65 7.40
CA ILE B 26 -7.20 -9.51 8.67
C ILE B 26 -7.28 -10.89 9.30
N VAL B 27 -6.66 -11.03 10.48
CA VAL B 27 -6.28 -12.31 11.02
C VAL B 27 -6.94 -12.47 12.39
N LYS B 28 -7.65 -13.58 12.59
CA LYS B 28 -8.19 -13.92 13.89
C LYS B 28 -7.33 -15.04 14.44
N GLU B 29 -6.74 -14.78 15.60
CA GLU B 29 -5.86 -15.70 16.31
C GLU B 29 -6.49 -15.84 17.68
N ASP B 30 -6.68 -17.09 18.13
CA ASP B 30 -7.32 -17.32 19.43
C ASP B 30 -8.46 -16.29 19.60
N ASP B 31 -8.52 -15.53 20.71
CA ASP B 31 -9.60 -14.56 20.82
C ASP B 31 -9.16 -13.13 20.44
N THR B 32 -8.04 -13.01 19.74
CA THR B 32 -7.56 -11.73 19.23
C THR B 32 -7.90 -11.51 17.75
N LEU B 33 -7.68 -10.28 17.27
CA LEU B 33 -7.78 -9.91 15.87
C LEU B 33 -6.74 -8.84 15.61
N TYR B 34 -5.90 -9.04 14.58
CA TYR B 34 -4.88 -8.06 14.21
C TYR B 34 -4.80 -7.88 12.68
N VAL B 35 -4.16 -6.81 12.23
CA VAL B 35 -4.21 -6.43 10.81
C VAL B 35 -2.79 -6.33 10.24
N ILE B 36 -2.48 -7.20 9.28
CA ILE B 36 -1.13 -7.28 8.69
C ILE B 36 -1.08 -6.48 7.38
N GLU B 37 -0.17 -5.49 7.31
CA GLU B 37 0.20 -4.83 6.05
C GLU B 37 0.74 -5.87 5.11
N ALA B 38 0.18 -5.97 3.91
CA ALA B 38 0.71 -6.86 2.89
C ALA B 38 1.87 -6.17 2.17
N LYS B 39 2.98 -6.02 2.90
CA LYS B 39 4.14 -5.36 2.33
C LYS B 39 5.41 -6.10 2.77
N CYS B 40 5.94 -6.92 1.86
CA CYS B 40 7.14 -7.68 2.13
C CYS B 40 8.24 -6.82 2.70
N THR B 41 8.99 -7.36 3.62
CA THR B 41 9.94 -6.49 4.29
C THR B 41 11.35 -6.55 3.70
N HIS B 42 11.55 -7.24 2.58
CA HIS B 42 12.76 -7.14 1.75
C HIS B 42 12.76 -5.91 0.85
N LEU B 43 12.23 -6.05 -0.37
CA LEU B 43 12.15 -4.96 -1.34
C LEU B 43 10.69 -4.57 -1.63
N GLY B 44 9.84 -4.61 -0.60
CA GLY B 44 8.50 -4.06 -0.62
C GLY B 44 7.51 -4.60 -1.61
N CYS B 45 7.66 -5.84 -2.07
CA CYS B 45 6.66 -6.38 -2.99
C CYS B 45 5.35 -6.59 -2.26
N THR B 46 4.43 -7.21 -2.95
CA THR B 46 3.21 -7.56 -2.28
C THR B 46 3.13 -9.08 -2.30
N PRO B 47 3.01 -9.78 -1.13
CA PRO B 47 2.91 -11.23 -1.16
C PRO B 47 1.47 -11.74 -1.31
N ASN B 48 1.32 -13.08 -1.26
CA ASN B 48 0.13 -13.82 -1.66
C ASN B 48 -0.09 -14.89 -0.62
N TRP B 49 -1.34 -15.07 -0.22
CA TRP B 49 -1.67 -15.92 0.90
C TRP B 49 -1.86 -17.37 0.43
N LEU B 50 -0.87 -18.23 0.67
CA LEU B 50 -0.95 -19.64 0.28
C LEU B 50 -1.59 -20.45 1.41
N ALA B 51 -2.84 -20.82 1.19
CA ALA B 51 -3.63 -21.52 2.19
C ALA B 51 -3.03 -22.89 2.49
N SER B 52 -3.08 -23.79 1.51
CA SER B 52 -2.54 -25.12 1.70
C SER B 52 -1.18 -25.08 2.38
N GLU B 53 -0.39 -24.07 2.11
CA GLU B 53 0.97 -23.98 2.63
C GLU B 53 1.04 -23.26 3.97
N GLY B 54 -0.05 -22.66 4.41
CA GLY B 54 0.02 -21.89 5.64
C GLY B 54 0.98 -20.72 5.59
N LYS B 55 1.24 -20.16 4.41
CA LYS B 55 2.22 -19.09 4.28
C LYS B 55 1.69 -17.91 3.47
N PHE B 56 2.15 -16.73 3.82
CA PHE B 56 2.19 -15.65 2.84
C PHE B 56 3.48 -15.79 2.05
N LYS B 57 3.38 -15.92 0.73
CA LYS B 57 4.55 -16.00 -0.14
C LYS B 57 4.70 -14.74 -0.98
N CYS B 58 5.88 -14.17 -0.93
CA CYS B 58 6.25 -13.06 -1.78
C CYS B 58 6.70 -13.60 -3.12
N PRO B 59 6.06 -13.19 -4.21
CA PRO B 59 6.29 -13.80 -5.53
C PRO B 59 7.63 -13.45 -6.14
N CYS B 60 8.18 -12.28 -5.79
CA CYS B 60 9.24 -11.65 -6.55
C CYS B 60 10.53 -12.41 -6.43
N HIS B 61 11.06 -12.48 -5.19
CA HIS B 61 12.30 -13.16 -4.83
C HIS B 61 12.15 -14.07 -3.59
N GLY B 62 10.96 -14.56 -3.30
CA GLY B 62 10.79 -15.77 -2.50
C GLY B 62 10.54 -15.68 -1.00
N SER B 63 10.16 -14.56 -0.44
CA SER B 63 10.00 -14.56 1.01
C SER B 63 8.75 -15.34 1.45
N GLY B 64 8.89 -16.03 2.57
CA GLY B 64 7.81 -16.81 3.16
C GLY B 64 7.54 -16.30 4.55
N PHE B 65 6.24 -16.14 4.86
CA PHE B 65 5.80 -15.77 6.19
C PHE B 65 4.70 -16.69 6.71
N THR B 66 4.67 -16.90 8.01
CA THR B 66 3.65 -17.74 8.59
C THR B 66 2.36 -16.92 8.71
N PRO B 67 1.25 -17.54 9.11
CA PRO B 67 -0.02 -16.80 9.16
C PRO B 67 -0.01 -15.65 10.15
N ASP B 68 0.95 -15.61 11.06
CA ASP B 68 1.13 -14.47 11.95
C ASP B 68 2.14 -13.48 11.39
N GLY B 69 2.70 -13.79 10.24
CA GLY B 69 3.51 -12.88 9.49
C GLY B 69 5.00 -12.86 9.85
N ILE B 70 5.41 -13.59 10.89
CA ILE B 70 6.85 -13.66 11.17
C ILE B 70 7.51 -14.31 9.96
N ASN B 71 8.70 -13.80 9.62
CA ASN B 71 9.42 -14.25 8.45
C ASN B 71 10.18 -15.50 8.80
N ILE B 72 10.02 -16.51 7.96
CA ILE B 72 10.64 -17.80 8.19
C ILE B 72 11.57 -18.17 7.08
N GLU B 73 11.44 -17.53 5.92
CA GLU B 73 12.11 -18.00 4.72
C GLU B 73 12.16 -16.89 3.65
N GLY B 74 12.70 -17.25 2.46
CA GLY B 74 13.22 -16.33 1.47
C GLY B 74 14.16 -15.27 2.05
N PRO B 75 14.43 -14.23 1.26
CA PRO B 75 15.37 -13.17 1.68
C PRO B 75 14.87 -12.17 2.73
N ALA B 76 13.58 -12.15 3.05
CA ALA B 76 13.01 -11.09 3.87
C ALA B 76 13.55 -11.14 5.31
N PRO B 77 13.88 -10.00 5.91
CA PRO B 77 14.64 -10.00 7.17
C PRO B 77 13.84 -9.72 8.43
N ARG B 78 12.53 -9.70 8.40
CA ARG B 78 11.80 -9.26 9.58
C ARG B 78 10.35 -9.62 9.39
N PRO B 79 9.56 -9.66 10.47
CA PRO B 79 8.13 -9.92 10.32
C PRO B 79 7.45 -8.79 9.57
N LEU B 80 6.46 -9.16 8.74
CA LEU B 80 5.46 -8.24 8.22
C LEU B 80 4.84 -7.39 9.31
N GLU B 81 4.59 -6.12 9.01
CA GLU B 81 4.15 -5.19 10.04
C GLU B 81 2.66 -5.31 10.31
N ARG B 82 2.24 -4.77 11.46
CA ARG B 82 0.85 -4.77 11.85
C ARG B 82 0.36 -3.34 12.10
N PHE B 83 -0.97 -3.17 11.94
CA PHE B 83 -1.62 -1.88 11.96
C PHE B 83 -2.54 -1.72 13.17
N LYS B 84 -2.69 -0.48 13.61
CA LYS B 84 -3.58 -0.17 14.72
C LYS B 84 -5.04 -0.49 14.38
N VAL B 85 -5.73 -1.14 15.32
CA VAL B 85 -7.14 -1.45 15.16
C VAL B 85 -7.88 -1.03 16.42
N ALA B 86 -9.09 -0.51 16.26
CA ALA B 86 -9.93 -0.21 17.41
C ALA B 86 -11.38 -0.24 16.99
N LEU B 87 -12.25 -0.53 17.96
CA LEU B 87 -13.70 -0.42 17.77
C LEU B 87 -14.16 1.02 17.94
N GLY B 88 -14.85 1.56 16.89
CA GLY B 88 -15.40 2.91 16.94
C GLY B 88 -16.62 3.08 17.87
N ASP B 89 -17.70 3.64 17.32
CA ASP B 89 -18.86 3.98 18.14
C ASP B 89 -20.09 3.18 17.67
N ASP B 90 -20.34 3.30 16.37
CA ASP B 90 -20.56 2.26 15.39
C ASP B 90 -20.47 0.82 15.92
N GLY B 91 -19.40 0.45 16.64
CA GLY B 91 -19.06 -0.95 16.87
C GLY B 91 -18.14 -1.63 15.84
N GLN B 92 -17.71 -0.93 14.80
CA GLN B 92 -16.92 -1.59 13.77
C GLN B 92 -15.44 -1.29 13.96
N ILE B 93 -14.61 -2.13 13.35
CA ILE B 93 -13.17 -2.02 13.47
C ILE B 93 -12.69 -0.84 12.63
N ILE B 94 -11.79 -0.06 13.19
CA ILE B 94 -11.19 1.06 12.51
C ILE B 94 -9.69 0.84 12.49
N VAL B 95 -9.13 0.65 11.28
CA VAL B 95 -7.68 0.56 11.06
C VAL B 95 -7.15 1.97 10.90
N ASP B 96 -6.14 2.34 11.67
CA ASP B 96 -5.36 3.55 11.41
C ASP B 96 -3.96 3.16 10.95
N GLU B 97 -3.70 3.24 9.66
CA GLU B 97 -2.44 2.73 9.17
C GLU B 97 -1.24 3.36 9.86
N SER B 98 -1.44 4.52 10.51
CA SER B 98 -0.34 5.45 10.75
C SER B 98 0.59 4.91 11.81
N THR B 99 0.03 4.46 12.92
CA THR B 99 0.78 3.87 14.00
C THR B 99 0.90 2.38 13.72
N ARG B 100 2.07 1.83 13.98
CA ARG B 100 2.44 0.54 13.41
C ARG B 100 3.17 -0.26 14.48
N TYR B 101 3.23 -1.59 14.31
CA TYR B 101 3.82 -2.50 15.29
C TYR B 101 4.65 -3.57 14.59
N ARG B 102 5.94 -3.64 14.91
CA ARG B 102 6.84 -4.67 14.38
C ARG B 102 7.08 -5.78 15.41
N GLY B 103 7.16 -7.02 14.91
CA GLY B 103 7.31 -8.15 15.79
C GLY B 103 8.69 -8.27 16.39
N GLU B 104 9.75 -8.05 15.60
CA GLU B 104 11.11 -8.06 16.14
C GLU B 104 11.23 -7.13 17.33
N ARG B 105 10.49 -6.02 17.30
CA ARG B 105 10.63 -4.94 18.28
C ARG B 105 9.69 -5.12 19.45
N GLY B 106 9.10 -6.30 19.60
CA GLY B 106 8.22 -6.59 20.71
C GLY B 106 6.84 -5.94 20.69
N GLU B 107 6.54 -5.14 19.67
CA GLU B 107 5.49 -4.15 19.82
C GLU B 107 4.09 -4.71 19.57
N TRP B 108 3.98 -5.99 19.23
CA TRP B 108 2.71 -6.60 18.87
C TRP B 108 1.78 -6.74 20.05
N ASP B 109 2.32 -6.95 21.25
CA ASP B 109 1.50 -7.08 22.45
C ASP B 109 0.84 -5.77 22.85
N LYS B 110 1.22 -4.66 22.23
CA LYS B 110 0.89 -3.32 22.70
C LYS B 110 -0.55 -2.97 22.39
N PRO B 111 -1.07 -1.90 23.00
CA PRO B 111 -2.44 -1.46 22.69
C PRO B 111 -2.54 -1.00 21.24
N GLY B 112 -3.66 -1.32 20.61
CA GLY B 112 -3.90 -1.04 19.23
C GLY B 112 -3.22 -2.02 18.30
N ALA B 113 -2.41 -2.94 18.82
CA ALA B 113 -1.84 -3.93 17.92
C ALA B 113 -2.79 -5.09 17.71
N PHE B 114 -3.81 -5.21 18.53
CA PHE B 114 -4.70 -6.35 18.55
C PHE B 114 -6.01 -5.95 19.21
N LEU B 115 -7.01 -6.78 18.97
CA LEU B 115 -8.33 -6.55 19.51
C LEU B 115 -8.79 -7.83 20.17
N LYS B 116 -8.98 -7.79 21.48
CA LYS B 116 -9.57 -8.93 22.18
C LYS B 116 -10.98 -9.11 21.62
N VAL B 117 -11.30 -10.36 21.29
CA VAL B 117 -12.34 -10.64 20.29
C VAL B 117 -13.13 -11.91 20.64
FE1 FES C . -13.40 7.78 0.18
FE2 FES C . -11.48 7.39 -1.79
S1 FES C . -11.54 6.47 0.22
S2 FES C . -13.35 8.71 -1.82
FE1 FES D . 12.22 -9.52 -1.89
FE2 FES D . 9.59 -9.86 -1.00
S1 FES D . 10.45 -8.12 -2.12
S2 FES D . 11.32 -11.42 -1.14
N ARG A 1 12.53 0.83 -0.09
CA ARG A 1 13.06 1.21 -1.41
C ARG A 1 13.06 0.05 -2.38
N TYR A 2 12.79 0.32 -3.66
CA TYR A 2 12.65 -0.72 -4.68
C TYR A 2 13.02 -0.16 -6.07
N SER A 3 13.13 -1.05 -7.05
CA SER A 3 13.49 -0.71 -8.42
C SER A 3 12.32 -0.90 -9.36
N ILE A 4 12.23 -0.04 -10.40
CA ILE A 4 11.17 -0.16 -11.40
C ILE A 4 11.73 -0.06 -12.80
N GLY A 5 13.07 -0.30 -12.97
CA GLY A 5 13.64 -0.46 -14.28
C GLY A 5 14.11 0.85 -14.88
N PHE A 6 14.49 0.79 -16.16
CA PHE A 6 14.99 2.00 -16.76
C PHE A 6 13.84 2.87 -17.26
N PRO A 7 14.02 4.18 -17.24
CA PRO A 7 12.97 5.09 -17.71
C PRO A 7 12.42 4.80 -19.09
N SER A 8 13.26 4.34 -20.04
CA SER A 8 12.78 4.18 -21.40
C SER A 8 11.70 3.12 -21.52
N GLN A 9 11.60 2.22 -20.55
CA GLN A 9 10.59 1.17 -20.57
C GLN A 9 9.16 1.75 -20.53
N TYR A 10 8.99 2.99 -20.08
CA TYR A 10 7.68 3.56 -19.91
C TYR A 10 7.41 4.40 -21.15
N ALA A 11 6.16 4.80 -21.34
CA ALA A 11 5.74 5.71 -22.37
C ALA A 11 5.02 6.89 -21.73
N SER A 12 4.84 7.95 -22.48
CA SER A 12 3.98 9.00 -21.98
C SER A 12 2.68 8.37 -21.49
N GLY A 13 2.16 8.91 -20.42
CA GLY A 13 0.89 8.45 -19.90
C GLY A 13 1.04 7.66 -18.61
N VAL A 14 0.17 6.69 -18.42
CA VAL A 14 0.00 5.99 -17.16
C VAL A 14 0.37 4.53 -17.35
N SER A 15 1.40 4.10 -16.66
CA SER A 15 1.79 2.71 -16.65
C SER A 15 1.27 2.06 -15.39
N GLU A 16 0.64 0.90 -15.54
CA GLU A 16 0.29 0.02 -14.44
C GLU A 16 1.21 -1.17 -14.36
N LYS A 17 2.42 -1.07 -14.90
CA LYS A 17 3.34 -2.21 -14.80
C LYS A 17 3.31 -2.75 -13.38
N PHE A 18 3.23 -1.86 -12.40
CA PHE A 18 3.56 -2.18 -11.02
C PHE A 18 2.44 -1.82 -10.06
N LYS A 19 1.20 -1.74 -10.52
CA LYS A 19 0.13 -1.40 -9.58
C LYS A 19 -0.09 -2.57 -8.61
N LYS A 20 -0.23 -3.79 -9.14
CA LYS A 20 -0.47 -4.94 -8.25
C LYS A 20 0.68 -5.12 -7.25
N GLN A 21 1.90 -4.89 -7.69
CA GLN A 21 3.06 -5.30 -6.94
C GLN A 21 3.49 -4.27 -5.90
N PHE A 22 3.45 -2.98 -6.25
CA PHE A 22 3.83 -1.89 -5.34
C PHE A 22 2.74 -0.87 -5.10
N ARG A 23 1.53 -1.13 -5.60
CA ARG A 23 0.39 -0.21 -5.43
C ARG A 23 0.78 1.21 -5.82
N ILE A 24 1.45 1.35 -6.98
CA ILE A 24 1.79 2.62 -7.57
C ILE A 24 1.42 2.58 -9.04
N TRP A 25 1.00 3.75 -9.53
CA TRP A 25 1.05 4.09 -10.92
C TRP A 25 2.36 4.81 -11.18
N ILE A 26 2.84 4.72 -12.42
CA ILE A 26 4.08 5.33 -12.87
C ILE A 26 3.70 6.13 -14.09
N VAL A 27 4.08 7.40 -14.13
CA VAL A 27 3.46 8.37 -15.02
C VAL A 27 4.55 9.15 -15.73
N LYS A 28 4.43 9.26 -17.04
CA LYS A 28 5.32 10.07 -17.85
C LYS A 28 4.50 11.27 -18.35
N GLU A 29 4.91 12.47 -17.95
CA GLU A 29 4.28 13.71 -18.41
C GLU A 29 5.33 14.67 -18.97
N ASP A 30 5.31 14.87 -20.29
CA ASP A 30 6.29 15.76 -20.94
C ASP A 30 7.71 15.51 -20.44
N ASP A 31 8.36 16.58 -19.96
CA ASP A 31 9.43 16.62 -18.95
C ASP A 31 9.73 15.27 -18.28
N THR A 32 8.70 14.67 -17.67
CA THR A 32 8.83 14.13 -16.32
C THR A 32 8.23 12.75 -16.17
N LEU A 33 8.89 12.02 -15.29
CA LEU A 33 8.41 10.74 -14.83
C LEU A 33 8.29 10.88 -13.32
N TYR A 34 7.07 10.61 -12.81
CA TYR A 34 6.81 10.68 -11.38
C TYR A 34 6.00 9.45 -10.93
N VAL A 35 6.03 9.14 -9.62
CA VAL A 35 5.46 7.87 -9.13
C VAL A 35 4.32 8.21 -8.16
N ILE A 36 3.10 7.78 -8.51
CA ILE A 36 1.92 8.12 -7.74
C ILE A 36 1.45 6.93 -6.87
N GLU A 37 1.40 7.13 -5.55
CA GLU A 37 0.88 6.16 -4.59
C GLU A 37 -0.60 5.92 -4.81
N ALA A 38 -0.98 4.74 -5.27
CA ALA A 38 -2.38 4.44 -5.55
C ALA A 38 -3.15 4.25 -4.24
N LYS A 39 -3.26 5.35 -3.49
CA LYS A 39 -3.70 5.36 -2.10
C LYS A 39 -4.59 6.59 -1.95
N CYS A 40 -5.88 6.36 -1.77
CA CYS A 40 -6.82 7.46 -1.80
C CYS A 40 -6.70 8.37 -0.58
N THR A 41 -6.80 9.66 -0.83
CA THR A 41 -6.50 10.66 0.17
C THR A 41 -7.73 11.03 1.01
N HIS A 42 -8.86 10.38 0.74
CA HIS A 42 -10.08 10.41 1.53
C HIS A 42 -9.96 9.47 2.74
N LEU A 43 -10.43 8.22 2.60
CA LEU A 43 -10.26 7.20 3.63
C LEU A 43 -9.47 5.95 3.17
N GLY A 44 -8.55 6.07 2.22
CA GLY A 44 -7.51 5.04 2.09
C GLY A 44 -7.74 3.94 1.07
N CYS A 45 -8.81 3.99 0.28
CA CYS A 45 -9.02 2.94 -0.70
C CYS A 45 -8.01 3.02 -1.86
N THR A 46 -8.06 2.01 -2.70
CA THR A 46 -7.07 1.85 -3.75
C THR A 46 -7.83 2.13 -5.03
N PRO A 47 -7.57 3.28 -5.77
CA PRO A 47 -8.39 3.58 -6.93
C PRO A 47 -7.95 2.80 -8.17
N ASN A 48 -8.53 3.11 -9.35
CA ASN A 48 -8.48 2.24 -10.52
C ASN A 48 -8.36 3.04 -11.81
N TRP A 49 -7.13 3.28 -12.24
CA TRP A 49 -6.85 3.94 -13.50
C TRP A 49 -7.80 3.51 -14.62
N LEU A 50 -8.36 4.51 -15.30
CA LEU A 50 -9.40 4.32 -16.30
C LEU A 50 -9.06 5.12 -17.58
N ALA A 51 -8.30 4.48 -18.47
CA ALA A 51 -7.61 5.24 -19.51
C ALA A 51 -8.57 5.88 -20.50
N SER A 52 -9.70 5.24 -20.78
CA SER A 52 -10.60 5.82 -21.76
C SER A 52 -11.32 7.03 -21.21
N GLU A 53 -11.21 7.30 -19.93
CA GLU A 53 -11.87 8.44 -19.35
C GLU A 53 -10.90 9.42 -18.73
N GLY A 54 -9.61 9.16 -18.86
CA GLY A 54 -8.64 10.06 -18.26
C GLY A 54 -8.59 10.10 -16.74
N LYS A 55 -9.09 9.10 -16.01
CA LYS A 55 -8.97 9.20 -14.56
C LYS A 55 -8.80 7.86 -13.82
N PHE A 56 -8.17 7.96 -12.66
CA PHE A 56 -8.28 6.95 -11.62
C PHE A 56 -9.53 7.18 -10.79
N LYS A 57 -10.54 6.31 -10.92
CA LYS A 57 -11.75 6.37 -10.08
C LYS A 57 -11.60 5.43 -8.88
N CYS A 58 -11.44 6.03 -7.69
CA CYS A 58 -11.65 5.35 -6.38
C CYS A 58 -13.07 4.78 -6.29
N PRO A 59 -13.21 3.46 -6.14
CA PRO A 59 -14.56 2.88 -6.15
C PRO A 59 -15.30 3.00 -4.83
N CYS A 60 -14.67 3.52 -3.77
CA CYS A 60 -15.26 3.35 -2.45
C CYS A 60 -16.26 4.45 -2.11
N HIS A 61 -15.85 5.73 -2.18
CA HIS A 61 -16.84 6.80 -2.20
C HIS A 61 -16.87 7.49 -3.57
N GLY A 62 -16.29 6.87 -4.59
CA GLY A 62 -16.29 7.43 -5.95
C GLY A 62 -15.42 8.67 -6.18
N SER A 63 -14.21 8.72 -5.65
CA SER A 63 -13.38 9.88 -5.90
C SER A 63 -12.64 9.76 -7.24
N GLY A 64 -12.31 10.90 -7.81
CA GLY A 64 -11.80 10.99 -9.16
C GLY A 64 -10.61 11.93 -9.21
N PHE A 65 -9.54 11.48 -9.90
CA PHE A 65 -8.31 12.25 -10.00
C PHE A 65 -7.82 12.26 -11.45
N THR A 66 -7.38 13.42 -11.89
CA THR A 66 -6.75 13.49 -13.19
C THR A 66 -5.52 12.55 -13.23
N PRO A 67 -4.87 12.44 -14.41
CA PRO A 67 -3.70 11.56 -14.54
C PRO A 67 -2.48 12.06 -13.81
N ASP A 68 -2.42 13.32 -13.47
CA ASP A 68 -1.39 13.83 -12.60
C ASP A 68 -1.72 13.61 -11.14
N GLY A 69 -2.91 13.08 -10.88
CA GLY A 69 -3.32 12.72 -9.56
C GLY A 69 -4.10 13.81 -8.84
N ILE A 70 -4.05 15.04 -9.35
CA ILE A 70 -4.88 16.13 -8.81
C ILE A 70 -6.28 15.62 -8.51
N ASN A 71 -6.68 15.73 -7.26
CA ASN A 71 -8.07 15.48 -6.91
C ASN A 71 -8.95 16.58 -7.48
N ILE A 72 -9.96 16.17 -8.23
CA ILE A 72 -10.83 17.12 -8.90
C ILE A 72 -12.27 16.96 -8.44
N GLU A 73 -12.72 15.75 -8.18
CA GLU A 73 -14.08 15.51 -7.76
C GLU A 73 -14.12 14.63 -6.50
N GLY A 74 -15.24 14.75 -5.77
CA GLY A 74 -15.46 13.91 -4.64
C GLY A 74 -14.86 14.49 -3.39
N PRO A 75 -14.86 13.68 -2.33
CA PRO A 75 -14.40 14.15 -1.01
C PRO A 75 -12.93 13.98 -0.76
N ALA A 76 -12.19 13.29 -1.64
CA ALA A 76 -10.76 13.38 -1.54
C ALA A 76 -10.44 14.88 -1.42
N PRO A 77 -9.83 15.32 -0.33
CA PRO A 77 -9.54 16.74 -0.16
C PRO A 77 -8.34 17.18 -0.94
N ARG A 78 -7.55 16.23 -1.40
CA ARG A 78 -6.23 16.54 -1.90
C ARG A 78 -5.80 15.56 -2.98
N PRO A 79 -4.76 15.89 -3.74
CA PRO A 79 -4.18 14.97 -4.75
C PRO A 79 -3.65 13.69 -4.17
N LEU A 80 -3.63 12.65 -5.03
CA LEU A 80 -2.89 11.43 -4.72
C LEU A 80 -1.43 11.79 -4.53
N GLU A 81 -0.81 11.18 -3.55
CA GLU A 81 0.53 11.53 -3.16
C GLU A 81 1.55 10.91 -4.12
N ARG A 82 2.77 11.48 -4.12
CA ARG A 82 3.88 11.01 -4.95
C ARG A 82 5.12 10.68 -4.10
N PHE A 83 5.97 9.81 -4.68
CA PHE A 83 7.15 9.30 -3.99
C PHE A 83 8.44 9.78 -4.62
N LYS A 84 9.51 9.66 -3.86
CA LYS A 84 10.81 10.12 -4.34
C LYS A 84 11.36 9.17 -5.39
N VAL A 85 11.95 9.76 -6.44
CA VAL A 85 12.52 9.04 -7.56
C VAL A 85 13.94 9.51 -7.73
N ALA A 86 14.87 8.56 -7.73
CA ALA A 86 16.23 8.89 -8.09
C ALA A 86 16.84 7.73 -8.85
N LEU A 87 17.66 8.08 -9.83
CA LEU A 87 18.39 7.09 -10.60
C LEU A 87 19.41 6.37 -9.71
N GLY A 88 19.59 5.10 -9.96
CA GLY A 88 20.61 4.33 -9.27
C GLY A 88 21.88 4.22 -10.09
N ASP A 89 22.89 3.59 -9.47
CA ASP A 89 24.19 3.53 -10.13
C ASP A 89 24.10 2.81 -11.45
N ASP A 90 23.02 2.04 -11.63
CA ASP A 90 22.79 1.18 -12.78
C ASP A 90 21.83 1.78 -13.77
N GLY A 91 21.56 3.08 -13.66
CA GLY A 91 20.58 3.75 -14.49
C GLY A 91 19.12 3.41 -14.22
N GLN A 92 18.82 2.62 -13.19
CA GLN A 92 17.45 2.25 -12.98
C GLN A 92 16.83 3.07 -11.88
N ILE A 93 15.53 3.27 -11.99
CA ILE A 93 14.77 4.13 -11.10
C ILE A 93 14.61 3.44 -9.77
N ILE A 94 14.98 4.13 -8.71
CA ILE A 94 14.67 3.74 -7.34
C ILE A 94 13.58 4.62 -6.78
N VAL A 95 12.50 3.98 -6.33
CA VAL A 95 11.44 4.61 -5.58
C VAL A 95 11.79 4.53 -4.10
N ASP A 96 11.56 5.62 -3.37
CA ASP A 96 11.64 5.62 -1.91
C ASP A 96 10.32 6.11 -1.31
N GLU A 97 9.68 5.24 -0.54
CA GLU A 97 8.36 5.53 0.04
C GLU A 97 8.41 6.42 1.29
N SER A 98 9.53 7.06 1.64
CA SER A 98 9.62 7.71 2.95
C SER A 98 10.06 9.18 2.88
N THR A 99 10.25 9.71 1.66
CA THR A 99 10.11 11.14 1.45
C THR A 99 9.01 11.29 0.41
N ARG A 100 8.10 12.22 0.65
CA ARG A 100 6.80 12.20 0.00
C ARG A 100 6.45 13.63 -0.38
N TYR A 101 5.55 13.75 -1.35
CA TYR A 101 5.28 15.04 -2.00
C TYR A 101 3.79 15.17 -2.26
N ARG A 102 3.15 16.18 -1.64
CA ARG A 102 1.74 16.49 -1.86
C ARG A 102 1.60 17.70 -2.77
N GLY A 103 0.76 17.58 -3.80
CA GLY A 103 0.65 18.66 -4.78
C GLY A 103 -0.12 19.86 -4.25
N GLU A 104 -1.21 19.62 -3.52
CA GLU A 104 -2.01 20.71 -2.96
C GLU A 104 -1.19 21.59 -2.05
N ARG A 105 -0.02 21.10 -1.66
CA ARG A 105 0.91 21.77 -0.77
C ARG A 105 2.21 22.15 -1.51
N GLY A 106 2.12 22.53 -2.78
CA GLY A 106 3.30 22.92 -3.53
C GLY A 106 4.56 22.17 -3.19
N GLU A 107 4.92 21.15 -3.95
CA GLU A 107 5.74 20.09 -3.42
C GLU A 107 6.15 19.11 -4.52
N TRP A 108 5.34 19.04 -5.58
CA TRP A 108 5.80 18.52 -6.84
C TRP A 108 6.85 19.45 -7.47
N ASP A 109 6.83 20.77 -7.16
CA ASP A 109 8.04 21.57 -7.47
C ASP A 109 9.30 20.74 -7.29
N LYS A 110 9.46 20.10 -6.12
CA LYS A 110 10.75 20.06 -5.45
C LYS A 110 11.44 18.73 -5.70
N PRO A 111 12.70 18.57 -5.26
CA PRO A 111 13.52 17.49 -5.83
C PRO A 111 13.09 16.08 -5.42
N GLY A 112 13.56 15.11 -6.20
CA GLY A 112 13.12 13.74 -6.17
C GLY A 112 11.66 13.55 -6.42
N ALA A 113 10.91 14.62 -6.63
CA ALA A 113 9.47 14.46 -6.82
C ALA A 113 9.15 13.96 -8.19
N PHE A 114 10.18 13.75 -9.00
CA PHE A 114 10.07 13.77 -10.45
C PHE A 114 11.44 13.46 -11.03
N LEU A 115 11.44 13.14 -12.29
CA LEU A 115 12.69 12.87 -12.95
C LEU A 115 12.55 13.44 -14.35
N LYS A 116 13.43 14.38 -14.71
CA LYS A 116 13.49 14.88 -16.07
C LYS A 116 13.93 13.72 -16.94
N VAL A 117 13.54 13.72 -18.19
CA VAL A 117 14.18 12.77 -19.13
C VAL A 117 14.30 13.38 -20.53
N ARG B 1 -6.86 6.14 8.04
CA ARG B 1 -7.89 5.54 8.89
C ARG B 1 -9.17 5.15 8.16
N TYR B 2 -9.74 4.00 8.53
CA TYR B 2 -10.79 3.37 7.74
C TYR B 2 -11.37 2.15 8.47
N SER B 3 -12.54 1.70 8.01
CA SER B 3 -13.34 0.71 8.73
C SER B 3 -13.53 -0.58 7.93
N ILE B 4 -13.02 -1.68 8.48
CA ILE B 4 -13.21 -3.01 7.89
C ILE B 4 -14.34 -3.80 8.58
N GLY B 5 -15.35 -3.16 9.13
CA GLY B 5 -16.59 -3.87 9.47
C GLY B 5 -16.64 -4.55 10.84
N PHE B 6 -17.68 -5.37 11.01
CA PHE B 6 -17.77 -5.95 12.35
C PHE B 6 -16.86 -7.15 12.49
N PRO B 7 -16.38 -7.42 13.70
CA PRO B 7 -15.47 -8.55 13.93
C PRO B 7 -16.09 -9.89 13.59
N SER B 8 -17.42 -10.01 13.77
CA SER B 8 -18.14 -11.24 13.49
C SER B 8 -17.90 -11.70 12.05
N GLN B 9 -17.74 -10.74 11.13
CA GLN B 9 -17.44 -10.81 9.71
C GLN B 9 -16.16 -11.57 9.39
N TYR B 10 -15.51 -12.19 10.37
CA TYR B 10 -14.25 -12.86 10.12
C TYR B 10 -14.26 -14.16 10.89
N ALA B 11 -13.54 -15.12 10.36
CA ALA B 11 -13.27 -16.40 10.94
C ALA B 11 -11.83 -16.42 11.45
N SER B 12 -11.56 -17.26 12.43
CA SER B 12 -10.17 -17.60 12.71
C SER B 12 -9.47 -17.86 11.39
N GLY B 13 -8.20 -17.51 11.36
CA GLY B 13 -7.45 -17.64 10.14
C GLY B 13 -7.32 -16.31 9.44
N VAL B 14 -7.15 -16.35 8.13
CA VAL B 14 -6.63 -15.23 7.38
C VAL B 14 -7.69 -14.81 6.39
N SER B 15 -8.10 -13.56 6.48
CA SER B 15 -9.09 -13.02 5.58
C SER B 15 -8.43 -12.12 4.55
N GLU B 16 -8.82 -12.29 3.29
CA GLU B 16 -8.31 -11.50 2.16
C GLU B 16 -9.36 -10.59 1.61
N LYS B 17 -10.41 -10.34 2.37
CA LYS B 17 -11.54 -9.62 1.82
C LYS B 17 -11.29 -8.12 1.81
N PHE B 18 -10.03 -7.71 1.96
CA PHE B 18 -9.62 -6.33 1.83
C PHE B 18 -8.18 -6.23 1.33
N LYS B 19 -7.61 -7.33 0.86
CA LYS B 19 -6.24 -7.32 0.38
C LYS B 19 -6.09 -6.38 -0.83
N LYS B 20 -6.94 -6.56 -1.85
CA LYS B 20 -6.99 -5.64 -3.01
C LYS B 20 -7.21 -4.19 -2.60
N GLN B 21 -8.15 -3.94 -1.68
CA GLN B 21 -8.68 -2.60 -1.42
C GLN B 21 -7.80 -1.79 -0.46
N PHE B 22 -7.45 -2.36 0.72
CA PHE B 22 -6.64 -1.68 1.71
C PHE B 22 -5.25 -2.27 1.83
N ARG B 23 -4.91 -3.28 1.01
CA ARG B 23 -3.60 -3.93 1.04
C ARG B 23 -3.28 -4.53 2.41
N ILE B 24 -4.24 -5.27 2.97
CA ILE B 24 -4.15 -5.77 4.33
C ILE B 24 -4.65 -7.20 4.31
N TRP B 25 -4.07 -7.99 5.20
CA TRP B 25 -4.68 -9.22 5.69
C TRP B 25 -5.27 -9.00 7.09
N ILE B 26 -6.40 -9.65 7.35
CA ILE B 26 -7.15 -9.48 8.60
C ILE B 26 -7.25 -10.85 9.24
N VAL B 27 -6.58 -11.01 10.37
CA VAL B 27 -6.24 -12.30 10.90
C VAL B 27 -6.86 -12.44 12.28
N LYS B 28 -7.56 -13.55 12.50
CA LYS B 28 -8.12 -13.88 13.79
C LYS B 28 -7.36 -15.08 14.29
N GLU B 29 -6.71 -14.92 15.43
CA GLU B 29 -5.88 -15.96 16.02
C GLU B 29 -6.33 -16.14 17.45
N ASP B 30 -6.84 -17.33 17.76
CA ASP B 30 -7.41 -17.56 19.08
C ASP B 30 -8.39 -16.43 19.44
N ASP B 31 -8.14 -15.80 20.57
CA ASP B 31 -8.82 -14.65 21.17
C ASP B 31 -8.82 -13.38 20.30
N THR B 32 -7.84 -13.21 19.43
CA THR B 32 -7.43 -11.89 18.97
C THR B 32 -7.79 -11.66 17.51
N LEU B 33 -7.79 -10.38 17.12
CA LEU B 33 -7.88 -9.93 15.73
C LEU B 33 -6.83 -8.87 15.51
N TYR B 34 -5.96 -9.07 14.51
CA TYR B 34 -4.90 -8.12 14.18
C TYR B 34 -4.82 -7.90 12.65
N VAL B 35 -4.20 -6.79 12.23
CA VAL B 35 -4.29 -6.36 10.83
C VAL B 35 -2.88 -6.19 10.25
N ILE B 36 -2.49 -7.10 9.34
CA ILE B 36 -1.15 -7.16 8.76
C ILE B 36 -1.10 -6.43 7.41
N GLU B 37 -0.17 -5.48 7.29
CA GLU B 37 0.16 -4.84 6.02
C GLU B 37 0.72 -5.85 5.03
N ALA B 38 0.09 -5.99 3.87
CA ALA B 38 0.55 -6.90 2.84
C ALA B 38 1.74 -6.30 2.07
N LYS B 39 2.82 -6.11 2.81
CA LYS B 39 3.98 -5.39 2.29
C LYS B 39 5.24 -6.04 2.86
N CYS B 40 6.14 -6.42 1.98
CA CYS B 40 7.26 -7.25 2.38
C CYS B 40 8.39 -6.40 2.95
N THR B 41 8.95 -6.87 4.05
CA THR B 41 9.92 -6.03 4.73
C THR B 41 11.34 -6.19 4.18
N HIS B 42 11.53 -7.02 3.17
CA HIS B 42 12.74 -7.01 2.35
C HIS B 42 12.83 -5.76 1.48
N LEU B 43 12.33 -5.83 0.24
CA LEU B 43 12.27 -4.69 -0.66
C LEU B 43 10.84 -4.24 -1.00
N GLY B 44 9.81 -4.86 -0.42
CA GLY B 44 8.50 -4.26 -0.49
C GLY B 44 7.56 -4.74 -1.56
N CYS B 45 7.71 -5.96 -2.06
CA CYS B 45 6.65 -6.51 -2.88
C CYS B 45 5.45 -6.88 -2.00
N THR B 46 4.28 -6.75 -2.57
CA THR B 46 3.10 -7.25 -1.94
C THR B 46 3.22 -8.76 -1.99
N PRO B 47 3.00 -9.51 -0.84
CA PRO B 47 3.05 -10.98 -0.92
C PRO B 47 1.66 -11.54 -1.23
N ASN B 48 1.49 -12.87 -1.23
CA ASN B 48 0.27 -13.49 -1.71
C ASN B 48 -0.05 -14.68 -0.83
N TRP B 49 -1.12 -14.55 -0.05
CA TRP B 49 -1.52 -15.57 0.89
C TRP B 49 -1.73 -16.89 0.18
N LEU B 50 -1.35 -17.98 0.84
CA LEU B 50 -1.34 -19.31 0.27
C LEU B 50 -1.86 -20.29 1.33
N ALA B 51 -3.18 -20.50 1.36
CA ALA B 51 -3.79 -21.21 2.49
C ALA B 51 -3.25 -22.63 2.60
N SER B 52 -3.46 -23.46 1.58
CA SER B 52 -2.79 -24.76 1.53
C SER B 52 -1.29 -24.55 1.41
N GLU B 53 -0.66 -24.19 2.51
CA GLU B 53 0.78 -24.03 2.70
C GLU B 53 1.06 -23.20 3.93
N GLY B 54 0.03 -22.60 4.48
CA GLY B 54 0.17 -21.88 5.73
C GLY B 54 1.10 -20.70 5.68
N LYS B 55 1.26 -20.04 4.52
CA LYS B 55 2.16 -18.89 4.52
C LYS B 55 1.75 -17.77 3.55
N PHE B 56 2.26 -16.61 3.87
CA PHE B 56 2.38 -15.54 2.89
C PHE B 56 3.70 -15.69 2.18
N LYS B 57 3.67 -15.83 0.86
CA LYS B 57 4.88 -16.04 0.07
C LYS B 57 5.03 -14.91 -0.95
N CYS B 58 5.93 -13.95 -0.63
CA CYS B 58 6.39 -12.90 -1.55
C CYS B 58 6.86 -13.50 -2.86
N PRO B 59 6.33 -13.05 -4.00
CA PRO B 59 6.68 -13.63 -5.30
C PRO B 59 7.94 -13.11 -5.97
N CYS B 60 8.68 -12.19 -5.36
CA CYS B 60 9.77 -11.56 -6.08
C CYS B 60 11.08 -12.32 -5.92
N HIS B 61 11.40 -12.67 -4.69
CA HIS B 61 12.66 -13.35 -4.41
C HIS B 61 12.44 -14.52 -3.45
N GLY B 62 11.26 -14.64 -2.87
CA GLY B 62 10.85 -15.86 -2.18
C GLY B 62 10.56 -15.76 -0.71
N SER B 63 10.21 -14.59 -0.20
CA SER B 63 9.99 -14.51 1.23
C SER B 63 8.69 -15.18 1.64
N GLY B 64 8.54 -15.32 2.92
CA GLY B 64 7.79 -16.41 3.49
C GLY B 64 7.57 -16.05 4.94
N PHE B 65 6.32 -15.81 5.27
CA PHE B 65 5.94 -15.54 6.63
C PHE B 65 4.84 -16.51 7.01
N THR B 66 4.82 -16.88 8.28
CA THR B 66 3.78 -17.73 8.78
C THR B 66 2.49 -16.91 8.89
N PRO B 67 1.34 -17.54 9.17
CA PRO B 67 0.07 -16.80 9.09
C PRO B 67 0.00 -15.61 10.04
N ASP B 68 0.96 -15.45 10.92
CA ASP B 68 1.00 -14.32 11.83
C ASP B 68 1.98 -13.22 11.39
N GLY B 69 2.50 -13.29 10.18
CA GLY B 69 3.41 -12.28 9.69
C GLY B 69 4.91 -12.54 9.91
N ILE B 70 5.30 -13.34 10.92
CA ILE B 70 6.71 -13.73 11.13
C ILE B 70 7.38 -14.06 9.82
N ASN B 71 8.49 -13.40 9.54
CA ASN B 71 9.39 -13.84 8.49
C ASN B 71 10.15 -15.07 8.96
N ILE B 72 10.07 -16.14 8.17
CA ILE B 72 10.69 -17.40 8.51
C ILE B 72 11.64 -17.91 7.43
N GLU B 73 11.39 -17.57 6.15
CA GLU B 73 12.23 -17.98 5.03
C GLU B 73 12.43 -16.79 4.08
N GLY B 74 13.27 -17.03 3.05
CA GLY B 74 13.57 -16.05 2.03
C GLY B 74 14.39 -14.87 2.54
N PRO B 75 14.66 -13.89 1.64
CA PRO B 75 15.47 -12.71 2.00
C PRO B 75 14.81 -11.73 2.95
N ALA B 76 13.51 -11.85 3.19
CA ALA B 76 12.83 -10.92 4.08
C ALA B 76 13.45 -10.99 5.48
N PRO B 77 13.82 -9.87 6.07
CA PRO B 77 14.52 -9.87 7.36
C PRO B 77 13.67 -9.66 8.59
N ARG B 78 12.39 -9.37 8.49
CA ARG B 78 11.68 -8.97 9.68
C ARG B 78 10.19 -9.21 9.49
N PRO B 79 9.46 -9.41 10.57
CA PRO B 79 8.03 -9.76 10.45
C PRO B 79 7.24 -8.63 9.81
N LEU B 80 6.25 -9.02 9.00
CA LEU B 80 5.33 -8.07 8.37
C LEU B 80 4.69 -7.21 9.44
N GLU B 81 4.46 -5.95 9.14
CA GLU B 81 4.04 -5.02 10.17
C GLU B 81 2.55 -5.17 10.44
N ARG B 82 2.10 -4.60 11.55
CA ARG B 82 0.70 -4.61 11.94
C ARG B 82 0.20 -3.20 12.19
N PHE B 83 -1.11 -3.03 12.07
CA PHE B 83 -1.76 -1.74 12.05
C PHE B 83 -2.63 -1.56 13.29
N LYS B 84 -2.85 -0.30 13.69
CA LYS B 84 -3.67 -0.07 14.87
C LYS B 84 -5.14 -0.37 14.57
N VAL B 85 -5.82 -1.04 15.51
CA VAL B 85 -7.21 -1.42 15.31
C VAL B 85 -7.98 -1.11 16.59
N ALA B 86 -9.09 -0.42 16.43
CA ALA B 86 -9.92 -0.09 17.57
C ALA B 86 -11.38 -0.22 17.21
N LEU B 87 -12.17 -0.52 18.23
CA LEU B 87 -13.62 -0.54 18.13
C LEU B 87 -14.17 0.85 17.91
N GLY B 88 -15.20 0.95 17.05
CA GLY B 88 -15.89 2.20 16.80
C GLY B 88 -17.04 2.42 17.79
N ASP B 89 -17.78 3.52 17.65
CA ASP B 89 -18.89 3.70 18.59
C ASP B 89 -20.06 2.84 18.13
N ASP B 90 -19.83 2.20 16.98
CA ASP B 90 -20.84 1.60 16.13
C ASP B 90 -20.62 0.13 15.94
N GLY B 91 -19.54 -0.41 16.53
CA GLY B 91 -19.21 -1.80 16.47
C GLY B 91 -18.09 -2.19 15.54
N GLN B 92 -17.76 -1.34 14.59
CA GLN B 92 -16.88 -1.72 13.50
C GLN B 92 -15.43 -1.42 13.81
N ILE B 93 -14.56 -2.24 13.22
CA ILE B 93 -13.11 -2.10 13.34
C ILE B 93 -12.67 -0.88 12.56
N ILE B 94 -11.98 0.03 13.21
CA ILE B 94 -11.29 1.11 12.50
C ILE B 94 -9.80 0.83 12.54
N VAL B 95 -9.23 0.63 11.34
CA VAL B 95 -7.79 0.51 11.12
C VAL B 95 -7.18 1.90 11.09
N ASP B 96 -5.98 2.04 11.62
CA ASP B 96 -5.26 3.32 11.66
C ASP B 96 -3.84 3.08 11.14
N GLU B 97 -3.61 3.35 9.86
CA GLU B 97 -2.29 3.00 9.31
C GLU B 97 -1.16 3.91 9.80
N SER B 98 -1.40 4.81 10.76
CA SER B 98 -0.37 5.77 11.12
C SER B 98 0.49 5.28 12.27
N THR B 99 0.03 4.31 13.02
CA THR B 99 0.95 3.59 13.90
C THR B 99 1.16 2.22 13.29
N ARG B 100 2.12 1.50 13.82
CA ARG B 100 2.51 0.24 13.23
C ARG B 100 3.23 -0.50 14.32
N TYR B 101 3.15 -1.83 14.29
CA TYR B 101 3.76 -2.67 15.31
C TYR B 101 4.57 -3.74 14.60
N ARG B 102 5.83 -3.87 14.99
CA ARG B 102 6.70 -4.91 14.48
C ARG B 102 6.98 -5.95 15.57
N GLY B 103 6.87 -7.22 15.22
CA GLY B 103 6.97 -8.25 16.23
C GLY B 103 8.38 -8.43 16.75
N GLU B 104 9.38 -8.15 15.90
CA GLU B 104 10.78 -8.15 16.30
C GLU B 104 11.02 -7.21 17.46
N ARG B 105 10.19 -6.19 17.57
CA ARG B 105 10.35 -5.18 18.61
C ARG B 105 9.32 -5.36 19.74
N GLY B 106 8.80 -6.59 19.89
CA GLY B 106 7.85 -6.91 20.94
C GLY B 106 6.49 -6.25 20.85
N GLU B 107 6.30 -5.33 19.90
CA GLU B 107 5.22 -4.35 19.98
C GLU B 107 3.85 -4.97 19.73
N TRP B 108 3.80 -6.22 19.33
CA TRP B 108 2.57 -6.85 18.88
C TRP B 108 1.58 -7.00 20.02
N ASP B 109 2.03 -6.78 21.25
CA ASP B 109 1.18 -6.99 22.41
C ASP B 109 0.69 -5.69 22.98
N LYS B 110 1.14 -4.58 22.39
CA LYS B 110 0.74 -3.25 22.81
C LYS B 110 -0.73 -3.02 22.48
N PRO B 111 -1.35 -2.01 23.08
CA PRO B 111 -2.74 -1.69 22.74
C PRO B 111 -2.81 -1.11 21.34
N GLY B 112 -3.94 -1.31 20.68
CA GLY B 112 -4.09 -0.96 19.29
C GLY B 112 -3.42 -1.92 18.34
N ALA B 113 -2.57 -2.81 18.84
CA ALA B 113 -1.98 -3.82 17.99
C ALA B 113 -2.93 -4.96 17.72
N PHE B 114 -3.93 -5.15 18.56
CA PHE B 114 -4.87 -6.24 18.39
C PHE B 114 -6.17 -5.86 19.05
N LEU B 115 -7.15 -6.73 18.88
CA LEU B 115 -8.52 -6.48 19.31
C LEU B 115 -9.00 -7.81 19.86
N LYS B 116 -9.19 -7.89 21.18
CA LYS B 116 -9.68 -9.14 21.73
C LYS B 116 -11.15 -9.25 21.41
N VAL B 117 -11.58 -10.49 21.27
CA VAL B 117 -12.99 -10.84 21.15
C VAL B 117 -13.39 -11.68 22.39
FE1 FES C . -13.44 7.43 -0.06
FE2 FES C . -11.39 7.15 -1.92
S1 FES C . -11.49 6.25 0.10
S2 FES C . -13.35 8.42 -2.01
FE1 FES D . 12.34 -9.38 -1.70
FE2 FES D . 9.79 -9.66 -0.62
S1 FES D . 10.62 -7.91 -1.76
S2 FES D . 11.45 -11.26 -0.96
N ARG A 1 11.82 0.76 0.01
CA ARG A 1 12.30 1.25 -1.27
C ARG A 1 12.83 0.17 -2.25
N TYR A 2 12.72 0.44 -3.55
CA TYR A 2 12.71 -0.60 -4.58
C TYR A 2 12.99 -0.01 -5.97
N SER A 3 13.15 -0.90 -6.94
CA SER A 3 13.52 -0.54 -8.30
C SER A 3 12.36 -0.76 -9.24
N ILE A 4 12.29 0.01 -10.32
CA ILE A 4 11.22 -0.21 -11.29
C ILE A 4 11.76 -0.16 -12.69
N GLY A 5 13.12 -0.24 -12.85
CA GLY A 5 13.73 -0.43 -14.15
C GLY A 5 14.08 0.87 -14.86
N PHE A 6 14.33 0.75 -16.14
CA PHE A 6 14.86 1.89 -16.84
C PHE A 6 13.74 2.83 -17.29
N PRO A 7 13.96 4.14 -17.26
CA PRO A 7 12.93 5.06 -17.78
C PRO A 7 12.41 4.71 -19.19
N SER A 8 13.24 4.13 -20.06
CA SER A 8 12.80 3.77 -21.40
C SER A 8 11.62 2.81 -21.38
N GLN A 9 11.51 1.95 -20.35
CA GLN A 9 10.43 0.98 -20.12
C GLN A 9 9.10 1.66 -19.79
N TYR A 10 8.87 2.91 -20.22
CA TYR A 10 7.62 3.58 -19.94
C TYR A 10 7.30 4.46 -21.13
N ALA A 11 6.02 4.54 -21.45
CA ALA A 11 5.54 5.46 -22.46
C ALA A 11 4.89 6.69 -21.80
N SER A 12 4.63 7.69 -22.61
CA SER A 12 3.89 8.80 -22.05
C SER A 12 2.55 8.29 -21.55
N GLY A 13 2.06 8.91 -20.51
CA GLY A 13 0.80 8.50 -19.92
C GLY A 13 1.01 7.66 -18.67
N VAL A 14 0.08 6.75 -18.42
CA VAL A 14 -0.06 6.04 -17.15
C VAL A 14 0.32 4.59 -17.36
N SER A 15 1.26 4.12 -16.56
CA SER A 15 1.64 2.72 -16.58
C SER A 15 1.14 2.05 -15.31
N GLU A 16 0.46 0.92 -15.49
CA GLU A 16 0.10 0.03 -14.40
C GLU A 16 1.09 -1.12 -14.23
N LYS A 17 2.31 -0.98 -14.74
CA LYS A 17 3.20 -2.14 -14.74
C LYS A 17 3.45 -2.66 -13.34
N PHE A 18 3.31 -1.81 -12.33
CA PHE A 18 3.62 -2.18 -10.95
C PHE A 18 2.47 -1.87 -10.01
N LYS A 19 1.25 -1.79 -10.52
CA LYS A 19 0.13 -1.49 -9.64
C LYS A 19 -0.14 -2.66 -8.71
N LYS A 20 -0.26 -3.87 -9.27
CA LYS A 20 -0.48 -5.05 -8.42
C LYS A 20 0.62 -5.23 -7.38
N GLN A 21 1.85 -4.90 -7.74
CA GLN A 21 3.00 -5.34 -6.97
C GLN A 21 3.43 -4.30 -5.93
N PHE A 22 3.42 -3.02 -6.29
CA PHE A 22 3.84 -1.95 -5.38
C PHE A 22 2.77 -0.91 -5.17
N ARG A 23 1.55 -1.11 -5.68
CA ARG A 23 0.44 -0.18 -5.48
C ARG A 23 0.79 1.23 -5.95
N ILE A 24 1.42 1.32 -7.13
CA ILE A 24 1.85 2.59 -7.69
C ILE A 24 1.41 2.63 -9.15
N TRP A 25 1.24 3.85 -9.64
CA TRP A 25 1.20 4.14 -11.05
C TRP A 25 2.45 4.91 -11.42
N ILE A 26 2.92 4.72 -12.64
CA ILE A 26 4.17 5.30 -13.12
C ILE A 26 3.84 6.17 -14.31
N VAL A 27 3.98 7.49 -14.15
CA VAL A 27 3.38 8.45 -15.06
C VAL A 27 4.46 9.24 -15.76
N LYS A 28 4.32 9.40 -17.06
CA LYS A 28 5.17 10.32 -17.84
C LYS A 28 4.28 11.44 -18.35
N GLU A 29 4.43 12.63 -17.76
CA GLU A 29 3.63 13.83 -18.04
C GLU A 29 4.55 14.81 -18.72
N ASP A 30 4.39 14.96 -20.03
CA ASP A 30 5.42 15.64 -20.83
C ASP A 30 6.74 15.12 -20.27
N ASP A 31 7.83 15.88 -20.37
CA ASP A 31 9.16 15.35 -20.09
C ASP A 31 9.47 15.17 -18.61
N THR A 32 8.57 14.58 -17.83
CA THR A 32 8.98 14.07 -16.53
C THR A 32 8.22 12.79 -16.19
N LEU A 33 8.97 11.90 -15.58
CA LEU A 33 8.43 10.70 -14.97
C LEU A 33 8.29 10.93 -13.46
N TYR A 34 7.12 10.59 -12.92
CA TYR A 34 6.91 10.58 -11.49
C TYR A 34 6.03 9.41 -11.07
N VAL A 35 6.06 9.06 -9.77
CA VAL A 35 5.53 7.77 -9.28
C VAL A 35 4.47 8.04 -8.23
N ILE A 36 3.19 7.84 -8.60
CA ILE A 36 2.05 8.19 -7.76
C ILE A 36 1.59 6.97 -6.92
N GLU A 37 1.43 7.18 -5.61
CA GLU A 37 0.81 6.20 -4.71
C GLU A 37 -0.62 5.92 -5.13
N ALA A 38 -1.01 4.67 -5.20
CA ALA A 38 -2.39 4.36 -5.55
C ALA A 38 -3.24 4.26 -4.27
N LYS A 39 -3.23 5.36 -3.52
CA LYS A 39 -3.92 5.44 -2.23
C LYS A 39 -4.81 6.67 -2.22
N CYS A 40 -6.10 6.41 -2.39
CA CYS A 40 -7.13 7.42 -2.25
C CYS A 40 -6.93 8.25 -0.98
N THR A 41 -6.79 9.54 -1.18
CA THR A 41 -6.49 10.48 -0.13
C THR A 41 -7.73 10.77 0.72
N HIS A 42 -8.87 10.13 0.39
CA HIS A 42 -10.08 10.26 1.18
C HIS A 42 -9.99 9.44 2.48
N LEU A 43 -10.40 8.19 2.43
CA LEU A 43 -10.16 7.27 3.53
C LEU A 43 -9.37 6.01 3.09
N GLY A 44 -8.55 6.09 2.05
CA GLY A 44 -7.47 5.11 1.92
C GLY A 44 -7.72 3.92 1.01
N CYS A 45 -8.79 3.93 0.22
CA CYS A 45 -8.94 2.85 -0.74
C CYS A 45 -7.80 2.89 -1.78
N THR A 46 -7.85 1.97 -2.72
CA THR A 46 -6.87 1.97 -3.78
C THR A 46 -7.65 2.13 -5.07
N PRO A 47 -7.48 3.25 -5.84
CA PRO A 47 -8.34 3.47 -6.98
C PRO A 47 -7.93 2.68 -8.23
N ASN A 48 -8.65 2.92 -9.32
CA ASN A 48 -8.53 2.17 -10.56
C ASN A 48 -8.28 3.13 -11.71
N TRP A 49 -7.14 2.97 -12.37
CA TRP A 49 -6.88 3.61 -13.66
C TRP A 49 -7.88 3.18 -14.73
N LEU A 50 -8.51 4.14 -15.37
CA LEU A 50 -9.42 3.87 -16.49
C LEU A 50 -9.05 4.80 -17.66
N ALA A 51 -8.18 4.27 -18.51
CA ALA A 51 -7.55 5.11 -19.52
C ALA A 51 -8.57 5.85 -20.37
N SER A 52 -9.72 5.23 -20.65
CA SER A 52 -10.59 5.79 -21.68
C SER A 52 -11.29 7.04 -21.19
N GLU A 53 -11.25 7.29 -19.91
CA GLU A 53 -11.92 8.44 -19.34
C GLU A 53 -10.95 9.44 -18.79
N GLY A 54 -9.66 9.20 -18.97
CA GLY A 54 -8.67 10.08 -18.42
C GLY A 54 -8.61 10.16 -16.91
N LYS A 55 -8.92 9.10 -16.15
CA LYS A 55 -8.73 9.26 -14.72
C LYS A 55 -8.67 7.97 -13.89
N PHE A 56 -8.15 8.15 -12.69
CA PHE A 56 -8.16 7.15 -11.64
C PHE A 56 -9.40 7.32 -10.79
N LYS A 57 -10.39 6.42 -10.89
CA LYS A 57 -11.61 6.65 -10.11
C LYS A 57 -11.67 5.63 -8.97
N CYS A 58 -11.45 6.17 -7.74
CA CYS A 58 -11.62 5.42 -6.49
C CYS A 58 -13.05 4.97 -6.37
N PRO A 59 -13.30 3.69 -6.19
CA PRO A 59 -14.68 3.21 -6.23
C PRO A 59 -15.40 3.29 -4.88
N CYS A 60 -14.79 3.81 -3.82
CA CYS A 60 -15.35 3.52 -2.51
C CYS A 60 -16.64 4.28 -2.32
N HIS A 61 -16.52 5.57 -2.25
CA HIS A 61 -17.66 6.43 -2.48
C HIS A 61 -17.55 7.15 -3.82
N GLY A 62 -16.66 6.70 -4.69
CA GLY A 62 -16.49 7.29 -6.00
C GLY A 62 -15.58 8.48 -6.06
N SER A 63 -14.27 8.32 -5.94
CA SER A 63 -13.41 9.46 -6.19
C SER A 63 -12.65 9.26 -7.51
N GLY A 64 -11.89 10.25 -7.89
CA GLY A 64 -11.63 10.51 -9.30
C GLY A 64 -10.57 11.58 -9.43
N PHE A 65 -9.44 11.20 -10.05
CA PHE A 65 -8.29 12.08 -10.13
C PHE A 65 -7.79 12.09 -11.57
N THR A 66 -7.47 13.28 -12.07
CA THR A 66 -6.89 13.36 -13.38
C THR A 66 -5.63 12.48 -13.46
N PRO A 67 -5.05 12.34 -14.66
CA PRO A 67 -3.87 11.46 -14.82
C PRO A 67 -2.63 12.03 -14.23
N ASP A 68 -2.72 13.07 -13.42
CA ASP A 68 -1.61 13.63 -12.70
C ASP A 68 -1.86 13.55 -11.21
N GLY A 69 -2.99 13.00 -10.82
CA GLY A 69 -3.26 12.80 -9.42
C GLY A 69 -4.23 13.81 -8.82
N ILE A 70 -4.39 14.98 -9.46
CA ILE A 70 -5.37 15.98 -9.03
C ILE A 70 -6.75 15.36 -8.88
N ASN A 71 -7.38 15.62 -7.75
CA ASN A 71 -8.72 15.10 -7.48
C ASN A 71 -9.78 16.05 -8.01
N ILE A 72 -10.78 15.50 -8.69
CA ILE A 72 -11.78 16.32 -9.34
C ILE A 72 -13.20 15.87 -9.06
N GLU A 73 -13.44 14.61 -8.73
CA GLU A 73 -14.80 14.14 -8.47
C GLU A 73 -14.83 13.17 -7.28
N GLY A 74 -16.06 12.95 -6.80
CA GLY A 74 -16.30 12.19 -5.61
C GLY A 74 -15.91 12.91 -4.34
N PRO A 75 -15.97 12.18 -3.22
CA PRO A 75 -15.61 12.76 -1.91
C PRO A 75 -14.18 13.20 -1.74
N ALA A 76 -13.23 12.64 -2.51
CA ALA A 76 -11.82 12.73 -2.15
C ALA A 76 -11.36 14.18 -2.16
N PRO A 77 -10.56 14.60 -1.19
CA PRO A 77 -10.37 16.04 -0.95
C PRO A 77 -9.06 16.57 -1.43
N ARG A 78 -8.17 15.71 -1.91
CA ARG A 78 -6.84 16.14 -2.30
C ARG A 78 -6.25 15.19 -3.33
N PRO A 79 -5.23 15.64 -4.07
CA PRO A 79 -4.49 14.76 -4.98
C PRO A 79 -3.80 13.60 -4.29
N LEU A 80 -3.73 12.49 -5.04
CA LEU A 80 -2.92 11.33 -4.68
C LEU A 80 -1.48 11.77 -4.48
N GLU A 81 -0.80 11.15 -3.54
CA GLU A 81 0.55 11.56 -3.18
C GLU A 81 1.55 10.99 -4.17
N ARG A 82 2.80 11.49 -4.09
CA ARG A 82 3.90 11.04 -4.93
C ARG A 82 5.12 10.64 -4.11
N PHE A 83 5.90 9.70 -4.66
CA PHE A 83 7.02 9.12 -3.96
C PHE A 83 8.32 9.59 -4.60
N LYS A 84 9.39 9.52 -3.84
CA LYS A 84 10.67 9.95 -4.39
C LYS A 84 11.07 9.05 -5.56
N VAL A 85 11.92 9.58 -6.43
CA VAL A 85 12.52 8.81 -7.51
C VAL A 85 13.97 9.20 -7.58
N ALA A 86 14.83 8.23 -7.91
CA ALA A 86 16.17 8.59 -8.32
C ALA A 86 16.84 7.43 -9.03
N LEU A 87 17.30 7.72 -10.24
CA LEU A 87 18.26 6.89 -10.97
C LEU A 87 19.35 6.33 -10.05
N GLY A 88 19.47 5.01 -10.00
CA GLY A 88 20.68 4.39 -9.53
C GLY A 88 21.81 4.49 -10.54
N ASP A 89 22.98 4.01 -10.15
CA ASP A 89 24.10 4.10 -11.07
C ASP A 89 24.25 2.86 -11.91
N ASP A 90 23.26 1.95 -11.81
CA ASP A 90 22.97 0.99 -12.85
C ASP A 90 21.96 1.53 -13.85
N GLY A 91 21.56 2.81 -13.69
CA GLY A 91 20.60 3.44 -14.58
C GLY A 91 19.14 3.28 -14.23
N GLN A 92 18.79 2.41 -13.29
CA GLN A 92 17.38 2.10 -13.11
C GLN A 92 16.78 2.96 -12.02
N ILE A 93 15.48 3.26 -12.19
CA ILE A 93 14.69 4.09 -11.27
C ILE A 93 14.57 3.41 -9.91
N ILE A 94 15.01 4.09 -8.86
CA ILE A 94 14.73 3.70 -7.48
C ILE A 94 13.64 4.58 -6.89
N VAL A 95 12.53 3.96 -6.52
CA VAL A 95 11.43 4.60 -5.79
C VAL A 95 11.70 4.48 -4.30
N ASP A 96 11.56 5.58 -3.56
CA ASP A 96 11.67 5.57 -2.11
C ASP A 96 10.41 6.15 -1.47
N GLU A 97 9.66 5.30 -0.79
CA GLU A 97 8.41 5.73 -0.16
C GLU A 97 8.61 6.46 1.17
N SER A 98 9.80 7.01 1.39
CA SER A 98 10.19 7.51 2.71
C SER A 98 10.08 9.03 2.76
N THR A 99 10.28 9.67 1.63
CA THR A 99 9.94 11.07 1.48
C THR A 99 8.69 11.12 0.61
N ARG A 100 7.97 12.23 0.65
CA ARG A 100 6.71 12.31 -0.03
C ARG A 100 6.46 13.76 -0.38
N TYR A 101 5.62 13.95 -1.38
CA TYR A 101 5.41 15.23 -2.05
C TYR A 101 3.92 15.36 -2.30
N ARG A 102 3.32 16.47 -1.85
CA ARG A 102 1.88 16.64 -2.01
C ARG A 102 1.53 17.80 -2.95
N GLY A 103 0.58 17.54 -3.84
CA GLY A 103 0.34 18.44 -4.94
C GLY A 103 -0.32 19.74 -4.51
N GLU A 104 -1.21 19.67 -3.53
CA GLU A 104 -1.92 20.84 -3.06
C GLU A 104 -1.05 21.69 -2.14
N ARG A 105 0.08 21.17 -1.67
CA ARG A 105 1.14 22.02 -1.15
C ARG A 105 2.20 22.28 -2.21
N GLY A 106 1.86 22.05 -3.48
CA GLY A 106 2.76 22.22 -4.60
C GLY A 106 4.10 21.53 -4.52
N GLU A 107 4.29 20.58 -3.61
CA GLU A 107 5.61 20.01 -3.42
C GLU A 107 6.00 19.11 -4.59
N TRP A 108 5.17 19.04 -5.64
CA TRP A 108 5.40 18.07 -6.71
C TRP A 108 6.63 18.41 -7.52
N ASP A 109 7.14 19.63 -7.37
CA ASP A 109 8.27 20.10 -8.15
C ASP A 109 9.54 20.11 -7.32
N LYS A 110 9.42 19.99 -5.98
CA LYS A 110 10.59 20.05 -5.11
C LYS A 110 11.53 18.92 -5.52
N PRO A 111 12.73 18.82 -4.94
CA PRO A 111 13.69 17.84 -5.46
C PRO A 111 13.34 16.40 -5.10
N GLY A 112 13.37 15.53 -6.10
CA GLY A 112 13.02 14.14 -5.96
C GLY A 112 11.63 13.79 -6.44
N ALA A 113 10.67 14.72 -6.33
CA ALA A 113 9.31 14.50 -6.77
C ALA A 113 9.20 13.88 -8.15
N PHE A 114 10.24 13.94 -8.95
CA PHE A 114 10.12 13.66 -10.38
C PHE A 114 11.50 13.33 -10.91
N LEU A 115 11.53 12.98 -12.19
CA LEU A 115 12.77 12.70 -12.88
C LEU A 115 12.69 13.38 -14.22
N LYS A 116 13.75 14.09 -14.60
CA LYS A 116 13.84 14.68 -15.93
C LYS A 116 14.05 13.57 -16.95
N VAL A 117 13.17 13.47 -17.95
CA VAL A 117 13.22 12.33 -18.90
C VAL A 117 13.16 12.79 -20.36
N ARG B 1 -7.33 6.62 7.85
CA ARG B 1 -8.17 5.73 8.65
C ARG B 1 -9.37 5.21 7.87
N TYR B 2 -9.81 3.99 8.17
CA TYR B 2 -10.88 3.33 7.45
C TYR B 2 -11.53 2.22 8.28
N SER B 3 -12.70 1.78 7.83
CA SER B 3 -13.47 0.71 8.47
C SER B 3 -13.28 -0.60 7.72
N ILE B 4 -13.38 -1.71 8.44
CA ILE B 4 -13.38 -3.04 7.85
C ILE B 4 -14.50 -3.85 8.52
N GLY B 5 -15.31 -3.23 9.36
CA GLY B 5 -16.56 -3.86 9.73
C GLY B 5 -16.58 -4.51 11.11
N PHE B 6 -17.58 -5.31 11.31
CA PHE B 6 -17.76 -5.92 12.62
C PHE B 6 -16.88 -7.15 12.78
N PRO B 7 -16.36 -7.38 13.99
CA PRO B 7 -15.46 -8.53 14.23
C PRO B 7 -16.05 -9.84 13.75
N SER B 8 -17.34 -10.03 13.94
CA SER B 8 -17.94 -11.32 13.67
C SER B 8 -17.86 -11.70 12.22
N GLN B 9 -17.86 -10.70 11.36
CA GLN B 9 -17.65 -10.83 9.94
C GLN B 9 -16.55 -11.83 9.62
N TYR B 10 -15.45 -11.77 10.35
CA TYR B 10 -14.27 -12.55 10.00
C TYR B 10 -14.37 -13.87 10.72
N ALA B 11 -13.38 -14.73 10.51
CA ALA B 11 -13.25 -16.07 11.02
C ALA B 11 -11.79 -16.36 11.35
N SER B 12 -11.56 -17.21 12.36
CA SER B 12 -10.20 -17.67 12.63
C SER B 12 -9.54 -17.98 11.31
N GLY B 13 -8.27 -17.63 11.22
CA GLY B 13 -7.56 -17.74 9.98
C GLY B 13 -7.33 -16.38 9.34
N VAL B 14 -7.06 -16.40 8.06
CA VAL B 14 -6.61 -15.21 7.34
C VAL B 14 -7.68 -14.83 6.35
N SER B 15 -8.16 -13.62 6.47
CA SER B 15 -9.17 -13.09 5.57
C SER B 15 -8.49 -12.21 4.56
N GLU B 16 -8.97 -12.25 3.32
CA GLU B 16 -8.41 -11.43 2.24
C GLU B 16 -9.42 -10.44 1.71
N LYS B 17 -10.49 -10.21 2.46
CA LYS B 17 -11.61 -9.37 2.02
C LYS B 17 -11.14 -8.01 1.53
N PHE B 18 -9.99 -7.57 1.99
CA PHE B 18 -9.56 -6.20 1.86
C PHE B 18 -8.13 -6.09 1.30
N LYS B 19 -7.59 -7.18 0.74
CA LYS B 19 -6.24 -7.11 0.19
C LYS B 19 -6.21 -6.19 -1.02
N LYS B 20 -7.04 -6.50 -2.03
CA LYS B 20 -7.80 -5.52 -2.84
C LYS B 20 -7.46 -4.08 -2.54
N GLN B 21 -8.12 -3.55 -1.53
CA GLN B 21 -8.59 -2.19 -1.40
C GLN B 21 -7.73 -1.40 -0.42
N PHE B 22 -7.21 -2.08 0.61
CA PHE B 22 -6.36 -1.46 1.61
C PHE B 22 -5.03 -2.20 1.79
N ARG B 23 -4.72 -3.19 0.96
CA ARG B 23 -3.47 -3.95 1.06
C ARG B 23 -3.20 -4.50 2.47
N ILE B 24 -4.18 -5.19 3.03
CA ILE B 24 -4.06 -5.74 4.37
C ILE B 24 -4.63 -7.14 4.34
N TRP B 25 -4.08 -7.99 5.20
CA TRP B 25 -4.76 -9.18 5.66
C TRP B 25 -5.37 -8.93 7.05
N ILE B 26 -6.51 -9.54 7.30
CA ILE B 26 -7.21 -9.40 8.57
C ILE B 26 -7.31 -10.78 9.17
N VAL B 27 -6.59 -10.99 10.26
CA VAL B 27 -6.21 -12.30 10.73
C VAL B 27 -6.81 -12.50 12.11
N LYS B 28 -7.34 -13.67 12.35
CA LYS B 28 -8.00 -14.00 13.60
C LYS B 28 -7.31 -15.24 14.13
N GLU B 29 -6.61 -15.09 15.25
CA GLU B 29 -5.77 -16.15 15.80
C GLU B 29 -6.33 -16.49 17.16
N ASP B 30 -6.74 -17.75 17.34
CA ASP B 30 -7.30 -18.13 18.63
C ASP B 30 -8.30 -17.02 19.03
N ASP B 31 -7.97 -16.30 20.09
CA ASP B 31 -8.81 -15.32 20.75
C ASP B 31 -8.81 -13.93 20.10
N THR B 32 -7.96 -13.68 19.12
CA THR B 32 -7.52 -12.32 18.82
C THR B 32 -7.76 -11.96 17.35
N LEU B 33 -7.84 -10.65 17.08
CA LEU B 33 -7.92 -10.10 15.72
C LEU B 33 -6.89 -8.98 15.57
N TYR B 34 -6.01 -9.12 14.56
CA TYR B 34 -5.03 -8.09 14.22
C TYR B 34 -4.98 -7.90 12.70
N VAL B 35 -4.22 -6.90 12.22
CA VAL B 35 -4.30 -6.50 10.82
C VAL B 35 -2.90 -6.34 10.21
N ILE B 36 -2.58 -7.18 9.24
CA ILE B 36 -1.25 -7.24 8.63
C ILE B 36 -1.20 -6.42 7.34
N GLU B 37 -0.29 -5.44 7.31
CA GLU B 37 0.12 -4.79 6.06
C GLU B 37 0.69 -5.83 5.11
N ALA B 38 0.07 -5.98 3.95
CA ALA B 38 0.60 -6.87 2.93
C ALA B 38 1.76 -6.18 2.18
N LYS B 39 2.78 -5.85 2.96
CA LYS B 39 3.99 -5.22 2.44
C LYS B 39 5.22 -5.99 2.92
N CYS B 40 5.95 -6.55 1.97
CA CYS B 40 7.11 -7.37 2.31
C CYS B 40 8.22 -6.49 2.83
N THR B 41 8.82 -6.91 3.93
CA THR B 41 9.77 -6.04 4.60
C THR B 41 11.18 -6.13 4.05
N HIS B 42 11.39 -6.96 3.03
CA HIS B 42 12.64 -7.01 2.29
C HIS B 42 12.77 -5.78 1.38
N LEU B 43 12.19 -5.85 0.17
CA LEU B 43 12.13 -4.71 -0.75
C LEU B 43 10.71 -4.34 -1.21
N GLY B 44 9.69 -4.53 -0.40
CA GLY B 44 8.42 -3.84 -0.63
C GLY B 44 7.39 -4.50 -1.52
N CYS B 45 7.61 -5.73 -1.99
CA CYS B 45 6.60 -6.35 -2.84
C CYS B 45 5.36 -6.75 -2.01
N THR B 46 4.22 -6.83 -2.70
CA THR B 46 2.98 -7.28 -2.09
C THR B 46 3.02 -8.80 -2.05
N PRO B 47 2.99 -9.48 -0.83
CA PRO B 47 2.93 -10.95 -0.82
C PRO B 47 1.53 -11.49 -1.07
N ASN B 48 1.42 -12.82 -1.08
CA ASN B 48 0.27 -13.57 -1.53
C ASN B 48 -0.01 -14.65 -0.51
N TRP B 49 -1.23 -14.67 -0.02
CA TRP B 49 -1.69 -15.74 0.82
C TRP B 49 -1.92 -17.00 0.00
N LEU B 50 -1.40 -18.15 0.49
CA LEU B 50 -1.69 -19.49 -0.02
C LEU B 50 -2.10 -20.41 1.15
N ALA B 51 -3.39 -20.73 1.21
CA ALA B 51 -3.86 -21.53 2.32
C ALA B 51 -3.19 -22.90 2.35
N SER B 52 -3.23 -23.63 1.23
CA SER B 52 -2.45 -24.85 1.05
C SER B 52 -1.29 -24.94 2.03
N GLU B 53 -0.46 -23.93 2.06
CA GLU B 53 0.86 -23.99 2.62
C GLU B 53 0.99 -23.20 3.90
N GLY B 54 -0.10 -22.69 4.41
CA GLY B 54 -0.07 -21.87 5.60
C GLY B 54 0.88 -20.70 5.54
N LYS B 55 0.95 -19.97 4.43
CA LYS B 55 1.90 -18.87 4.39
C LYS B 55 1.60 -17.82 3.33
N PHE B 56 2.02 -16.60 3.63
CA PHE B 56 2.14 -15.55 2.63
C PHE B 56 3.47 -15.71 1.91
N LYS B 57 3.40 -15.83 0.58
CA LYS B 57 4.52 -16.02 -0.32
C LYS B 57 4.70 -14.76 -1.15
N CYS B 58 5.75 -13.99 -0.84
CA CYS B 58 6.24 -12.92 -1.72
C CYS B 58 6.78 -13.55 -3.00
N PRO B 59 6.25 -13.18 -4.18
CA PRO B 59 6.72 -13.81 -5.42
C PRO B 59 8.02 -13.24 -5.98
N CYS B 60 8.70 -12.37 -5.22
CA CYS B 60 9.75 -11.51 -5.76
C CYS B 60 11.13 -12.11 -5.57
N HIS B 61 11.51 -12.40 -4.34
CA HIS B 61 12.76 -13.09 -4.09
C HIS B 61 12.54 -14.22 -3.11
N GLY B 62 11.33 -14.79 -3.09
CA GLY B 62 11.03 -16.05 -2.42
C GLY B 62 10.59 -16.01 -0.97
N SER B 63 10.58 -14.85 -0.34
CA SER B 63 10.18 -14.76 1.05
C SER B 63 8.90 -15.54 1.40
N GLY B 64 9.02 -16.38 2.41
CA GLY B 64 7.88 -17.08 2.99
C GLY B 64 7.54 -16.54 4.36
N PHE B 65 6.23 -16.43 4.64
CA PHE B 65 5.65 -15.86 5.85
C PHE B 65 4.59 -16.78 6.44
N THR B 66 4.62 -17.02 7.76
CA THR B 66 3.54 -17.81 8.38
C THR B 66 2.32 -16.91 8.67
N PRO B 67 1.18 -17.48 9.08
CA PRO B 67 -0.06 -16.69 9.15
C PRO B 67 -0.01 -15.54 10.14
N ASP B 68 0.94 -15.53 11.05
CA ASP B 68 1.16 -14.38 11.93
C ASP B 68 2.05 -13.32 11.30
N GLY B 69 2.45 -13.48 10.04
CA GLY B 69 3.38 -12.59 9.38
C GLY B 69 4.85 -12.85 9.73
N ILE B 70 5.15 -13.89 10.52
CA ILE B 70 6.52 -14.22 10.84
C ILE B 70 7.29 -14.57 9.58
N ASN B 71 8.36 -13.83 9.34
CA ASN B 71 9.30 -14.19 8.31
C ASN B 71 10.03 -15.43 8.76
N ILE B 72 9.82 -16.50 8.01
CA ILE B 72 10.40 -17.78 8.34
C ILE B 72 11.46 -18.17 7.34
N GLU B 73 11.46 -17.54 6.17
CA GLU B 73 12.25 -18.01 5.06
C GLU B 73 12.29 -16.95 3.95
N GLY B 74 12.96 -17.32 2.84
CA GLY B 74 13.39 -16.39 1.83
C GLY B 74 14.36 -15.32 2.32
N PRO B 75 14.52 -14.26 1.52
CA PRO B 75 15.42 -13.14 1.84
C PRO B 75 14.89 -12.14 2.85
N ALA B 76 13.59 -12.09 3.10
CA ALA B 76 13.03 -11.01 3.90
C ALA B 76 13.54 -11.07 5.33
N PRO B 77 13.97 -9.94 5.89
CA PRO B 77 14.68 -9.94 7.18
C PRO B 77 13.81 -9.76 8.41
N ARG B 78 12.49 -9.69 8.29
CA ARG B 78 11.73 -9.29 9.45
C ARG B 78 10.26 -9.63 9.21
N PRO B 79 9.45 -9.61 10.25
CA PRO B 79 8.05 -10.01 10.07
C PRO B 79 7.20 -8.82 9.62
N LEU B 80 6.32 -9.09 8.63
CA LEU B 80 5.33 -8.13 8.15
C LEU B 80 4.70 -7.37 9.30
N GLU B 81 4.44 -6.10 9.08
CA GLU B 81 4.02 -5.21 10.15
C GLU B 81 2.52 -5.31 10.40
N ARG B 82 2.11 -4.81 11.57
CA ARG B 82 0.72 -4.78 11.99
C ARG B 82 0.26 -3.33 12.12
N PHE B 83 -1.03 -3.11 11.90
CA PHE B 83 -1.62 -1.80 12.00
C PHE B 83 -2.55 -1.69 13.21
N LYS B 84 -2.74 -0.45 13.68
CA LYS B 84 -3.65 -0.20 14.78
C LYS B 84 -5.10 -0.47 14.38
N VAL B 85 -5.82 -1.25 15.21
CA VAL B 85 -7.22 -1.57 14.99
C VAL B 85 -7.98 -1.33 16.29
N ALA B 86 -8.96 -0.42 16.24
CA ALA B 86 -9.79 -0.16 17.40
C ALA B 86 -11.24 -0.07 16.96
N LEU B 87 -12.11 -0.69 17.78
CA LEU B 87 -13.56 -0.57 17.62
C LEU B 87 -14.04 0.88 17.73
N GLY B 88 -14.70 1.37 16.66
CA GLY B 88 -15.42 2.64 16.70
C GLY B 88 -16.86 2.49 17.21
N ASP B 89 -17.43 3.59 17.67
CA ASP B 89 -18.61 3.55 18.53
C ASP B 89 -19.88 2.95 17.90
N ASP B 90 -19.82 2.64 16.60
CA ASP B 90 -20.89 1.96 15.90
C ASP B 90 -20.63 0.46 15.86
N GLY B 91 -19.56 0.01 16.50
CA GLY B 91 -19.18 -1.38 16.65
C GLY B 91 -18.13 -1.92 15.70
N GLN B 92 -17.66 -1.12 14.76
CA GLN B 92 -16.86 -1.67 13.66
C GLN B 92 -15.41 -1.33 13.84
N ILE B 93 -14.57 -2.06 13.11
CA ILE B 93 -13.14 -2.02 13.26
C ILE B 93 -12.60 -0.84 12.48
N ILE B 94 -11.82 -0.02 13.16
CA ILE B 94 -11.21 1.16 12.59
C ILE B 94 -9.70 0.94 12.57
N VAL B 95 -9.15 0.83 11.34
CA VAL B 95 -7.70 0.74 11.12
C VAL B 95 -7.14 2.15 11.00
N ASP B 96 -6.09 2.45 11.75
CA ASP B 96 -5.18 3.54 11.38
C ASP B 96 -3.87 2.96 10.83
N GLU B 97 -3.65 3.12 9.54
CA GLU B 97 -2.38 2.72 8.95
C GLU B 97 -1.24 3.68 9.30
N SER B 98 -1.29 4.33 10.48
CA SER B 98 -0.37 5.42 10.77
C SER B 98 0.14 5.33 12.21
N THR B 99 -0.20 4.29 12.90
CA THR B 99 0.54 3.87 14.09
C THR B 99 0.64 2.37 13.97
N ARG B 100 1.88 1.88 13.96
CA ARG B 100 2.20 0.58 13.38
C ARG B 100 3.00 -0.18 14.42
N TYR B 101 2.92 -1.52 14.39
CA TYR B 101 3.43 -2.36 15.47
C TYR B 101 4.41 -3.38 14.92
N ARG B 102 5.58 -3.42 15.54
CA ARG B 102 6.68 -4.27 15.14
C ARG B 102 6.82 -5.44 16.11
N GLY B 103 6.96 -6.64 15.55
CA GLY B 103 7.23 -7.78 16.39
C GLY B 103 8.60 -7.72 17.02
N GLU B 104 9.63 -7.31 16.25
CA GLU B 104 10.99 -7.24 16.76
C GLU B 104 11.13 -6.29 17.93
N ARG B 105 10.26 -5.28 17.99
CA ARG B 105 10.46 -4.16 18.88
C ARG B 105 9.53 -4.15 20.08
N GLY B 106 8.85 -5.26 20.35
CA GLY B 106 7.91 -5.27 21.46
C GLY B 106 6.76 -4.32 21.31
N GLU B 107 5.98 -4.45 20.25
CA GLU B 107 4.81 -3.61 20.08
C GLU B 107 3.53 -4.40 19.86
N TRP B 108 3.63 -5.68 19.48
CA TRP B 108 2.45 -6.47 19.15
C TRP B 108 1.58 -6.75 20.37
N ASP B 109 1.96 -6.30 21.57
CA ASP B 109 1.07 -6.55 22.70
C ASP B 109 0.59 -5.27 23.40
N LYS B 110 0.88 -4.08 22.83
CA LYS B 110 0.35 -2.83 23.36
C LYS B 110 -1.10 -2.64 22.87
N PRO B 111 -1.78 -1.60 23.35
CA PRO B 111 -3.11 -1.28 22.81
C PRO B 111 -3.01 -0.68 21.41
N GLY B 112 -4.03 -0.98 20.59
CA GLY B 112 -4.02 -0.66 19.18
C GLY B 112 -3.58 -1.81 18.32
N ALA B 113 -2.67 -2.65 18.82
CA ALA B 113 -2.08 -3.72 18.04
C ALA B 113 -2.98 -4.93 17.90
N PHE B 114 -3.92 -5.12 18.80
CA PHE B 114 -4.82 -6.27 18.72
C PHE B 114 -6.17 -5.88 19.30
N LEU B 115 -7.14 -6.72 19.01
CA LEU B 115 -8.50 -6.63 19.55
C LEU B 115 -8.81 -7.96 20.20
N LYS B 116 -8.87 -7.99 21.53
CA LYS B 116 -9.17 -9.26 22.20
C LYS B 116 -10.53 -9.72 21.74
N VAL B 117 -10.75 -11.02 21.73
CA VAL B 117 -12.15 -11.56 21.91
C VAL B 117 -12.20 -12.97 22.55
FE1 FES C . -13.63 7.25 -0.19
FE2 FES C . -11.68 6.84 -2.17
S1 FES C . -11.72 6.00 -0.12
S2 FES C . -13.64 8.04 -2.26
FE1 FES D . 12.05 -9.50 -2.03
FE2 FES D . 9.68 -9.80 -0.57
S1 FES D . 10.50 -7.93 -1.49
S2 FES D . 11.41 -11.30 -0.92
#